data_8YH1
#
_entry.id   8YH1
#
_cell.length_a   150.217
_cell.length_b   232.197
_cell.length_c   284.841
_cell.angle_alpha   90.000
_cell.angle_beta   90.000
_cell.angle_gamma   90.000
#
_symmetry.space_group_name_H-M   'I 2 2 2'
#
loop_
_entity.id
_entity.type
_entity.pdbx_description
1 polymer 'Uridylate kinase'
2 non-polymer "ADENOSINE-5'-DIPHOSPHATE"
3 non-polymer "URIDINE-5'-DIPHOSPHATE"
4 non-polymer 'SULFATE ION'
5 non-polymer 'MAGNESIUM ION'
6 non-polymer "URIDINE-5'-MONOPHOSPHATE"
7 water water
#
_entity_poly.entity_id   1
_entity_poly.type   'polypeptide(L)'
_entity_poly.pdbx_seq_one_letter_code
;MKYKRVLLKLSGEFLTRNGFGIEPEATQALAREIKAAYDTGVQLAIVIGAGNLWRGARQGVGMDRATADYIGMLATIMNA
LALQDALESLGVPTRVQTALTITQVAEPYIRRRALRHLEKERIVIFGGGTGNPFFSTDTAAALRALEVGAEVVLMAKNKV
DGVYSDDPRKNPEAVRFDELTYLEVLNRGLQVMDTTAITLCMEAGLPIVVFDIFKPGALVGIIQGEKVGTLIH
;
_entity_poly.pdbx_strand_id   A,B,C,D,E,F,G,H,I
#
loop_
_chem_comp.id
_chem_comp.type
_chem_comp.name
_chem_comp.formula
ADP non-polymer ADENOSINE-5'-DIPHOSPHATE 'C10 H15 N5 O10 P2'
MG non-polymer 'MAGNESIUM ION' 'Mg 2'
SO4 non-polymer 'SULFATE ION' 'O4 S -2'
U5P non-polymer URIDINE-5'-MONOPHOSPHATE 'C9 H13 N2 O9 P'
UDP RNA linking URIDINE-5'-DIPHOSPHATE 'C9 H14 N2 O12 P2'
#
# COMPACT_ATOMS: atom_id res chain seq x y z
N MET A 1 28.66 20.00 13.01
CA MET A 1 28.33 19.29 11.78
C MET A 1 29.56 18.69 11.14
N LYS A 2 29.49 17.43 10.72
CA LYS A 2 30.62 16.87 10.00
C LYS A 2 30.73 17.45 8.58
N TYR A 3 29.60 17.84 7.99
CA TYR A 3 29.52 18.20 6.58
C TYR A 3 28.82 19.54 6.46
N LYS A 4 29.35 20.39 5.57
CA LYS A 4 28.72 21.68 5.32
C LYS A 4 27.90 21.68 4.04
N ARG A 5 28.24 20.81 3.09
CA ARG A 5 27.55 20.70 1.81
C ARG A 5 27.58 19.25 1.36
N VAL A 6 26.42 18.70 0.99
CA VAL A 6 26.29 17.30 0.61
C VAL A 6 25.46 17.19 -0.65
N LEU A 7 25.67 16.08 -1.38
CA LEU A 7 24.80 15.69 -2.47
C LEU A 7 24.00 14.46 -2.03
N LEU A 8 22.69 14.60 -2.00
CA LEU A 8 21.77 13.54 -1.61
C LEU A 8 21.18 12.93 -2.88
N LYS A 9 21.47 11.65 -3.13
CA LYS A 9 20.92 10.96 -4.27
C LYS A 9 19.69 10.17 -3.85
N LEU A 10 18.58 10.36 -4.56
CA LEU A 10 17.30 9.77 -4.19
C LEU A 10 16.77 8.88 -5.31
N SER A 11 16.18 7.76 -4.91
CA SER A 11 15.51 6.89 -5.86
C SER A 11 14.17 7.49 -6.26
N GLY A 12 13.83 7.40 -7.55
CA GLY A 12 12.49 7.76 -7.95
C GLY A 12 11.41 6.94 -7.27
N GLU A 13 11.73 5.73 -6.81
CA GLU A 13 10.76 4.89 -6.12
C GLU A 13 10.22 5.55 -4.86
N PHE A 14 10.98 6.47 -4.27
CA PHE A 14 10.57 7.16 -3.06
C PHE A 14 9.33 8.03 -3.28
N LEU A 15 8.93 8.28 -4.52
CA LEU A 15 7.76 9.12 -4.72
C LEU A 15 6.46 8.31 -4.80
N THR A 16 6.51 7.01 -4.57
CA THR A 16 5.30 6.20 -4.58
C THR A 16 5.35 5.17 -3.45
N ARG A 17 4.18 4.72 -3.02
CA ARG A 17 4.07 3.59 -2.11
C ARG A 17 3.81 2.27 -2.83
N ASN A 18 3.39 2.35 -4.10
CA ASN A 18 2.84 1.24 -4.84
C ASN A 18 3.66 0.88 -6.07
N GLY A 19 4.98 0.97 -5.96
CA GLY A 19 5.78 0.69 -7.17
C GLY A 19 5.86 1.67 -8.33
N PHE A 20 4.71 2.15 -8.83
CA PHE A 20 4.62 2.99 -10.01
C PHE A 20 3.99 4.35 -9.70
N GLY A 21 4.30 5.36 -10.53
CA GLY A 21 3.64 6.65 -10.49
C GLY A 21 4.25 7.65 -9.53
N ILE A 22 3.61 8.81 -9.46
CA ILE A 22 3.93 9.86 -8.50
C ILE A 22 2.75 10.02 -7.56
N GLU A 23 2.99 9.84 -6.25
CA GLU A 23 1.88 9.91 -5.31
C GLU A 23 2.11 11.01 -4.29
N PRO A 24 1.06 11.77 -3.96
CA PRO A 24 1.24 12.91 -3.06
C PRO A 24 1.73 12.53 -1.67
N GLU A 25 1.19 11.48 -1.08
CA GLU A 25 1.58 11.21 0.30
C GLU A 25 3.05 10.78 0.39
N ALA A 26 3.48 9.89 -0.51
CA ALA A 26 4.89 9.50 -0.54
C ALA A 26 5.80 10.68 -0.82
N THR A 27 5.43 11.55 -1.77
CA THR A 27 6.28 12.71 -2.05
C THR A 27 6.40 13.61 -0.82
N GLN A 28 5.31 13.77 -0.06
CA GLN A 28 5.37 14.56 1.16
C GLN A 28 6.30 13.93 2.19
N ALA A 29 6.17 12.63 2.40
CA ALA A 29 7.07 11.93 3.32
C ALA A 29 8.52 12.17 2.93
N LEU A 30 8.83 11.98 1.64
CA LEU A 30 10.20 12.22 1.18
C LEU A 30 10.62 13.67 1.43
N ALA A 31 9.71 14.63 1.18
CA ALA A 31 10.02 16.03 1.45
C ALA A 31 10.33 16.25 2.93
N ARG A 32 9.59 15.59 3.81
CA ARG A 32 9.79 15.75 5.25
C ARG A 32 11.16 15.22 5.67
N GLU A 33 11.62 14.11 5.07
CA GLU A 33 12.98 13.66 5.35
C GLU A 33 14.00 14.69 4.90
N ILE A 34 13.81 15.24 3.69
CA ILE A 34 14.75 16.23 3.18
C ILE A 34 14.74 17.47 4.07
N LYS A 35 13.56 17.90 4.52
CA LYS A 35 13.50 19.07 5.39
C LYS A 35 14.23 18.82 6.70
N ALA A 36 14.11 17.61 7.26
CA ALA A 36 14.89 17.30 8.46
C ALA A 36 16.37 17.58 8.24
N ALA A 37 16.92 17.19 7.07
CA ALA A 37 18.31 17.48 6.75
C ALA A 37 18.53 18.98 6.54
N TYR A 38 17.63 19.62 5.79
CA TYR A 38 17.74 21.05 5.57
C TYR A 38 17.81 21.80 6.90
N ASP A 39 16.99 21.41 7.87
CA ASP A 39 16.95 22.14 9.13
C ASP A 39 18.25 22.03 9.92
N THR A 40 19.11 21.04 9.65
CA THR A 40 20.42 21.06 10.30
C THR A 40 21.25 22.27 9.90
N GLY A 41 20.94 22.90 8.75
CA GLY A 41 21.76 23.97 8.22
C GLY A 41 22.75 23.54 7.15
N VAL A 42 22.78 22.25 6.80
CA VAL A 42 23.66 21.82 5.72
C VAL A 42 23.15 22.36 4.40
N GLN A 43 24.09 22.61 3.49
CA GLN A 43 23.75 22.95 2.14
C GLN A 43 23.47 21.68 1.35
N LEU A 44 22.36 21.67 0.63
CA LEU A 44 21.75 20.44 0.14
C LEU A 44 21.51 20.51 -1.36
N ALA A 45 22.23 19.69 -2.13
CA ALA A 45 21.90 19.45 -3.53
C ALA A 45 21.39 18.02 -3.68
N ILE A 46 20.45 17.82 -4.60
CA ILE A 46 19.79 16.53 -4.75
C ILE A 46 19.85 16.07 -6.21
N VAL A 47 20.06 14.77 -6.42
CA VAL A 47 19.82 14.12 -7.70
C VAL A 47 18.71 13.07 -7.50
N ILE A 48 17.72 13.07 -8.37
CA ILE A 48 16.52 12.24 -8.24
C ILE A 48 16.43 11.30 -9.44
N GLY A 49 16.12 10.02 -9.17
CA GLY A 49 15.97 9.02 -10.21
C GLY A 49 14.55 8.96 -10.74
N ALA A 50 14.24 7.87 -11.44
CA ALA A 50 12.93 7.73 -12.08
C ALA A 50 12.38 6.30 -12.10
N GLY A 51 12.87 5.41 -11.23
CA GLY A 51 12.39 4.04 -11.23
C GLY A 51 10.90 3.88 -11.00
N ASN A 52 10.23 4.91 -10.46
CA ASN A 52 8.80 4.87 -10.26
C ASN A 52 8.02 5.02 -11.56
N LEU A 53 8.67 5.48 -12.62
CA LEU A 53 7.99 5.84 -13.86
C LEU A 53 8.47 5.08 -15.07
N TRP A 54 9.71 4.59 -15.06
CA TRP A 54 10.30 4.11 -16.31
C TRP A 54 11.46 3.21 -15.96
N ARG A 55 11.41 1.94 -16.43
CA ARG A 55 12.46 0.96 -16.20
C ARG A 55 13.47 0.86 -17.35
N GLY A 56 13.03 0.73 -18.58
CA GLY A 56 13.91 0.80 -19.72
C GLY A 56 13.34 0.12 -20.95
N ALA A 57 14.24 -0.17 -21.88
CA ALA A 57 13.90 -0.66 -23.21
C ALA A 57 13.14 -1.97 -23.20
N ARG A 58 13.06 -2.64 -22.05
CA ARG A 58 12.12 -3.75 -21.92
C ARG A 58 10.69 -3.26 -22.14
N GLN A 59 10.40 -2.00 -21.83
CA GLN A 59 9.05 -1.47 -22.02
C GLN A 59 8.78 -1.00 -23.44
N GLY A 60 9.82 -0.84 -24.27
CA GLY A 60 9.65 -0.43 -25.64
C GLY A 60 9.56 -1.62 -26.61
N VAL A 61 9.25 -1.31 -27.87
CA VAL A 61 9.31 -2.29 -28.93
C VAL A 61 10.34 -1.79 -29.94
N GLY A 62 11.40 -2.58 -30.15
CA GLY A 62 12.52 -2.20 -31.00
C GLY A 62 13.27 -1.00 -30.48
N MET A 63 13.49 -0.92 -29.15
CA MET A 63 13.94 0.31 -28.50
C MET A 63 15.42 0.26 -28.16
N ASP A 64 16.19 1.20 -28.73
CA ASP A 64 17.60 1.41 -28.34
C ASP A 64 17.70 1.73 -26.86
N ARG A 65 18.87 1.42 -26.30
CA ARG A 65 19.15 1.83 -24.93
C ARG A 65 19.23 3.35 -24.82
N ALA A 66 19.84 4.01 -25.81
CA ALA A 66 19.92 5.47 -25.76
C ALA A 66 18.54 6.11 -25.69
N THR A 67 17.61 5.66 -26.53
CA THR A 67 16.26 6.20 -26.51
C THR A 67 15.59 5.93 -25.17
N ALA A 68 15.69 4.70 -24.69
CA ALA A 68 15.15 4.37 -23.39
C ALA A 68 15.75 5.25 -22.30
N ASP A 69 17.03 5.60 -22.43
CA ASP A 69 17.66 6.43 -21.41
C ASP A 69 17.13 7.87 -21.45
N TYR A 70 16.95 8.42 -22.66
CA TYR A 70 16.35 9.74 -22.81
C TYR A 70 14.95 9.79 -22.21
N ILE A 71 14.15 8.75 -22.43
CA ILE A 71 12.83 8.68 -21.82
C ILE A 71 12.96 8.73 -20.31
N GLY A 72 13.93 8.00 -19.77
CA GLY A 72 14.14 7.98 -18.33
C GLY A 72 14.59 9.32 -17.79
N MET A 73 15.38 10.06 -18.57
CA MET A 73 15.82 11.37 -18.12
C MET A 73 14.65 12.35 -18.06
N LEU A 74 13.74 12.29 -19.05
CA LEU A 74 12.51 13.08 -18.97
C LEU A 74 11.71 12.72 -17.73
N ALA A 75 11.66 11.42 -17.39
CA ALA A 75 10.95 11.01 -16.17
C ALA A 75 11.59 11.60 -14.91
N THR A 76 12.93 11.64 -14.82
CA THR A 76 13.55 12.25 -13.65
C THR A 76 13.16 13.71 -13.52
N ILE A 77 12.94 14.40 -14.65
CA ILE A 77 12.53 15.79 -14.56
C ILE A 77 11.09 15.89 -14.04
N MET A 78 10.22 14.99 -14.47
CA MET A 78 8.88 14.93 -13.87
C MET A 78 8.96 14.82 -12.36
N ASN A 79 9.78 13.88 -11.85
CA ASN A 79 9.94 13.71 -10.41
C ASN A 79 10.53 14.97 -9.75
N ALA A 80 11.57 15.56 -10.36
CA ALA A 80 12.17 16.78 -9.85
C ALA A 80 11.12 17.86 -9.62
N LEU A 81 10.24 18.06 -10.61
CA LEU A 81 9.21 19.08 -10.46
C LEU A 81 8.24 18.74 -9.34
N ALA A 82 7.84 17.46 -9.24
CA ALA A 82 6.95 17.06 -8.16
C ALA A 82 7.61 17.26 -6.81
N LEU A 83 8.89 16.91 -6.69
CA LEU A 83 9.58 17.04 -5.42
C LEU A 83 9.75 18.50 -5.03
N GLN A 84 10.06 19.36 -6.00
CA GLN A 84 10.15 20.79 -5.71
C GLN A 84 8.84 21.32 -5.12
N ASP A 85 7.70 20.96 -5.71
CA ASP A 85 6.44 21.45 -5.18
C ASP A 85 6.19 20.96 -3.76
N ALA A 86 6.53 19.71 -3.47
CA ALA A 86 6.34 19.20 -2.12
C ALA A 86 7.22 19.96 -1.13
N LEU A 87 8.48 20.20 -1.50
CA LEU A 87 9.36 20.95 -0.61
C LEU A 87 8.89 22.40 -0.44
N GLU A 88 8.38 23.00 -1.51
CA GLU A 88 7.84 24.35 -1.40
C GLU A 88 6.63 24.38 -0.47
N SER A 89 5.84 23.31 -0.43
CA SER A 89 4.75 23.18 0.52
C SER A 89 5.19 23.29 1.97
N LEU A 90 6.43 22.92 2.28
CA LEU A 90 6.95 23.05 3.64
C LEU A 90 7.64 24.38 3.85
N GLY A 91 7.63 25.25 2.83
CA GLY A 91 8.37 26.49 2.90
C GLY A 91 9.87 26.34 2.80
N VAL A 92 10.38 25.23 2.29
CA VAL A 92 11.82 25.06 2.04
C VAL A 92 12.14 25.65 0.68
N PRO A 93 12.98 26.68 0.59
CA PRO A 93 13.31 27.26 -0.73
C PRO A 93 14.07 26.27 -1.61
N THR A 94 13.55 26.07 -2.82
CA THR A 94 13.99 25.01 -3.70
C THR A 94 14.09 25.50 -5.14
N ARG A 95 15.16 25.10 -5.83
CA ARG A 95 15.32 25.32 -7.26
C ARG A 95 15.56 23.99 -7.98
N VAL A 96 15.17 23.93 -9.24
CA VAL A 96 15.37 22.76 -10.08
C VAL A 96 16.24 23.16 -11.26
N GLN A 97 17.28 22.38 -11.52
CA GLN A 97 18.06 22.56 -12.75
C GLN A 97 18.06 21.24 -13.49
N THR A 98 17.85 21.28 -14.81
CA THR A 98 17.75 20.07 -15.62
C THR A 98 18.93 19.99 -16.59
N ALA A 99 19.43 18.77 -16.81
CA ALA A 99 20.56 18.54 -17.72
C ALA A 99 20.14 18.61 -19.18
N LEU A 100 18.85 18.44 -19.46
CA LEU A 100 18.26 18.77 -20.76
C LEU A 100 17.59 20.14 -20.63
N THR A 101 17.90 21.04 -21.54
CA THR A 101 17.41 22.41 -21.45
C THR A 101 15.95 22.44 -21.88
N ILE A 102 15.06 22.75 -20.94
CA ILE A 102 13.65 22.92 -21.21
C ILE A 102 13.19 24.21 -20.54
N THR A 103 13.41 25.32 -21.25
CA THR A 103 13.33 26.67 -20.70
C THR A 103 12.02 26.96 -19.97
N GLN A 104 10.88 26.65 -20.59
CA GLN A 104 9.59 26.98 -19.98
C GLN A 104 9.38 26.26 -18.66
N VAL A 105 10.09 25.18 -18.41
CA VAL A 105 9.78 24.25 -17.32
C VAL A 105 10.69 24.47 -16.13
N ALA A 106 11.99 24.69 -16.36
CA ALA A 106 12.93 24.77 -15.25
C ALA A 106 14.21 25.40 -15.79
N GLU A 107 15.01 25.91 -14.86
CA GLU A 107 16.33 26.40 -15.23
C GLU A 107 17.15 25.30 -15.88
N PRO A 108 17.98 25.62 -16.86
CA PRO A 108 18.99 24.66 -17.31
C PRO A 108 20.06 24.52 -16.24
N TYR A 109 20.80 23.42 -16.30
CA TYR A 109 21.95 23.24 -15.42
C TYR A 109 23.01 24.29 -15.78
N ILE A 110 23.38 25.11 -14.80
CA ILE A 110 24.41 26.13 -14.95
C ILE A 110 25.18 26.17 -13.64
N ARG A 111 26.46 25.82 -13.70
CA ARG A 111 27.23 25.64 -12.47
C ARG A 111 27.20 26.87 -11.58
N ARG A 112 27.55 28.04 -12.13
CA ARG A 112 27.62 29.23 -11.29
C ARG A 112 26.27 29.57 -10.67
N ARG A 113 25.18 29.25 -11.36
CA ARG A 113 23.85 29.48 -10.79
C ARG A 113 23.54 28.49 -9.66
N ALA A 114 23.90 27.21 -9.85
CA ALA A 114 23.70 26.23 -8.80
C ALA A 114 24.45 26.62 -7.54
N LEU A 115 25.69 27.08 -7.67
CA LEU A 115 26.49 27.50 -6.52
C LEU A 115 25.83 28.67 -5.79
N ARG A 116 25.39 29.70 -6.53
CA ARG A 116 24.73 30.83 -5.88
C ARG A 116 23.46 30.39 -5.15
N HIS A 117 22.71 29.44 -5.74
CA HIS A 117 21.53 28.93 -5.06
C HIS A 117 21.90 28.28 -3.73
N LEU A 118 22.93 27.43 -3.73
CA LEU A 118 23.33 26.78 -2.49
C LEU A 118 23.83 27.81 -1.48
N GLU A 119 24.58 28.82 -1.93
CA GLU A 119 25.08 29.83 -1.02
C GLU A 119 23.96 30.64 -0.40
N LYS A 120 22.87 30.82 -1.14
CA LYS A 120 21.69 31.50 -0.62
C LYS A 120 20.77 30.56 0.16
N GLU A 121 21.26 29.39 0.58
CA GLU A 121 20.55 28.46 1.45
C GLU A 121 19.30 27.86 0.78
N ARG A 122 19.36 27.65 -0.52
CA ARG A 122 18.32 26.96 -1.26
C ARG A 122 18.74 25.52 -1.56
N ILE A 123 17.77 24.62 -1.55
CA ILE A 123 17.98 23.29 -2.10
C ILE A 123 17.95 23.38 -3.62
N VAL A 124 18.92 22.74 -4.26
CA VAL A 124 18.95 22.59 -5.71
C VAL A 124 18.67 21.12 -6.03
N ILE A 125 17.59 20.87 -6.75
CA ILE A 125 17.26 19.54 -7.27
C ILE A 125 17.71 19.45 -8.73
N PHE A 126 18.57 18.45 -9.02
CA PHE A 126 19.06 18.22 -10.37
C PHE A 126 18.22 17.15 -11.05
N GLY A 127 17.50 17.53 -12.11
CA GLY A 127 16.77 16.55 -12.91
C GLY A 127 17.46 16.27 -14.22
N GLY A 128 17.15 15.15 -14.86
CA GLY A 128 17.73 14.81 -16.14
C GLY A 128 19.01 14.03 -16.08
N GLY A 129 19.44 13.58 -14.90
CA GLY A 129 20.71 12.92 -14.82
C GLY A 129 21.82 13.84 -15.29
N THR A 130 22.76 13.27 -16.05
CA THR A 130 23.87 14.01 -16.66
C THR A 130 23.53 14.56 -18.03
N GLY A 131 22.37 14.18 -18.60
CA GLY A 131 22.05 14.54 -19.96
C GLY A 131 22.56 13.57 -21.01
N ASN A 132 23.37 12.59 -20.62
CA ASN A 132 23.94 11.57 -21.48
C ASN A 132 23.31 10.23 -21.21
N PRO A 133 22.89 9.49 -22.25
CA PRO A 133 22.57 8.08 -22.06
C PRO A 133 23.78 7.33 -21.55
N PHE A 134 23.51 6.11 -21.07
CA PHE A 134 24.47 5.11 -20.63
C PHE A 134 24.97 5.40 -19.21
N PHE A 135 24.32 6.32 -18.51
CA PHE A 135 24.50 6.49 -17.08
C PHE A 135 23.19 6.22 -16.36
N SER A 136 23.29 6.03 -15.05
CA SER A 136 22.14 6.05 -14.15
C SER A 136 22.21 7.37 -13.39
N THR A 137 21.21 7.64 -12.54
CA THR A 137 21.41 8.86 -11.79
C THR A 137 22.48 8.70 -10.73
N ASP A 138 22.95 7.47 -10.47
CA ASP A 138 24.10 7.29 -9.59
C ASP A 138 25.29 8.10 -10.07
N THR A 139 25.58 8.01 -11.36
CA THR A 139 26.68 8.74 -11.95
C THR A 139 26.41 10.23 -11.96
N ALA A 140 25.15 10.62 -12.19
CA ALA A 140 24.79 12.04 -12.10
C ALA A 140 25.01 12.58 -10.70
N ALA A 141 24.78 11.73 -9.70
CA ALA A 141 25.01 12.12 -8.31
C ALA A 141 26.49 12.40 -8.08
N ALA A 142 27.36 11.53 -8.59
CA ALA A 142 28.79 11.74 -8.41
C ALA A 142 29.24 12.99 -9.16
N LEU A 143 28.77 13.14 -10.40
CA LEU A 143 29.16 14.30 -11.21
C LEU A 143 28.67 15.59 -10.58
N ARG A 144 27.41 15.64 -10.16
CA ARG A 144 26.89 16.89 -9.59
C ARG A 144 27.52 17.20 -8.24
N ALA A 145 27.88 16.17 -7.46
CA ALA A 145 28.61 16.38 -6.22
C ALA A 145 29.94 17.08 -6.48
N LEU A 146 30.69 16.60 -7.47
CA LEU A 146 31.95 17.23 -7.83
C LEU A 146 31.72 18.65 -8.33
N GLU A 147 30.65 18.88 -9.09
CA GLU A 147 30.46 20.19 -9.69
C GLU A 147 30.07 21.25 -8.66
N VAL A 148 29.35 20.88 -7.60
CA VAL A 148 28.98 21.86 -6.59
C VAL A 148 29.92 21.85 -5.39
N GLY A 149 30.97 21.02 -5.41
CA GLY A 149 31.88 20.91 -4.28
C GLY A 149 31.29 20.28 -3.03
N ALA A 150 30.31 19.38 -3.18
CA ALA A 150 29.85 18.59 -2.06
C ALA A 150 31.00 17.78 -1.45
N GLU A 151 30.92 17.56 -0.14
CA GLU A 151 31.96 16.83 0.56
C GLU A 151 31.72 15.32 0.60
N VAL A 152 30.51 14.88 0.25
CA VAL A 152 30.15 13.47 0.30
C VAL A 152 28.93 13.29 -0.58
N VAL A 153 28.83 12.12 -1.22
CA VAL A 153 27.59 11.68 -1.88
C VAL A 153 26.83 10.78 -0.92
N LEU A 154 25.61 11.17 -0.55
CA LEU A 154 24.72 10.35 0.29
C LEU A 154 23.78 9.58 -0.63
N MET A 155 24.04 8.28 -0.81
CA MET A 155 23.20 7.44 -1.66
C MET A 155 22.08 6.83 -0.84
N ALA A 156 20.90 7.42 -0.93
CA ALA A 156 19.67 6.90 -0.34
C ALA A 156 19.18 5.80 -1.27
N LYS A 157 19.59 4.58 -1.00
CA LYS A 157 19.30 3.46 -1.89
C LYS A 157 17.98 2.82 -1.48
N ASN A 158 17.19 2.46 -2.48
CA ASN A 158 15.88 1.87 -2.26
C ASN A 158 16.02 0.49 -1.62
N LYS A 159 15.44 0.32 -0.42
CA LYS A 159 15.19 -0.96 0.24
C LYS A 159 16.43 -1.63 0.84
N VAL A 160 17.55 -0.91 0.99
CA VAL A 160 18.71 -1.40 1.71
C VAL A 160 19.24 -0.29 2.59
N ASP A 161 20.00 -0.68 3.61
CA ASP A 161 20.55 0.26 4.55
C ASP A 161 22.07 0.36 4.48
N GLY A 162 22.68 -0.17 3.41
CA GLY A 162 24.12 -0.17 3.27
C GLY A 162 24.53 -0.99 2.08
N VAL A 163 25.82 -1.26 1.97
CA VAL A 163 26.34 -2.13 0.92
C VAL A 163 26.54 -3.51 1.52
N TYR A 164 26.18 -4.55 0.79
CA TYR A 164 26.21 -5.91 1.28
C TYR A 164 27.12 -6.76 0.40
N SER A 165 27.63 -7.86 0.97
CA SER A 165 28.49 -8.77 0.21
C SER A 165 27.81 -9.32 -1.04
N ASP A 166 26.49 -9.21 -1.10
CA ASP A 166 25.70 -9.68 -2.23
C ASP A 166 24.43 -8.86 -2.22
N ASP A 167 23.63 -8.99 -3.30
CA ASP A 167 22.30 -8.35 -3.30
C ASP A 167 21.47 -8.93 -2.15
N PRO A 168 21.15 -8.15 -1.13
CA PRO A 168 20.49 -8.73 0.04
C PRO A 168 19.05 -9.14 -0.22
N ARG A 169 18.47 -8.74 -1.34
CA ARG A 169 17.14 -9.17 -1.74
C ARG A 169 17.18 -10.36 -2.70
N LYS A 170 18.36 -10.91 -2.96
CA LYS A 170 18.50 -12.16 -3.68
C LYS A 170 19.24 -13.21 -2.86
N ASN A 171 19.82 -12.83 -1.73
CA ASN A 171 20.64 -13.73 -0.90
C ASN A 171 20.50 -13.28 0.54
N PRO A 172 19.70 -13.99 1.35
CA PRO A 172 19.54 -13.59 2.75
C PRO A 172 20.80 -13.77 3.58
N GLU A 173 21.81 -14.46 3.08
CA GLU A 173 23.06 -14.63 3.81
C GLU A 173 24.00 -13.44 3.66
N ALA A 174 23.62 -12.44 2.87
CA ALA A 174 24.49 -11.31 2.61
C ALA A 174 24.80 -10.57 3.90
N VAL A 175 26.00 -10.03 3.99
CA VAL A 175 26.45 -9.30 5.17
C VAL A 175 26.71 -7.85 4.80
N ARG A 176 26.37 -6.95 5.70
CA ARG A 176 26.61 -5.53 5.49
C ARG A 176 28.05 -5.17 5.84
N PHE A 177 28.64 -4.27 5.06
CA PHE A 177 29.96 -3.70 5.31
C PHE A 177 29.82 -2.39 6.05
N ASP A 178 30.73 -2.15 6.98
CA ASP A 178 30.85 -0.81 7.55
C ASP A 178 31.57 0.12 6.59
N GLU A 179 32.63 -0.38 5.97
CA GLU A 179 33.51 0.42 5.13
C GLU A 179 33.97 -0.42 3.95
N LEU A 180 34.27 0.28 2.85
CA LEU A 180 34.77 -0.36 1.65
C LEU A 180 35.67 0.64 0.92
N THR A 181 36.65 0.10 0.21
CA THR A 181 37.37 0.89 -0.79
C THR A 181 36.60 0.83 -2.10
N TYR A 182 36.74 1.89 -2.90
CA TYR A 182 36.21 1.86 -4.27
C TYR A 182 36.59 0.57 -5.00
N LEU A 183 37.86 0.17 -4.92
CA LEU A 183 38.28 -1.02 -5.66
C LEU A 183 37.63 -2.28 -5.12
N GLU A 184 37.42 -2.35 -3.81
CA GLU A 184 36.73 -3.50 -3.24
C GLU A 184 35.35 -3.64 -3.84
N VAL A 185 34.64 -2.52 -4.02
CA VAL A 185 33.34 -2.55 -4.66
C VAL A 185 33.46 -3.12 -6.08
N LEU A 186 34.46 -2.68 -6.84
CA LEU A 186 34.58 -3.16 -8.21
C LEU A 186 35.01 -4.62 -8.23
N ASN A 187 36.01 -4.97 -7.43
CA ASN A 187 36.56 -6.33 -7.49
C ASN A 187 35.53 -7.36 -7.09
N ARG A 188 34.70 -7.05 -6.10
CA ARG A 188 33.68 -8.01 -5.68
C ARG A 188 32.46 -8.02 -6.59
N GLY A 189 32.44 -7.16 -7.62
CA GLY A 189 31.28 -7.07 -8.50
C GLY A 189 29.98 -6.71 -7.81
N LEU A 190 30.03 -5.86 -6.78
CA LEU A 190 28.80 -5.43 -6.13
C LEU A 190 27.97 -4.55 -7.06
N GLN A 191 26.66 -4.72 -7.01
CA GLN A 191 25.74 -4.06 -7.95
C GLN A 191 24.92 -2.98 -7.28
N VAL A 192 25.44 -2.37 -6.22
CA VAL A 192 24.64 -1.39 -5.51
C VAL A 192 24.57 -0.05 -6.27
N MET A 193 25.54 0.27 -7.13
CA MET A 193 25.48 1.52 -7.89
C MET A 193 26.39 1.44 -9.11
N ASP A 194 26.16 2.36 -10.08
CA ASP A 194 26.98 2.39 -11.30
C ASP A 194 28.45 2.30 -10.94
N THR A 195 29.15 1.36 -11.58
CA THR A 195 30.60 1.32 -11.40
C THR A 195 31.24 2.61 -11.91
N THR A 196 30.62 3.25 -12.89
CA THR A 196 31.08 4.57 -13.33
C THR A 196 30.96 5.62 -12.23
N ALA A 197 29.95 5.54 -11.37
CA ALA A 197 29.89 6.49 -10.28
C ALA A 197 30.99 6.19 -9.26
N ILE A 198 31.28 4.90 -9.06
CA ILE A 198 32.36 4.50 -8.17
C ILE A 198 33.68 5.12 -8.63
N THR A 199 34.02 4.93 -9.91
CA THR A 199 35.34 5.36 -10.36
C THR A 199 35.46 6.88 -10.39
N LEU A 200 34.36 7.57 -10.74
CA LEU A 200 34.35 9.02 -10.65
C LEU A 200 34.67 9.49 -9.23
N CYS A 201 34.08 8.86 -8.22
CA CYS A 201 34.39 9.26 -6.85
C CYS A 201 35.79 8.80 -6.47
N MET A 202 36.19 7.62 -6.93
CA MET A 202 37.55 7.14 -6.73
C MET A 202 38.56 8.18 -7.17
N GLU A 203 38.40 8.71 -8.39
CA GLU A 203 39.39 9.63 -8.95
C GLU A 203 39.48 10.92 -8.18
N ALA A 204 38.39 11.33 -7.53
CA ALA A 204 38.40 12.57 -6.79
C ALA A 204 38.64 12.38 -5.30
N GLY A 205 38.72 11.14 -4.83
CA GLY A 205 38.67 10.91 -3.40
C GLY A 205 37.39 11.40 -2.75
N LEU A 206 36.26 11.28 -3.44
CA LEU A 206 35.01 11.75 -2.88
C LEU A 206 34.33 10.59 -2.14
N PRO A 207 34.14 10.67 -0.83
CA PRO A 207 33.49 9.56 -0.09
C PRO A 207 32.02 9.40 -0.44
N ILE A 208 31.52 8.17 -0.32
CA ILE A 208 30.13 7.81 -0.57
C ILE A 208 29.58 7.11 0.68
N VAL A 209 28.39 7.52 1.13
CA VAL A 209 27.69 6.83 2.21
C VAL A 209 26.39 6.28 1.65
N VAL A 210 26.22 4.95 1.71
CA VAL A 210 25.01 4.26 1.29
C VAL A 210 24.16 3.97 2.52
N PHE A 211 22.90 4.40 2.52
CA PHE A 211 22.11 4.37 3.75
C PHE A 211 20.62 4.30 3.41
N ASP A 212 19.83 4.10 4.47
CA ASP A 212 18.37 4.00 4.39
C ASP A 212 17.77 5.32 4.88
N ILE A 213 17.23 6.12 3.95
CA ILE A 213 16.78 7.46 4.31
C ILE A 213 15.51 7.43 5.15
N PHE A 214 14.79 6.32 5.16
CA PHE A 214 13.57 6.25 5.96
C PHE A 214 13.78 5.66 7.34
N LYS A 215 15.01 5.39 7.73
CA LYS A 215 15.32 5.04 9.10
C LYS A 215 15.42 6.36 9.87
N PRO A 216 14.52 6.60 10.83
CA PRO A 216 14.51 7.91 11.51
C PRO A 216 15.88 8.24 12.08
N GLY A 217 16.30 9.49 11.88
CA GLY A 217 17.58 9.96 12.34
C GLY A 217 18.77 9.66 11.44
N ALA A 218 18.65 8.73 10.47
CA ALA A 218 19.82 8.30 9.71
C ALA A 218 20.45 9.46 8.93
N LEU A 219 19.66 10.19 8.16
CA LEU A 219 20.20 11.28 7.33
C LEU A 219 20.76 12.39 8.21
N VAL A 220 20.01 12.80 9.24
CA VAL A 220 20.55 13.83 10.13
C VAL A 220 21.79 13.32 10.84
N GLY A 221 21.83 12.02 11.16
CA GLY A 221 22.99 11.47 11.84
C GLY A 221 24.24 11.56 10.99
N ILE A 222 24.15 11.12 9.73
CA ILE A 222 25.28 11.26 8.82
C ILE A 222 25.78 12.70 8.81
N ILE A 223 24.85 13.66 8.66
CA ILE A 223 25.25 15.06 8.57
C ILE A 223 25.94 15.51 9.85
N GLN A 224 25.45 15.03 10.99
CA GLN A 224 26.00 15.45 12.28
C GLN A 224 27.23 14.66 12.72
N GLY A 225 27.64 13.64 11.97
CA GLY A 225 28.90 12.98 12.25
C GLY A 225 28.78 11.55 12.70
N GLU A 226 27.57 11.02 12.84
CA GLU A 226 27.43 9.66 13.32
C GLU A 226 27.80 8.64 12.24
N LYS A 227 28.12 7.43 12.68
CA LYS A 227 28.40 6.32 11.80
C LYS A 227 27.08 5.66 11.44
N VAL A 228 26.72 5.70 10.15
CA VAL A 228 25.44 5.26 9.65
C VAL A 228 25.68 4.65 8.27
N GLY A 229 25.12 3.47 8.02
CA GLY A 229 25.29 2.92 6.67
C GLY A 229 26.71 2.48 6.38
N THR A 230 27.03 2.42 5.09
CA THR A 230 28.32 1.93 4.62
C THR A 230 29.10 3.07 3.99
N LEU A 231 30.37 3.21 4.37
CA LEU A 231 31.24 4.24 3.85
C LEU A 231 32.12 3.62 2.75
N ILE A 232 32.08 4.21 1.56
CA ILE A 232 32.96 3.84 0.47
C ILE A 232 33.97 4.97 0.32
N HIS A 233 35.25 4.65 0.44
CA HIS A 233 36.29 5.67 0.46
C HIS A 233 37.66 5.11 0.11
N MET B 1 37.21 -7.16 -43.57
CA MET B 1 37.19 -6.12 -42.53
C MET B 1 36.68 -6.70 -41.22
N LYS B 2 37.49 -6.63 -40.16
CA LYS B 2 36.99 -7.08 -38.87
C LYS B 2 35.93 -6.14 -38.31
N TYR B 3 36.10 -4.83 -38.49
CA TYR B 3 35.22 -3.83 -37.90
C TYR B 3 34.53 -3.02 -38.98
N LYS B 4 33.23 -2.79 -38.82
CA LYS B 4 32.47 -1.98 -39.77
C LYS B 4 32.27 -0.55 -39.29
N ARG B 5 32.31 -0.33 -37.99
CA ARG B 5 32.16 1.01 -37.42
C ARG B 5 32.98 1.10 -36.15
N VAL B 6 33.83 2.14 -36.06
CA VAL B 6 34.75 2.31 -34.95
C VAL B 6 34.68 3.74 -34.46
N LEU B 7 35.11 3.91 -33.21
CA LEU B 7 35.33 5.24 -32.66
C LEU B 7 36.83 5.41 -32.41
N LEU B 8 37.40 6.44 -33.04
CA LEU B 8 38.83 6.72 -32.96
C LEU B 8 39.04 7.89 -32.00
N LYS B 9 39.72 7.62 -30.88
CA LYS B 9 40.06 8.67 -29.93
C LYS B 9 41.46 9.20 -30.20
N LEU B 10 41.57 10.52 -30.37
CA LEU B 10 42.82 11.18 -30.75
C LEU B 10 43.17 12.25 -29.74
N SER B 11 44.46 12.37 -29.46
CA SER B 11 44.92 13.45 -28.59
C SER B 11 45.01 14.76 -29.34
N GLY B 12 44.71 15.86 -28.65
CA GLY B 12 45.00 17.17 -29.19
C GLY B 12 46.46 17.36 -29.60
N GLU B 13 47.38 16.59 -28.99
CA GLU B 13 48.79 16.73 -29.28
C GLU B 13 49.11 16.37 -30.72
N PHE B 14 48.28 15.56 -31.36
CA PHE B 14 48.56 15.16 -32.74
C PHE B 14 48.41 16.33 -33.70
N LEU B 15 47.89 17.45 -33.26
CA LEU B 15 47.78 18.59 -34.14
C LEU B 15 49.00 19.52 -34.04
N THR B 16 50.05 19.10 -33.35
CA THR B 16 51.24 19.91 -33.28
C THR B 16 52.46 18.99 -33.21
N ARG B 17 53.57 19.45 -33.75
CA ARG B 17 54.85 18.80 -33.56
C ARG B 17 55.68 19.41 -32.45
N ASN B 18 55.29 20.60 -31.99
CA ASN B 18 56.00 21.39 -31.00
C ASN B 18 55.28 21.43 -29.65
N GLY B 19 54.73 20.30 -29.21
CA GLY B 19 54.02 20.28 -27.94
C GLY B 19 52.74 21.12 -27.86
N PHE B 20 52.83 22.41 -28.18
CA PHE B 20 51.68 23.29 -28.18
C PHE B 20 51.21 23.67 -29.60
N GLY B 21 49.90 23.89 -29.73
CA GLY B 21 49.27 24.71 -30.75
C GLY B 21 48.57 23.87 -31.81
N ILE B 22 48.02 24.57 -32.78
CA ILE B 22 47.51 23.93 -33.98
C ILE B 22 48.44 24.28 -35.14
N GLU B 23 49.08 23.26 -35.72
CA GLU B 23 50.02 23.48 -36.81
C GLU B 23 49.58 22.77 -38.08
N PRO B 24 49.73 23.43 -39.23
CA PRO B 24 49.17 22.86 -40.48
C PRO B 24 49.76 21.51 -40.88
N GLU B 25 51.08 21.34 -40.80
CA GLU B 25 51.66 20.11 -41.32
C GLU B 25 51.37 18.92 -40.42
N ALA B 26 51.36 19.10 -39.10
CA ALA B 26 50.94 18.02 -38.21
C ALA B 26 49.46 17.71 -38.42
N THR B 27 48.62 18.74 -38.54
CA THR B 27 47.20 18.47 -38.75
C THR B 27 46.99 17.73 -40.06
N GLN B 28 47.70 18.13 -41.11
CA GLN B 28 47.59 17.43 -42.38
C GLN B 28 48.09 15.99 -42.28
N ALA B 29 49.22 15.78 -41.60
CA ALA B 29 49.71 14.43 -41.42
C ALA B 29 48.68 13.58 -40.68
N LEU B 30 48.05 14.14 -39.65
CA LEU B 30 47.02 13.42 -38.92
C LEU B 30 45.83 13.09 -39.84
N ALA B 31 45.43 14.06 -40.67
CA ALA B 31 44.34 13.82 -41.62
C ALA B 31 44.68 12.74 -42.63
N ARG B 32 45.94 12.66 -43.08
CA ARG B 32 46.30 11.59 -44.01
C ARG B 32 46.19 10.22 -43.35
N GLU B 33 46.59 10.08 -42.09
CA GLU B 33 46.36 8.82 -41.38
C GLU B 33 44.87 8.51 -41.30
N ILE B 34 44.04 9.50 -40.97
CA ILE B 34 42.60 9.26 -40.87
C ILE B 34 42.04 8.87 -42.23
N LYS B 35 42.48 9.55 -43.29
CA LYS B 35 41.99 9.22 -44.62
C LYS B 35 42.35 7.78 -45.01
N ALA B 36 43.54 7.31 -44.62
CA ALA B 36 43.88 5.92 -44.90
C ALA B 36 42.86 4.96 -44.28
N ALA B 37 42.41 5.23 -43.05
CA ALA B 37 41.41 4.37 -42.42
C ALA B 37 40.04 4.55 -43.05
N TYR B 38 39.67 5.79 -43.36
CA TYR B 38 38.44 6.02 -44.09
C TYR B 38 38.42 5.25 -45.40
N ASP B 39 39.55 5.19 -46.10
CA ASP B 39 39.60 4.54 -47.41
C ASP B 39 39.38 3.02 -47.33
N THR B 40 39.46 2.42 -46.14
CA THR B 40 39.05 1.02 -45.98
C THR B 40 37.54 0.83 -46.08
N GLY B 41 36.75 1.89 -46.06
CA GLY B 41 35.31 1.77 -46.04
C GLY B 41 34.68 1.67 -44.67
N VAL B 42 35.49 1.61 -43.60
CA VAL B 42 34.93 1.58 -42.26
C VAL B 42 34.18 2.89 -41.99
N GLN B 43 33.12 2.80 -41.20
CA GLN B 43 32.44 4.00 -40.74
C GLN B 43 33.20 4.51 -39.53
N LEU B 44 33.47 5.82 -39.52
CA LEU B 44 34.50 6.38 -38.65
C LEU B 44 33.97 7.57 -37.88
N ALA B 45 33.92 7.45 -36.56
CA ALA B 45 33.61 8.57 -35.67
C ALA B 45 34.85 8.87 -34.86
N ILE B 46 35.09 10.16 -34.60
CA ILE B 46 36.30 10.60 -33.93
C ILE B 46 35.93 11.41 -32.70
N VAL B 47 36.71 11.25 -31.62
CA VAL B 47 36.72 12.15 -30.48
C VAL B 47 38.12 12.75 -30.34
N ILE B 48 38.20 14.07 -30.20
CA ILE B 48 39.47 14.79 -30.23
C ILE B 48 39.68 15.50 -28.89
N GLY B 49 40.92 15.44 -28.38
CA GLY B 49 41.28 16.07 -27.11
C GLY B 49 41.80 17.49 -27.26
N ALA B 50 42.40 18.00 -26.17
CA ALA B 50 42.78 19.41 -26.10
C ALA B 50 44.20 19.67 -25.58
N GLY B 51 45.01 18.64 -25.40
CA GLY B 51 46.26 18.83 -24.67
C GLY B 51 47.25 19.76 -25.34
N ASN B 52 47.18 19.89 -26.66
CA ASN B 52 47.99 20.84 -27.40
C ASN B 52 47.63 22.28 -27.10
N LEU B 53 46.52 22.51 -26.41
CA LEU B 53 46.06 23.88 -26.18
C LEU B 53 45.80 24.21 -24.73
N TRP B 54 45.58 23.23 -23.87
CA TRP B 54 45.14 23.52 -22.50
C TRP B 54 45.43 22.33 -21.61
N ARG B 55 46.18 22.57 -20.51
CA ARG B 55 46.55 21.52 -19.57
C ARG B 55 45.62 21.43 -18.35
N GLY B 56 45.17 22.56 -17.79
CA GLY B 56 44.19 22.55 -16.71
C GLY B 56 44.41 23.70 -15.73
N ALA B 57 43.82 23.53 -14.53
CA ALA B 57 43.65 24.60 -13.55
C ALA B 57 44.97 25.13 -13.00
N ARG B 58 46.09 24.44 -13.19
CA ARG B 58 47.34 25.08 -12.79
C ARG B 58 47.73 26.24 -13.69
N GLN B 59 47.13 26.37 -14.87
CA GLN B 59 47.32 27.54 -15.72
C GLN B 59 46.47 28.72 -15.30
N GLY B 60 45.50 28.51 -14.40
CA GLY B 60 44.65 29.57 -13.93
C GLY B 60 45.06 30.06 -12.54
N VAL B 61 44.48 31.18 -12.15
CA VAL B 61 44.70 31.72 -10.82
C VAL B 61 43.36 31.66 -10.10
N GLY B 62 43.32 30.92 -9.00
CA GLY B 62 42.09 30.67 -8.27
C GLY B 62 41.06 29.93 -9.10
N MET B 63 41.51 28.99 -9.93
CA MET B 63 40.66 28.39 -10.96
C MET B 63 40.25 27.00 -10.50
N ASP B 64 38.95 26.80 -10.32
CA ASP B 64 38.46 25.48 -9.97
C ASP B 64 38.60 24.53 -11.17
N ARG B 65 38.54 23.24 -10.87
CA ARG B 65 38.71 22.24 -11.92
C ARG B 65 37.57 22.28 -12.95
N ALA B 66 36.33 22.51 -12.49
CA ALA B 66 35.20 22.59 -13.43
C ALA B 66 35.44 23.65 -14.49
N THR B 67 35.87 24.85 -14.08
CA THR B 67 36.12 25.93 -15.03
C THR B 67 37.23 25.55 -15.99
N ALA B 68 38.30 24.97 -15.48
CA ALA B 68 39.38 24.51 -16.34
C ALA B 68 38.88 23.49 -17.35
N ASP B 69 37.92 22.65 -16.95
CA ASP B 69 37.43 21.61 -17.85
C ASP B 69 36.56 22.21 -18.95
N TYR B 70 35.76 23.22 -18.62
CA TYR B 70 35.02 23.92 -19.67
C TYR B 70 35.98 24.60 -20.65
N ILE B 71 37.11 25.12 -20.15
CA ILE B 71 38.06 25.74 -21.05
C ILE B 71 38.64 24.69 -21.99
N GLY B 72 38.93 23.49 -21.47
CA GLY B 72 39.43 22.44 -22.34
C GLY B 72 38.39 21.96 -23.34
N MET B 73 37.13 21.96 -22.95
CA MET B 73 36.08 21.59 -23.89
C MET B 73 36.04 22.57 -25.06
N LEU B 74 36.17 23.88 -24.79
CA LEU B 74 36.29 24.84 -25.88
C LEU B 74 37.48 24.52 -26.76
N ALA B 75 38.62 24.18 -26.15
CA ALA B 75 39.80 23.87 -26.95
C ALA B 75 39.56 22.65 -27.85
N THR B 76 38.87 21.61 -27.33
CA THR B 76 38.60 20.44 -28.18
C THR B 76 37.79 20.83 -29.41
N ILE B 77 36.90 21.82 -29.29
CA ILE B 77 36.13 22.25 -30.44
C ILE B 77 37.02 23.00 -31.44
N MET B 78 37.91 23.87 -30.94
CA MET B 78 38.92 24.48 -31.81
C MET B 78 39.66 23.43 -32.63
N ASN B 79 40.12 22.35 -31.98
CA ASN B 79 40.80 21.28 -32.70
C ASN B 79 39.88 20.59 -33.69
N ALA B 80 38.61 20.33 -33.29
CA ALA B 80 37.69 19.64 -34.20
C ALA B 80 37.51 20.43 -35.49
N LEU B 81 37.33 21.76 -35.37
CA LEU B 81 37.17 22.59 -36.56
C LEU B 81 38.41 22.52 -37.44
N ALA B 82 39.62 22.50 -36.84
CA ALA B 82 40.84 22.46 -37.63
C ALA B 82 41.00 21.10 -38.31
N LEU B 83 40.69 20.03 -37.60
CA LEU B 83 40.76 18.71 -38.19
C LEU B 83 39.75 18.55 -39.33
N GLN B 84 38.55 19.10 -39.16
CA GLN B 84 37.56 19.02 -40.23
C GLN B 84 38.07 19.70 -41.50
N ASP B 85 38.78 20.81 -41.36
CA ASP B 85 39.26 21.50 -42.55
C ASP B 85 40.37 20.72 -43.25
N ALA B 86 41.32 20.17 -42.49
CA ALA B 86 42.35 19.35 -43.11
C ALA B 86 41.72 18.17 -43.84
N LEU B 87 40.78 17.47 -43.20
CA LEU B 87 40.13 16.34 -43.84
C LEU B 87 39.36 16.79 -45.08
N GLU B 88 38.66 17.90 -45.00
CA GLU B 88 37.90 18.34 -46.17
C GLU B 88 38.85 18.69 -47.32
N SER B 89 40.00 19.28 -47.01
CA SER B 89 40.96 19.61 -48.05
C SER B 89 41.54 18.37 -48.73
N LEU B 90 41.44 17.20 -48.09
CA LEU B 90 41.75 15.93 -48.72
C LEU B 90 40.54 15.30 -49.40
N GLY B 91 39.41 16.01 -49.46
CA GLY B 91 38.20 15.47 -50.05
C GLY B 91 37.44 14.44 -49.23
N VAL B 92 37.68 14.34 -47.93
CA VAL B 92 36.95 13.39 -47.07
C VAL B 92 35.73 14.10 -46.50
N PRO B 93 34.52 13.59 -46.73
CA PRO B 93 33.34 14.27 -46.18
C PRO B 93 33.32 14.15 -44.66
N THR B 94 33.20 15.29 -43.99
CA THR B 94 33.36 15.37 -42.55
C THR B 94 32.31 16.29 -41.95
N ARG B 95 31.78 15.90 -40.81
CA ARG B 95 30.86 16.69 -40.00
C ARG B 95 31.39 16.80 -38.59
N VAL B 96 31.13 17.93 -37.95
CA VAL B 96 31.52 18.16 -36.57
C VAL B 96 30.25 18.31 -35.73
N GLN B 97 30.19 17.58 -34.61
CA GLN B 97 29.13 17.75 -33.63
C GLN B 97 29.76 18.08 -32.29
N THR B 98 29.24 19.10 -31.60
CA THR B 98 29.84 19.53 -30.34
C THR B 98 28.90 19.29 -29.17
N ALA B 99 29.49 18.84 -28.05
CA ALA B 99 28.73 18.57 -26.83
C ALA B 99 28.17 19.84 -26.22
N LEU B 100 28.82 20.98 -26.43
CA LEU B 100 28.26 22.28 -26.08
C LEU B 100 27.69 22.88 -27.34
N THR B 101 26.47 23.40 -27.25
CA THR B 101 25.79 23.91 -28.45
C THR B 101 26.31 25.29 -28.82
N ILE B 102 26.92 25.39 -29.99
CA ILE B 102 27.39 26.66 -30.55
C ILE B 102 26.95 26.65 -32.02
N THR B 103 25.74 27.13 -32.27
CA THR B 103 25.07 26.96 -33.56
C THR B 103 25.93 27.45 -34.73
N GLN B 104 26.54 28.63 -34.57
CA GLN B 104 27.28 29.26 -35.66
C GLN B 104 28.46 28.43 -36.14
N VAL B 105 28.95 27.53 -35.30
CA VAL B 105 30.26 26.93 -35.49
C VAL B 105 30.16 25.49 -35.97
N ALA B 106 29.20 24.74 -35.45
CA ALA B 106 29.07 23.33 -35.79
C ALA B 106 27.70 22.89 -35.34
N GLU B 107 27.26 21.74 -35.83
CA GLU B 107 25.98 21.25 -35.38
C GLU B 107 26.07 20.68 -33.96
N PRO B 108 24.98 20.76 -33.19
CA PRO B 108 24.99 20.15 -31.85
C PRO B 108 25.07 18.64 -31.92
N TYR B 109 25.52 18.04 -30.81
CA TYR B 109 25.43 16.61 -30.69
C TYR B 109 23.97 16.15 -30.74
N ILE B 110 23.62 15.39 -31.77
CA ILE B 110 22.28 14.82 -31.91
C ILE B 110 22.46 13.40 -32.41
N ARG B 111 22.09 12.42 -31.59
CA ARG B 111 22.41 11.03 -31.88
C ARG B 111 21.86 10.59 -33.23
N ARG B 112 20.60 10.89 -33.53
CA ARG B 112 20.03 10.41 -34.79
C ARG B 112 20.72 11.06 -35.99
N ARG B 113 21.08 12.34 -35.88
CA ARG B 113 21.85 12.98 -36.94
C ARG B 113 23.23 12.35 -37.09
N ALA B 114 23.90 12.04 -35.98
CA ALA B 114 25.22 11.41 -36.10
C ALA B 114 25.14 10.04 -36.78
N LEU B 115 24.08 9.27 -36.47
CA LEU B 115 23.90 7.98 -37.13
C LEU B 115 23.70 8.14 -38.63
N ARG B 116 22.83 9.08 -39.05
CA ARG B 116 22.65 9.31 -40.48
C ARG B 116 23.98 9.69 -41.14
N HIS B 117 24.76 10.54 -40.50
CA HIS B 117 26.03 10.96 -41.10
C HIS B 117 26.93 9.76 -41.36
N LEU B 118 27.06 8.88 -40.36
CA LEU B 118 27.92 7.71 -40.54
C LEU B 118 27.38 6.81 -41.64
N GLU B 119 26.06 6.65 -41.70
CA GLU B 119 25.46 5.82 -42.75
C GLU B 119 25.67 6.44 -44.13
N LYS B 120 25.74 7.76 -44.22
CA LYS B 120 26.05 8.40 -45.49
C LYS B 120 27.56 8.48 -45.75
N GLU B 121 28.35 7.69 -45.02
CA GLU B 121 29.80 7.54 -45.24
C GLU B 121 30.56 8.84 -45.01
N ARG B 122 30.16 9.58 -43.99
CA ARG B 122 30.87 10.76 -43.52
C ARG B 122 31.59 10.47 -42.22
N ILE B 123 32.74 11.10 -42.04
CA ILE B 123 33.40 11.10 -40.74
C ILE B 123 32.65 12.08 -39.83
N VAL B 124 32.32 11.65 -38.62
CA VAL B 124 31.81 12.55 -37.58
C VAL B 124 32.91 12.81 -36.57
N ILE B 125 33.29 14.08 -36.41
CA ILE B 125 34.22 14.49 -35.36
C ILE B 125 33.42 15.06 -34.20
N PHE B 126 33.57 14.46 -33.02
CA PHE B 126 32.93 14.93 -31.81
C PHE B 126 33.85 15.85 -31.02
N GLY B 127 33.44 17.11 -30.85
CA GLY B 127 34.19 18.04 -30.03
C GLY B 127 33.42 18.40 -28.77
N GLY B 128 34.10 18.96 -27.76
CA GLY B 128 33.46 19.32 -26.52
C GLY B 128 33.41 18.23 -25.47
N GLY B 129 34.08 17.11 -25.69
CA GLY B 129 33.94 16.01 -24.74
C GLY B 129 32.50 15.55 -24.64
N THR B 130 32.04 15.41 -23.41
CA THR B 130 30.65 15.06 -23.13
C THR B 130 29.83 16.26 -22.76
N GLY B 131 30.46 17.42 -22.64
CA GLY B 131 29.80 18.59 -22.12
C GLY B 131 29.85 18.71 -20.62
N ASN B 132 30.30 17.67 -19.91
CA ASN B 132 30.39 17.68 -18.46
C ASN B 132 31.82 17.80 -17.98
N PRO B 133 32.11 18.69 -17.02
CA PRO B 133 33.40 18.63 -16.34
C PRO B 133 33.57 17.28 -15.66
N PHE B 134 34.83 16.97 -15.32
CA PHE B 134 35.19 15.74 -14.56
C PHE B 134 35.06 14.50 -15.44
N PHE B 135 34.59 14.70 -16.67
CA PHE B 135 34.56 13.60 -17.65
C PHE B 135 35.74 13.93 -18.56
N SER B 136 36.45 12.93 -19.05
CA SER B 136 37.67 13.19 -19.87
C SER B 136 37.34 12.89 -21.34
N THR B 137 38.26 13.19 -22.25
CA THR B 137 38.01 12.82 -23.66
C THR B 137 38.03 11.30 -23.82
N ASP B 138 38.69 10.61 -22.91
CA ASP B 138 38.67 9.13 -22.92
C ASP B 138 37.25 8.70 -22.57
N THR B 139 36.66 9.30 -21.55
CA THR B 139 35.28 8.99 -21.23
C THR B 139 34.33 9.40 -22.35
N ALA B 140 34.62 10.52 -23.03
CA ALA B 140 33.79 10.94 -24.16
C ALA B 140 33.90 9.97 -25.31
N ALA B 141 35.10 9.45 -25.55
CA ALA B 141 35.30 8.41 -26.56
C ALA B 141 34.45 7.19 -26.26
N ALA B 142 34.47 6.73 -25.01
CA ALA B 142 33.66 5.58 -24.61
C ALA B 142 32.19 5.87 -24.80
N LEU B 143 31.72 7.01 -24.29
CA LEU B 143 30.33 7.39 -24.40
C LEU B 143 29.88 7.48 -25.86
N ARG B 144 30.62 8.24 -26.67
CA ARG B 144 30.20 8.43 -28.06
C ARG B 144 30.26 7.12 -28.86
N ALA B 145 31.18 6.22 -28.49
CA ALA B 145 31.21 4.88 -29.09
C ALA B 145 29.92 4.14 -28.81
N LEU B 146 29.50 4.14 -27.54
CA LEU B 146 28.24 3.52 -27.18
C LEU B 146 27.10 4.15 -27.95
N GLU B 147 27.09 5.49 -28.05
CA GLU B 147 25.96 6.18 -28.63
C GLU B 147 25.84 5.93 -30.12
N VAL B 148 26.95 5.76 -30.84
CA VAL B 148 26.87 5.51 -32.29
C VAL B 148 26.97 4.04 -32.61
N GLY B 149 27.00 3.16 -31.61
CA GLY B 149 27.10 1.73 -31.87
C GLY B 149 28.41 1.33 -32.52
N ALA B 150 29.51 2.00 -32.18
CA ALA B 150 30.79 1.53 -32.66
C ALA B 150 31.09 0.17 -32.04
N GLU B 151 31.83 -0.67 -32.77
CA GLU B 151 32.15 -2.01 -32.29
C GLU B 151 33.39 -2.05 -31.41
N VAL B 152 34.18 -0.97 -31.37
CA VAL B 152 35.43 -0.94 -30.63
C VAL B 152 35.82 0.52 -30.45
N VAL B 153 36.52 0.82 -29.37
CA VAL B 153 37.14 2.13 -29.18
C VAL B 153 38.64 2.01 -29.44
N LEU B 154 39.12 2.72 -30.47
CA LEU B 154 40.55 2.76 -30.83
C LEU B 154 41.18 3.95 -30.12
N MET B 155 41.95 3.69 -29.06
CA MET B 155 42.60 4.76 -28.29
C MET B 155 43.98 5.02 -28.88
N ALA B 156 44.09 6.00 -29.78
CA ALA B 156 45.40 6.39 -30.29
C ALA B 156 46.13 7.12 -29.17
N LYS B 157 47.08 6.45 -28.54
CA LYS B 157 47.81 7.07 -27.44
C LYS B 157 49.03 7.80 -27.97
N ASN B 158 49.35 8.89 -27.30
CA ASN B 158 50.49 9.72 -27.65
C ASN B 158 51.78 9.02 -27.22
N LYS B 159 52.61 8.64 -28.20
CA LYS B 159 53.98 8.15 -27.99
C LYS B 159 54.04 6.81 -27.25
N VAL B 160 53.08 5.93 -27.51
CA VAL B 160 52.95 4.65 -26.83
C VAL B 160 52.18 3.73 -27.79
N ASP B 161 52.52 2.45 -27.77
CA ASP B 161 51.93 1.52 -28.74
C ASP B 161 51.05 0.44 -28.09
N GLY B 162 50.73 0.58 -26.82
CA GLY B 162 49.86 -0.36 -26.13
C GLY B 162 49.82 -0.03 -24.67
N VAL B 163 49.27 -0.96 -23.87
CA VAL B 163 49.22 -0.77 -22.43
C VAL B 163 50.41 -1.50 -21.86
N TYR B 164 51.06 -0.90 -20.85
CA TYR B 164 52.26 -1.48 -20.25
C TYR B 164 52.05 -1.66 -18.76
N SER B 165 52.90 -2.47 -18.15
CA SER B 165 52.80 -2.72 -16.71
C SER B 165 53.01 -1.46 -15.90
N ASP B 166 53.62 -0.44 -16.50
CA ASP B 166 53.95 0.80 -15.82
C ASP B 166 53.98 1.87 -16.91
N ASP B 167 53.98 3.13 -16.49
CA ASP B 167 54.18 4.18 -17.47
C ASP B 167 55.52 3.96 -18.17
N PRO B 168 55.52 3.68 -19.48
CA PRO B 168 56.79 3.35 -20.14
C PRO B 168 57.75 4.55 -20.21
N ARG B 169 57.22 5.76 -20.36
CA ARG B 169 58.06 6.96 -20.35
C ARG B 169 58.36 7.39 -18.92
N LYS B 170 58.81 6.45 -18.09
CA LYS B 170 58.98 6.67 -16.66
C LYS B 170 59.62 5.41 -16.08
N ASN B 171 59.56 4.33 -16.85
CA ASN B 171 60.07 3.03 -16.41
C ASN B 171 60.41 2.26 -17.67
N PRO B 172 61.67 2.33 -18.11
CA PRO B 172 62.08 1.60 -19.31
C PRO B 172 61.98 0.09 -19.16
N GLU B 173 61.80 -0.42 -17.95
CA GLU B 173 61.65 -1.85 -17.72
C GLU B 173 60.20 -2.33 -17.83
N ALA B 174 59.26 -1.43 -18.11
CA ALA B 174 57.86 -1.82 -18.21
C ALA B 174 57.62 -2.77 -19.37
N VAL B 175 56.66 -3.67 -19.19
CA VAL B 175 56.38 -4.71 -20.18
C VAL B 175 55.00 -4.47 -20.76
N ARG B 176 54.88 -4.63 -22.08
CA ARG B 176 53.61 -4.44 -22.75
C ARG B 176 52.74 -5.68 -22.63
N PHE B 177 51.43 -5.47 -22.52
CA PHE B 177 50.44 -6.54 -22.53
C PHE B 177 49.84 -6.66 -23.91
N ASP B 178 49.62 -7.90 -24.36
CA ASP B 178 48.81 -8.10 -25.55
C ASP B 178 47.33 -7.93 -25.26
N GLU B 179 46.91 -8.28 -24.04
CA GLU B 179 45.52 -8.36 -23.65
C GLU B 179 45.39 -8.13 -22.16
N LEU B 180 44.31 -7.48 -21.77
CA LEU B 180 43.97 -7.29 -20.37
C LEU B 180 42.46 -7.32 -20.25
N THR B 181 41.97 -7.56 -19.04
CA THR B 181 40.58 -7.31 -18.70
C THR B 181 40.43 -5.88 -18.17
N TYR B 182 39.21 -5.37 -18.25
CA TYR B 182 38.90 -4.10 -17.60
C TYR B 182 39.37 -4.09 -16.14
N LEU B 183 39.03 -5.12 -15.38
CA LEU B 183 39.40 -5.15 -13.96
C LEU B 183 40.92 -5.20 -13.76
N GLU B 184 41.66 -5.87 -14.66
CA GLU B 184 43.11 -5.90 -14.52
C GLU B 184 43.69 -4.50 -14.63
N VAL B 185 43.20 -3.71 -15.58
CA VAL B 185 43.63 -2.33 -15.69
C VAL B 185 43.39 -1.59 -14.36
N LEU B 186 42.18 -1.71 -13.81
CA LEU B 186 41.87 -0.99 -12.57
C LEU B 186 42.71 -1.50 -11.39
N ASN B 187 42.85 -2.82 -11.25
CA ASN B 187 43.58 -3.37 -10.10
C ASN B 187 45.07 -3.04 -10.17
N ARG B 188 45.65 -3.11 -11.37
CA ARG B 188 47.06 -2.77 -11.50
C ARG B 188 47.33 -1.28 -11.42
N GLY B 189 46.29 -0.45 -11.31
CA GLY B 189 46.47 0.98 -11.21
C GLY B 189 47.09 1.61 -12.44
N LEU B 190 46.81 1.08 -13.63
CA LEU B 190 47.42 1.60 -14.84
C LEU B 190 46.77 2.92 -15.24
N GLN B 191 47.58 3.85 -15.74
CA GLN B 191 47.16 5.21 -16.06
C GLN B 191 47.01 5.47 -17.55
N VAL B 192 46.74 4.43 -18.36
CA VAL B 192 46.66 4.62 -19.81
C VAL B 192 45.45 5.48 -20.19
N MET B 193 44.31 5.28 -19.52
CA MET B 193 43.13 6.09 -19.77
C MET B 193 42.37 6.26 -18.48
N ASP B 194 41.40 7.17 -18.53
CA ASP B 194 40.47 7.40 -17.43
C ASP B 194 39.79 6.11 -16.97
N THR B 195 39.85 5.85 -15.66
CA THR B 195 39.20 4.67 -15.12
C THR B 195 37.69 4.71 -15.35
N THR B 196 37.09 5.91 -15.40
CA THR B 196 35.68 6.03 -15.73
C THR B 196 35.40 5.57 -17.16
N ALA B 197 36.34 5.82 -18.08
CA ALA B 197 36.16 5.31 -19.43
C ALA B 197 36.26 3.79 -19.46
N ILE B 198 37.17 3.23 -18.66
CA ILE B 198 37.30 1.77 -18.54
C ILE B 198 35.99 1.16 -18.09
N THR B 199 35.43 1.66 -16.97
CA THR B 199 34.24 1.01 -16.42
C THR B 199 33.04 1.16 -17.33
N LEU B 200 32.91 2.28 -18.04
CA LEU B 200 31.82 2.42 -19.00
C LEU B 200 31.92 1.33 -20.08
N CYS B 201 33.12 1.10 -20.61
CA CYS B 201 33.28 0.05 -21.61
C CYS B 201 33.07 -1.33 -21.00
N MET B 202 33.52 -1.52 -19.76
CA MET B 202 33.29 -2.75 -19.03
C MET B 202 31.81 -3.08 -18.95
N GLU B 203 30.99 -2.09 -18.61
CA GLU B 203 29.58 -2.34 -18.43
C GLU B 203 28.91 -2.73 -19.75
N ALA B 204 29.41 -2.22 -20.86
CA ALA B 204 28.83 -2.55 -22.15
C ALA B 204 29.49 -3.73 -22.82
N GLY B 205 30.58 -4.26 -22.26
CA GLY B 205 31.40 -5.19 -23.01
C GLY B 205 31.97 -4.58 -24.28
N LEU B 206 32.28 -3.29 -24.28
CA LEU B 206 32.84 -2.66 -25.47
C LEU B 206 34.36 -2.79 -25.44
N PRO B 207 34.98 -3.46 -26.41
CA PRO B 207 36.44 -3.61 -26.38
C PRO B 207 37.16 -2.32 -26.72
N ILE B 208 38.33 -2.16 -26.11
CA ILE B 208 39.24 -1.04 -26.33
C ILE B 208 40.54 -1.59 -26.89
N VAL B 209 41.08 -0.93 -27.93
CA VAL B 209 42.41 -1.24 -28.46
C VAL B 209 43.29 0.00 -28.32
N VAL B 210 44.33 -0.09 -27.48
CA VAL B 210 45.31 0.98 -27.32
C VAL B 210 46.46 0.72 -28.28
N PHE B 211 46.77 1.72 -29.09
CA PHE B 211 47.72 1.52 -30.16
C PHE B 211 48.38 2.86 -30.50
N ASP B 212 49.39 2.78 -31.37
CA ASP B 212 50.16 3.93 -31.85
C ASP B 212 49.68 4.28 -33.25
N ILE B 213 49.00 5.42 -33.41
CA ILE B 213 48.44 5.75 -34.72
C ILE B 213 49.53 6.09 -35.73
N PHE B 214 50.70 6.56 -35.25
CA PHE B 214 51.75 6.93 -36.18
C PHE B 214 52.76 5.81 -36.41
N LYS B 215 52.40 4.58 -36.07
CA LYS B 215 53.06 3.42 -36.62
C LYS B 215 52.37 3.10 -37.94
N PRO B 216 53.02 3.34 -39.09
CA PRO B 216 52.35 3.13 -40.38
C PRO B 216 51.68 1.77 -40.47
N GLY B 217 50.44 1.77 -40.96
CA GLY B 217 49.65 0.56 -41.13
C GLY B 217 48.93 0.07 -39.90
N ALA B 218 49.20 0.62 -38.71
CA ALA B 218 48.61 0.07 -37.49
C ALA B 218 47.10 0.31 -37.45
N LEU B 219 46.65 1.57 -37.67
CA LEU B 219 45.23 1.85 -37.64
C LEU B 219 44.49 0.99 -38.67
N VAL B 220 44.99 0.95 -39.91
CA VAL B 220 44.36 0.12 -40.93
C VAL B 220 44.45 -1.35 -40.55
N GLY B 221 45.53 -1.74 -39.87
CA GLY B 221 45.64 -3.13 -39.45
C GLY B 221 44.51 -3.54 -38.52
N ILE B 222 44.30 -2.75 -37.47
CA ILE B 222 43.20 -3.01 -36.53
C ILE B 222 41.88 -3.12 -37.26
N ILE B 223 41.67 -2.28 -38.28
CA ILE B 223 40.39 -2.30 -38.98
C ILE B 223 40.26 -3.56 -39.82
N GLN B 224 41.36 -4.04 -40.39
CA GLN B 224 41.26 -5.19 -41.27
C GLN B 224 41.33 -6.53 -40.53
N GLY B 225 41.70 -6.52 -39.26
CA GLY B 225 41.69 -7.73 -38.45
C GLY B 225 43.02 -8.13 -37.85
N GLU B 226 44.10 -7.39 -38.06
CA GLU B 226 45.39 -7.78 -37.52
C GLU B 226 45.43 -7.55 -36.02
N LYS B 227 46.41 -8.20 -35.38
CA LYS B 227 46.67 -8.00 -33.96
C LYS B 227 47.66 -6.85 -33.82
N VAL B 228 47.17 -5.72 -33.33
CA VAL B 228 47.98 -4.51 -33.13
C VAL B 228 47.70 -4.00 -31.73
N GLY B 229 48.75 -3.54 -31.04
CA GLY B 229 48.51 -2.86 -29.79
C GLY B 229 48.02 -3.78 -28.70
N THR B 230 47.26 -3.21 -27.77
CA THR B 230 46.75 -3.94 -26.61
C THR B 230 45.24 -3.92 -26.63
N LEU B 231 44.64 -5.09 -26.43
CA LEU B 231 43.20 -5.26 -26.39
C LEU B 231 42.75 -5.29 -24.93
N ILE B 232 41.85 -4.38 -24.56
CA ILE B 232 41.21 -4.42 -23.25
C ILE B 232 39.78 -4.90 -23.48
N HIS B 233 39.42 -6.01 -22.83
CA HIS B 233 38.11 -6.60 -23.05
C HIS B 233 37.66 -7.50 -21.92
N MET C 1 -9.61 7.15 -51.91
CA MET C 1 -9.33 7.82 -50.65
C MET C 1 -10.04 9.15 -50.50
N LYS C 2 -10.84 9.26 -49.45
CA LYS C 2 -11.53 10.53 -49.22
C LYS C 2 -10.55 11.61 -48.76
N TYR C 3 -9.60 11.26 -47.90
CA TYR C 3 -8.69 12.23 -47.31
C TYR C 3 -7.27 11.94 -47.75
N LYS C 4 -6.51 13.00 -48.06
CA LYS C 4 -5.11 12.85 -48.45
C LYS C 4 -4.16 13.07 -47.27
N ARG C 5 -4.60 13.85 -46.28
CA ARG C 5 -3.76 14.18 -45.14
C ARG C 5 -4.66 14.34 -43.94
N VAL C 6 -4.37 13.60 -42.88
CA VAL C 6 -5.19 13.61 -41.67
C VAL C 6 -4.29 13.82 -40.47
N LEU C 7 -4.88 14.37 -39.40
CA LEU C 7 -4.25 14.39 -38.09
C LEU C 7 -4.97 13.39 -37.20
N LEU C 8 -4.21 12.47 -36.62
CA LEU C 8 -4.74 11.40 -35.79
C LEU C 8 -4.38 11.68 -34.33
N LYS C 9 -5.38 11.85 -33.50
CA LYS C 9 -5.15 12.18 -32.10
C LYS C 9 -5.33 10.93 -31.25
N LEU C 10 -4.30 10.59 -30.47
CA LEU C 10 -4.26 9.34 -29.72
C LEU C 10 -4.16 9.63 -28.23
N SER C 11 -4.92 8.88 -27.46
CA SER C 11 -4.80 8.93 -26.01
C SER C 11 -3.52 8.23 -25.55
N GLY C 12 -2.86 8.81 -24.55
CA GLY C 12 -1.74 8.10 -23.94
C GLY C 12 -2.14 6.76 -23.34
N GLU C 13 -3.43 6.56 -23.06
CA GLU C 13 -3.89 5.29 -22.52
C GLU C 13 -3.71 4.14 -23.50
N PHE C 14 -3.64 4.42 -24.80
CA PHE C 14 -3.47 3.35 -25.79
C PHE C 14 -2.13 2.64 -25.68
N LEU C 15 -1.21 3.14 -24.88
CA LEU C 15 0.10 2.50 -24.75
C LEU C 15 0.14 1.54 -23.57
N THR C 16 -0.98 1.34 -22.88
CA THR C 16 -1.00 0.39 -21.78
C THR C 16 -2.34 -0.34 -21.78
N ARG C 17 -2.34 -1.52 -21.18
CA ARG C 17 -3.57 -2.27 -20.92
C ARG C 17 -3.91 -2.32 -19.45
N ASN C 18 -3.07 -1.74 -18.58
CA ASN C 18 -3.18 -1.82 -17.13
C ASN C 18 -3.28 -0.43 -16.51
N GLY C 19 -3.99 0.49 -17.16
CA GLY C 19 -4.05 1.83 -16.61
C GLY C 19 -2.79 2.67 -16.69
N PHE C 20 -1.66 2.18 -16.15
CA PHE C 20 -0.42 2.95 -16.02
C PHE C 20 0.68 2.40 -16.92
N GLY C 21 1.60 3.30 -17.31
CA GLY C 21 2.89 2.93 -17.89
C GLY C 21 2.90 2.90 -19.40
N ILE C 22 4.04 2.48 -19.92
CA ILE C 22 4.22 2.23 -21.35
C ILE C 22 4.48 0.74 -21.50
N GLU C 23 3.68 0.05 -22.31
CA GLU C 23 3.84 -1.39 -22.37
C GLU C 23 4.11 -1.86 -23.79
N PRO C 24 5.05 -2.79 -23.95
CA PRO C 24 5.41 -3.22 -25.31
C PRO C 24 4.24 -3.73 -26.13
N GLU C 25 3.40 -4.62 -25.59
CA GLU C 25 2.39 -5.23 -26.44
C GLU C 25 1.28 -4.24 -26.79
N ALA C 26 0.87 -3.38 -25.85
CA ALA C 26 -0.10 -2.35 -26.19
C ALA C 26 0.47 -1.37 -27.21
N THR C 27 1.72 -0.95 -27.02
CA THR C 27 2.32 -0.03 -27.97
C THR C 27 2.38 -0.66 -29.36
N GLN C 28 2.72 -1.94 -29.41
CA GLN C 28 2.85 -2.65 -30.67
C GLN C 28 1.51 -2.77 -31.39
N ALA C 29 0.45 -3.05 -30.62
CA ALA C 29 -0.90 -3.13 -31.20
C ALA C 29 -1.33 -1.78 -31.75
N LEU C 30 -1.04 -0.70 -31.02
CA LEU C 30 -1.32 0.63 -31.54
C LEU C 30 -0.51 0.91 -32.81
N ALA C 31 0.77 0.52 -32.81
CA ALA C 31 1.57 0.72 -34.02
C ALA C 31 1.01 -0.03 -35.22
N ARG C 32 0.41 -1.21 -35.01
CA ARG C 32 -0.16 -1.97 -36.12
C ARG C 32 -1.39 -1.29 -36.71
N GLU C 33 -2.26 -0.72 -35.87
CA GLU C 33 -3.36 0.09 -36.38
C GLU C 33 -2.84 1.28 -37.20
N ILE C 34 -1.87 2.02 -36.64
CA ILE C 34 -1.31 3.15 -37.37
C ILE C 34 -0.69 2.66 -38.69
N LYS C 35 -0.07 1.48 -38.69
CA LYS C 35 0.50 0.99 -39.94
C LYS C 35 -0.59 0.69 -40.97
N ALA C 36 -1.74 0.17 -40.54
CA ALA C 36 -2.83 -0.06 -41.48
C ALA C 36 -3.28 1.24 -42.14
N ALA C 37 -3.44 2.31 -41.35
CA ALA C 37 -3.77 3.59 -41.94
C ALA C 37 -2.67 4.10 -42.86
N TYR C 38 -1.40 3.97 -42.42
CA TYR C 38 -0.29 4.41 -43.26
C TYR C 38 -0.27 3.67 -44.58
N ASP C 39 -0.53 2.36 -44.56
CA ASP C 39 -0.48 1.55 -45.78
C ASP C 39 -1.52 1.98 -46.82
N THR C 40 -2.57 2.70 -46.43
CA THR C 40 -3.50 3.26 -47.43
C THR C 40 -2.86 4.34 -48.29
N GLY C 41 -1.70 4.89 -47.90
CA GLY C 41 -1.11 6.00 -48.64
C GLY C 41 -1.50 7.37 -48.13
N VAL C 42 -2.37 7.46 -47.13
CA VAL C 42 -2.68 8.76 -46.55
C VAL C 42 -1.45 9.35 -45.88
N GLN C 43 -1.37 10.67 -45.88
CA GLN C 43 -0.37 11.36 -45.11
C GLN C 43 -0.89 11.59 -43.70
N LEU C 44 -0.01 11.37 -42.72
CA LEU C 44 -0.43 11.04 -41.37
C LEU C 44 0.41 11.79 -40.36
N ALA C 45 -0.19 12.74 -39.68
CA ALA C 45 0.39 13.37 -38.50
C ALA C 45 -0.38 12.92 -37.26
N ILE C 46 0.34 12.74 -36.16
CA ILE C 46 -0.22 12.19 -34.92
C ILE C 46 0.06 13.14 -33.77
N VAL C 47 -0.92 13.28 -32.88
CA VAL C 47 -0.72 13.95 -31.60
C VAL C 47 -1.05 12.92 -30.50
N ILE C 48 -0.18 12.80 -29.51
CA ILE C 48 -0.29 11.75 -28.50
C ILE C 48 -0.41 12.38 -27.13
N GLY C 49 -1.30 11.82 -26.30
CA GLY C 49 -1.51 12.29 -24.94
C GLY C 49 -0.62 11.59 -23.92
N ALA C 50 -0.91 11.83 -22.62
CA ALA C 50 -0.03 11.37 -21.54
C ALA C 50 -0.76 10.74 -20.35
N GLY C 51 -2.03 10.36 -20.49
CA GLY C 51 -2.81 9.87 -19.36
C GLY C 51 -2.38 8.53 -18.78
N ASN C 52 -1.61 7.74 -19.55
CA ASN C 52 -1.02 6.51 -19.00
C ASN C 52 0.08 6.77 -18.00
N LEU C 53 0.66 7.98 -17.99
CA LEU C 53 1.79 8.33 -17.16
C LEU C 53 1.50 9.42 -16.14
N TRP C 54 0.49 10.27 -16.37
CA TRP C 54 0.28 11.45 -15.54
C TRP C 54 -1.17 11.88 -15.61
N ARG C 55 -1.78 12.16 -14.45
CA ARG C 55 -3.20 12.49 -14.38
C ARG C 55 -3.46 13.91 -13.87
N GLY C 56 -2.43 14.70 -13.62
CA GLY C 56 -2.58 16.10 -13.25
C GLY C 56 -2.23 16.39 -11.80
N ALA C 57 -2.65 17.58 -11.34
CA ALA C 57 -2.21 18.09 -10.04
C ALA C 57 -2.74 17.30 -8.85
N ARG C 58 -3.75 16.44 -9.06
CA ARG C 58 -4.16 15.56 -7.97
C ARG C 58 -2.99 14.74 -7.44
N GLN C 59 -2.01 14.41 -8.30
CA GLN C 59 -0.84 13.64 -7.93
C GLN C 59 0.26 14.45 -7.26
N GLY C 60 0.20 15.78 -7.30
CA GLY C 60 1.21 16.62 -6.68
C GLY C 60 0.77 17.12 -5.30
N VAL C 61 1.70 17.81 -4.63
CA VAL C 61 1.38 18.40 -3.34
C VAL C 61 1.58 19.91 -3.44
N GLY C 62 0.47 20.65 -3.44
CA GLY C 62 0.52 22.08 -3.59
C GLY C 62 0.90 22.48 -4.98
N MET C 63 0.37 21.78 -5.98
CA MET C 63 0.88 21.91 -7.34
C MET C 63 -0.09 22.72 -8.19
N ASP C 64 0.43 23.79 -8.79
CA ASP C 64 -0.26 24.57 -9.82
C ASP C 64 -0.80 23.66 -10.91
N ARG C 65 -1.86 24.12 -11.55
CA ARG C 65 -2.32 23.47 -12.76
C ARG C 65 -1.30 23.63 -13.89
N ALA C 66 -0.70 24.81 -14.02
CA ALA C 66 0.32 25.02 -15.05
C ALA C 66 1.48 24.05 -14.88
N THR C 67 1.94 23.86 -13.64
CA THR C 67 3.04 22.94 -13.39
C THR C 67 2.66 21.51 -13.74
N ALA C 68 1.45 21.11 -13.37
CA ALA C 68 0.93 19.78 -13.75
C ALA C 68 0.86 19.64 -15.26
N ASP C 69 0.50 20.71 -15.95
CA ASP C 69 0.44 20.67 -17.41
C ASP C 69 1.83 20.48 -18.03
N TYR C 70 2.83 21.20 -17.53
CA TYR C 70 4.18 21.03 -18.05
C TYR C 70 4.70 19.62 -17.79
N ILE C 71 4.33 19.01 -16.66
CA ILE C 71 4.72 17.63 -16.42
C ILE C 71 4.03 16.70 -17.41
N GLY C 72 2.74 16.94 -17.70
CA GLY C 72 2.05 16.15 -18.71
C GLY C 72 2.70 16.27 -20.09
N MET C 73 3.07 17.49 -20.49
CA MET C 73 3.77 17.68 -21.76
C MET C 73 5.05 16.84 -21.82
N LEU C 74 5.82 16.80 -20.73
CA LEU C 74 6.99 15.93 -20.71
C LEU C 74 6.60 14.49 -20.93
N ALA C 75 5.49 14.07 -20.31
CA ALA C 75 5.02 12.70 -20.45
C ALA C 75 4.58 12.39 -21.89
N THR C 76 3.96 13.36 -22.58
CA THR C 76 3.61 13.09 -23.99
C THR C 76 4.86 12.86 -24.84
N ILE C 77 5.96 13.55 -24.53
CA ILE C 77 7.19 13.30 -25.28
C ILE C 77 7.73 11.90 -25.03
N MET C 78 7.64 11.40 -23.78
CA MET C 78 8.01 10.02 -23.53
C MET C 78 7.20 9.07 -24.39
N ASN C 79 5.88 9.28 -24.45
CA ASN C 79 5.03 8.44 -25.28
C ASN C 79 5.38 8.57 -26.75
N ALA C 80 5.62 9.80 -27.22
CA ALA C 80 5.97 9.98 -28.63
C ALA C 80 7.22 9.19 -28.99
N LEU C 81 8.22 9.21 -28.11
CA LEU C 81 9.45 8.47 -28.40
C LEU C 81 9.20 6.96 -28.42
N ALA C 82 8.42 6.44 -27.46
CA ALA C 82 8.08 5.02 -27.48
C ALA C 82 7.30 4.63 -28.74
N LEU C 83 6.30 5.45 -29.12
CA LEU C 83 5.51 5.14 -30.30
C LEU C 83 6.36 5.14 -31.55
N GLN C 84 7.33 6.07 -31.64
CA GLN C 84 8.19 6.13 -32.81
C GLN C 84 9.01 4.86 -32.96
N ASP C 85 9.58 4.37 -31.86
CA ASP C 85 10.33 3.12 -31.95
C ASP C 85 9.43 1.98 -32.40
N ALA C 86 8.19 1.92 -31.91
CA ALA C 86 7.29 0.85 -32.29
C ALA C 86 6.98 0.89 -33.78
N LEU C 87 6.70 2.09 -34.31
CA LEU C 87 6.41 2.20 -35.74
C LEU C 87 7.64 1.89 -36.58
N GLU C 88 8.82 2.34 -36.14
CA GLU C 88 10.04 2.02 -36.86
C GLU C 88 10.33 0.52 -36.82
N SER C 89 10.00 -0.16 -35.72
CA SER C 89 10.03 -1.62 -35.68
C SER C 89 9.32 -2.25 -36.88
N LEU C 90 8.16 -1.69 -37.26
CA LEU C 90 7.35 -2.21 -38.35
C LEU C 90 7.78 -1.67 -39.70
N GLY C 91 8.91 -0.95 -39.77
CA GLY C 91 9.36 -0.37 -41.02
C GLY C 91 8.70 0.93 -41.43
N VAL C 92 7.82 1.49 -40.59
CA VAL C 92 7.17 2.75 -40.97
C VAL C 92 8.10 3.94 -40.73
N PRO C 93 8.44 4.72 -41.74
CA PRO C 93 9.26 5.91 -41.50
C PRO C 93 8.52 6.92 -40.63
N THR C 94 9.18 7.37 -39.55
CA THR C 94 8.54 8.18 -38.52
C THR C 94 9.48 9.23 -37.96
N ARG C 95 8.96 10.45 -37.81
CA ARG C 95 9.64 11.56 -37.17
C ARG C 95 8.86 12.04 -35.94
N VAL C 96 9.60 12.53 -34.95
CA VAL C 96 9.03 13.12 -33.75
C VAL C 96 9.43 14.60 -33.70
N GLN C 97 8.45 15.48 -33.52
CA GLN C 97 8.72 16.89 -33.24
C GLN C 97 8.05 17.27 -31.93
N THR C 98 8.75 18.07 -31.10
CA THR C 98 8.21 18.39 -29.78
C THR C 98 7.96 19.89 -29.63
N ALA C 99 6.87 20.22 -28.94
CA ALA C 99 6.52 21.62 -28.72
C ALA C 99 7.49 22.31 -27.77
N LEU C 100 8.07 21.56 -26.84
CA LEU C 100 9.18 22.03 -26.01
C LEU C 100 10.47 21.55 -26.65
N THR C 101 11.45 22.45 -26.77
CA THR C 101 12.68 22.14 -27.48
C THR C 101 13.62 21.38 -26.57
N ILE C 102 13.95 20.15 -26.96
CA ILE C 102 14.86 19.26 -26.24
C ILE C 102 15.77 18.63 -27.30
N THR C 103 16.91 19.29 -27.54
CA THR C 103 17.70 19.02 -28.74
C THR C 103 18.13 17.57 -28.86
N GLN C 104 18.73 17.01 -27.80
CA GLN C 104 19.23 15.63 -27.83
C GLN C 104 18.13 14.62 -28.14
N VAL C 105 16.90 14.92 -27.75
CA VAL C 105 15.87 13.89 -27.69
C VAL C 105 15.03 13.83 -28.96
N ALA C 106 14.70 14.98 -29.56
CA ALA C 106 13.86 14.96 -30.75
C ALA C 106 14.00 16.32 -31.44
N GLU C 107 13.56 16.40 -32.67
CA GLU C 107 13.67 17.71 -33.28
C GLU C 107 12.56 18.62 -32.76
N PRO C 108 12.76 19.93 -32.76
CA PRO C 108 11.71 20.84 -32.30
C PRO C 108 10.60 20.94 -33.32
N TYR C 109 9.42 21.36 -32.86
CA TYR C 109 8.35 21.67 -33.80
C TYR C 109 8.81 22.80 -34.72
N ILE C 110 8.89 22.52 -36.02
CA ILE C 110 9.22 23.53 -37.03
C ILE C 110 8.31 23.31 -38.22
N ARG C 111 7.51 24.31 -38.58
CA ARG C 111 6.35 24.04 -39.42
C ARG C 111 6.73 23.45 -40.77
N ARG C 112 7.75 23.97 -41.44
CA ARG C 112 7.95 23.37 -42.75
C ARG C 112 8.95 22.25 -42.79
N ARG C 113 9.61 21.94 -41.67
CA ARG C 113 10.19 20.61 -41.55
C ARG C 113 9.10 19.56 -41.43
N ALA C 114 8.07 19.86 -40.65
CA ALA C 114 6.92 18.95 -40.55
C ALA C 114 6.23 18.79 -41.90
N LEU C 115 6.03 19.89 -42.64
CA LEU C 115 5.45 19.79 -43.98
C LEU C 115 6.32 18.95 -44.91
N ARG C 116 7.65 19.14 -44.84
CA ARG C 116 8.51 18.37 -45.73
C ARG C 116 8.47 16.88 -45.37
N HIS C 117 8.43 16.55 -44.07
CA HIS C 117 8.39 15.15 -43.66
C HIS C 117 7.13 14.46 -44.19
N LEU C 118 5.99 15.14 -44.09
CA LEU C 118 4.76 14.55 -44.59
C LEU C 118 4.82 14.35 -46.10
N GLU C 119 5.37 15.33 -46.81
CA GLU C 119 5.55 15.21 -48.25
C GLU C 119 6.44 14.03 -48.60
N LYS C 120 7.43 13.73 -47.77
CA LYS C 120 8.32 12.60 -47.97
C LYS C 120 7.73 11.29 -47.43
N GLU C 121 6.41 11.25 -47.19
CA GLU C 121 5.69 10.04 -46.73
C GLU C 121 6.24 9.51 -45.41
N ARG C 122 6.63 10.39 -44.52
CA ARG C 122 6.91 10.01 -43.14
C ARG C 122 5.75 10.39 -42.24
N ILE C 123 5.51 9.55 -41.23
CA ILE C 123 4.62 9.92 -40.14
C ILE C 123 5.35 10.92 -39.26
N VAL C 124 4.66 12.01 -38.90
CA VAL C 124 5.16 12.97 -37.94
C VAL C 124 4.31 12.84 -36.69
N ILE C 125 4.96 12.47 -35.59
CA ILE C 125 4.35 12.44 -34.26
C ILE C 125 4.75 13.71 -33.52
N PHE C 126 3.74 14.46 -33.07
CA PHE C 126 3.94 15.68 -32.30
C PHE C 126 3.84 15.38 -30.81
N GLY C 127 4.94 15.59 -30.08
CA GLY C 127 4.93 15.47 -28.64
C GLY C 127 4.90 16.83 -27.98
N GLY C 128 4.48 16.87 -26.70
CA GLY C 128 4.50 18.10 -25.95
C GLY C 128 3.27 18.99 -26.09
N GLY C 129 2.19 18.49 -26.68
CA GLY C 129 1.06 19.36 -26.86
C GLY C 129 1.42 20.57 -27.72
N THR C 130 0.90 21.72 -27.32
CA THR C 130 1.21 23.01 -27.94
C THR C 130 2.37 23.71 -27.28
N GLY C 131 2.89 23.16 -26.18
CA GLY C 131 3.90 23.83 -25.40
C GLY C 131 3.35 24.83 -24.39
N ASN C 132 2.03 25.06 -24.37
CA ASN C 132 1.33 25.93 -23.45
C ASN C 132 0.48 25.14 -22.48
N PRO C 133 0.54 25.47 -21.20
CA PRO C 133 -0.47 24.96 -20.26
C PRO C 133 -1.85 25.45 -20.63
N PHE C 134 -2.85 24.80 -20.05
CA PHE C 134 -4.29 25.12 -20.12
C PHE C 134 -4.91 24.60 -21.40
N PHE C 135 -4.21 23.73 -22.12
CA PHE C 135 -4.75 22.92 -23.21
C PHE C 135 -4.67 21.45 -22.85
N SER C 136 -5.42 20.61 -23.57
CA SER C 136 -5.20 19.18 -23.58
C SER C 136 -4.52 18.84 -24.91
N THR C 137 -4.19 17.57 -25.12
CA THR C 137 -3.73 17.29 -26.47
C THR C 137 -4.86 17.45 -27.50
N ASP C 138 -6.12 17.56 -27.06
CA ASP C 138 -7.22 17.79 -28.00
C ASP C 138 -6.99 19.10 -28.77
N THR C 139 -6.66 20.17 -28.05
CA THR C 139 -6.40 21.43 -28.68
C THR C 139 -5.10 21.39 -29.47
N ALA C 140 -4.10 20.63 -28.99
CA ALA C 140 -2.86 20.48 -29.74
C ALA C 140 -3.15 19.79 -31.06
N ALA C 141 -4.07 18.83 -31.06
CA ALA C 141 -4.44 18.12 -32.28
C ALA C 141 -5.09 19.06 -33.28
N ALA C 142 -5.99 19.93 -32.80
CA ALA C 142 -6.62 20.90 -33.68
C ALA C 142 -5.58 21.85 -34.24
N LEU C 143 -4.72 22.39 -33.37
CA LEU C 143 -3.69 23.32 -33.80
C LEU C 143 -2.77 22.69 -34.84
N ARG C 144 -2.27 21.49 -34.56
CA ARG C 144 -1.31 20.87 -35.48
C ARG C 144 -1.97 20.47 -36.79
N ALA C 145 -3.27 20.10 -36.77
CA ALA C 145 -4.01 19.85 -38.00
C ALA C 145 -4.02 21.08 -38.90
N LEU C 146 -4.36 22.23 -38.35
CA LEU C 146 -4.33 23.47 -39.12
C LEU C 146 -2.93 23.76 -39.63
N GLU C 147 -1.90 23.52 -38.80
CA GLU C 147 -0.54 23.91 -39.18
C GLU C 147 -0.02 23.07 -40.33
N VAL C 148 -0.37 21.77 -40.38
CA VAL C 148 0.12 20.91 -41.46
C VAL C 148 -0.86 20.80 -42.60
N GLY C 149 -1.99 21.51 -42.54
CA GLY C 149 -2.99 21.42 -43.59
C GLY C 149 -3.72 20.10 -43.65
N ALA C 150 -3.89 19.42 -42.51
CA ALA C 150 -4.72 18.23 -42.47
C ALA C 150 -6.16 18.58 -42.86
N GLU C 151 -6.86 17.59 -43.45
CA GLU C 151 -8.22 17.81 -43.93
C GLU C 151 -9.28 17.47 -42.90
N VAL C 152 -8.91 16.78 -41.82
CA VAL C 152 -9.84 16.36 -40.78
C VAL C 152 -9.02 15.98 -39.56
N VAL C 153 -9.60 16.15 -38.38
CA VAL C 153 -9.01 15.64 -37.15
C VAL C 153 -9.71 14.35 -36.77
N LEU C 154 -8.96 13.25 -36.74
CA LEU C 154 -9.46 11.95 -36.32
C LEU C 154 -9.20 11.78 -34.82
N MET C 155 -10.26 11.93 -34.02
CA MET C 155 -10.15 11.85 -32.57
C MET C 155 -10.38 10.41 -32.13
N ALA C 156 -9.30 9.66 -31.98
CA ALA C 156 -9.40 8.32 -31.40
C ALA C 156 -9.61 8.47 -29.90
N LYS C 157 -10.83 8.25 -29.45
CA LYS C 157 -11.20 8.49 -28.05
C LYS C 157 -11.15 7.18 -27.28
N ASN C 158 -10.62 7.26 -26.06
CA ASN C 158 -10.44 6.08 -25.24
C ASN C 158 -11.82 5.55 -24.83
N LYS C 159 -12.13 4.32 -25.24
CA LYS C 159 -13.26 3.53 -24.76
C LYS C 159 -14.63 3.97 -25.27
N VAL C 160 -14.69 4.86 -26.27
CA VAL C 160 -15.97 5.19 -26.91
C VAL C 160 -15.78 5.13 -28.43
N ASP C 161 -16.90 5.03 -29.14
CA ASP C 161 -16.86 4.94 -30.60
C ASP C 161 -17.55 6.11 -31.28
N GLY C 162 -17.77 7.19 -30.54
CA GLY C 162 -18.38 8.38 -31.10
C GLY C 162 -18.73 9.32 -29.97
N VAL C 163 -19.50 10.36 -30.30
CA VAL C 163 -19.96 11.30 -29.30
C VAL C 163 -21.36 10.89 -28.87
N TYR C 164 -21.63 10.95 -27.57
CA TYR C 164 -22.90 10.51 -27.02
C TYR C 164 -23.60 11.69 -26.36
N SER C 165 -24.91 11.54 -26.18
CA SER C 165 -25.71 12.53 -25.45
C SER C 165 -25.16 12.76 -24.04
N ASP C 166 -24.44 11.79 -23.49
CA ASP C 166 -23.92 11.88 -22.15
C ASP C 166 -22.67 11.01 -22.11
N ASP C 167 -21.89 11.16 -21.03
CA ASP C 167 -20.80 10.24 -20.75
C ASP C 167 -21.34 8.82 -20.72
N PRO C 168 -21.04 7.97 -21.73
CA PRO C 168 -21.58 6.60 -21.70
C PRO C 168 -21.02 5.76 -20.57
N ARG C 169 -19.86 6.15 -20.02
CA ARG C 169 -19.27 5.46 -18.88
C ARG C 169 -19.95 5.80 -17.55
N LYS C 170 -20.74 6.87 -17.47
CA LYS C 170 -21.60 7.14 -16.32
C LYS C 170 -23.07 6.92 -16.59
N ASN C 171 -23.50 6.96 -17.85
CA ASN C 171 -24.91 6.93 -18.23
C ASN C 171 -25.11 5.82 -19.24
N PRO C 172 -25.51 4.63 -18.80
CA PRO C 172 -25.74 3.53 -19.75
C PRO C 172 -26.81 3.84 -20.78
N GLU C 173 -27.68 4.81 -20.53
CA GLU C 173 -28.77 5.13 -21.45
C GLU C 173 -28.38 6.18 -22.49
N ALA C 174 -27.11 6.61 -22.53
CA ALA C 174 -26.66 7.60 -23.49
C ALA C 174 -26.84 7.11 -24.92
N VAL C 175 -27.04 8.08 -25.84
CA VAL C 175 -27.29 7.79 -27.25
C VAL C 175 -26.17 8.40 -28.09
N ARG C 176 -25.72 7.66 -29.10
CA ARG C 176 -24.68 8.14 -29.99
C ARG C 176 -25.25 9.05 -31.09
N PHE C 177 -24.49 10.08 -31.46
CA PHE C 177 -24.84 10.98 -32.55
C PHE C 177 -24.10 10.56 -33.83
N ASP C 178 -24.81 10.58 -34.95
CA ASP C 178 -24.13 10.39 -36.23
C ASP C 178 -23.38 11.65 -36.62
N GLU C 179 -23.97 12.82 -36.33
CA GLU C 179 -23.44 14.12 -36.72
C GLU C 179 -23.78 15.16 -35.66
N LEU C 180 -22.90 16.14 -35.50
CA LEU C 180 -23.20 17.31 -34.68
C LEU C 180 -22.58 18.54 -35.34
N THR C 181 -23.10 19.70 -34.98
CA THR C 181 -22.42 20.97 -35.26
C THR C 181 -21.52 21.32 -34.09
N TYR C 182 -20.50 22.14 -34.38
CA TYR C 182 -19.64 22.67 -33.31
C TYR C 182 -20.45 23.28 -32.19
N LEU C 183 -21.41 24.17 -32.53
CA LEU C 183 -22.22 24.82 -31.49
C LEU C 183 -23.06 23.81 -30.72
N GLU C 184 -23.56 22.79 -31.41
CA GLU C 184 -24.34 21.77 -30.71
C GLU C 184 -23.49 21.10 -29.62
N VAL C 185 -22.20 20.89 -29.90
CA VAL C 185 -21.34 20.29 -28.89
C VAL C 185 -21.24 21.22 -27.69
N LEU C 186 -21.00 22.50 -27.93
CA LEU C 186 -20.88 23.46 -26.84
C LEU C 186 -22.19 23.63 -26.09
N ASN C 187 -23.30 23.81 -26.80
CA ASN C 187 -24.56 24.07 -26.12
C ASN C 187 -25.05 22.87 -25.31
N ARG C 188 -24.83 21.65 -25.78
CA ARG C 188 -25.20 20.48 -25.00
C ARG C 188 -24.18 20.16 -23.92
N GLY C 189 -23.10 20.93 -23.81
CA GLY C 189 -22.15 20.69 -22.75
C GLY C 189 -21.54 19.30 -22.73
N LEU C 190 -21.30 18.73 -23.91
CA LEU C 190 -20.62 17.44 -23.99
C LEU C 190 -19.14 17.58 -23.66
N GLN C 191 -18.59 16.55 -23.00
CA GLN C 191 -17.23 16.55 -22.48
C GLN C 191 -16.31 15.60 -23.24
N VAL C 192 -16.54 15.43 -24.55
CA VAL C 192 -15.71 14.55 -25.35
C VAL C 192 -14.32 15.15 -25.61
N MET C 193 -14.21 16.48 -25.70
CA MET C 193 -12.93 17.13 -25.98
C MET C 193 -12.97 18.58 -25.53
N ASP C 194 -11.78 19.16 -25.41
CA ASP C 194 -11.64 20.60 -25.19
C ASP C 194 -12.65 21.39 -26.00
N THR C 195 -13.41 22.24 -25.30
CA THR C 195 -14.24 23.21 -26.02
C THR C 195 -13.37 24.15 -26.83
N THR C 196 -12.15 24.42 -26.36
CA THR C 196 -11.19 25.20 -27.14
C THR C 196 -10.77 24.48 -28.43
N ALA C 197 -10.64 23.16 -28.38
CA ALA C 197 -10.35 22.43 -29.61
C ALA C 197 -11.55 22.47 -30.55
N ILE C 198 -12.77 22.43 -29.99
CA ILE C 198 -13.97 22.57 -30.81
C ILE C 198 -13.96 23.89 -31.56
N THR C 199 -13.76 25.01 -30.84
CA THR C 199 -13.89 26.32 -31.49
C THR C 199 -12.75 26.59 -32.48
N LEU C 200 -11.56 26.06 -32.22
CA LEU C 200 -10.50 26.22 -33.20
C LEU C 200 -10.88 25.59 -34.53
N CYS C 201 -11.36 24.34 -34.50
CA CYS C 201 -11.81 23.71 -35.74
C CYS C 201 -13.01 24.43 -36.32
N MET C 202 -13.90 24.94 -35.47
CA MET C 202 -15.08 25.66 -35.95
C MET C 202 -14.66 26.89 -36.75
N GLU C 203 -13.72 27.66 -36.23
CA GLU C 203 -13.27 28.87 -36.92
C GLU C 203 -12.71 28.56 -38.30
N ALA C 204 -12.17 27.37 -38.50
CA ALA C 204 -11.53 27.01 -39.76
C ALA C 204 -12.39 26.14 -40.67
N GLY C 205 -13.57 25.74 -40.22
CA GLY C 205 -14.32 24.74 -40.95
C GLY C 205 -13.60 23.40 -41.04
N LEU C 206 -12.82 23.06 -40.03
CA LEU C 206 -12.09 21.81 -40.04
C LEU C 206 -12.93 20.72 -39.37
N PRO C 207 -13.32 19.68 -40.09
CA PRO C 207 -14.16 18.64 -39.49
C PRO C 207 -13.40 17.74 -38.51
N ILE C 208 -14.16 17.13 -37.60
CA ILE C 208 -13.67 16.22 -36.58
C ILE C 208 -14.48 14.93 -36.64
N VAL C 209 -13.81 13.78 -36.60
CA VAL C 209 -14.48 12.47 -36.48
C VAL C 209 -14.03 11.81 -35.20
N VAL C 210 -14.98 11.54 -34.30
CA VAL C 210 -14.72 10.82 -33.05
C VAL C 210 -15.04 9.36 -33.28
N PHE C 211 -14.08 8.48 -33.03
CA PHE C 211 -14.23 7.09 -33.40
C PHE C 211 -13.38 6.22 -32.48
N ASP C 212 -13.57 4.90 -32.64
CA ASP C 212 -12.88 3.88 -31.85
C ASP C 212 -11.76 3.30 -32.71
N ILE C 213 -10.51 3.59 -32.36
CA ILE C 213 -9.41 3.11 -33.21
C ILE C 213 -9.25 1.60 -33.11
N PHE C 214 -9.75 0.97 -32.05
CA PHE C 214 -9.62 -0.47 -31.90
C PHE C 214 -10.83 -1.23 -32.38
N LYS C 215 -11.75 -0.58 -33.10
CA LYS C 215 -12.74 -1.31 -33.88
C LYS C 215 -12.08 -1.62 -35.22
N PRO C 216 -11.76 -2.87 -35.52
CA PRO C 216 -11.00 -3.18 -36.73
C PRO C 216 -11.63 -2.55 -37.97
N GLY C 217 -10.79 -1.93 -38.80
CA GLY C 217 -11.25 -1.29 -40.01
C GLY C 217 -11.81 0.11 -39.84
N ALA C 218 -12.07 0.58 -38.61
CA ALA C 218 -12.66 1.90 -38.44
C ALA C 218 -11.75 2.98 -39.03
N LEU C 219 -10.49 3.04 -38.56
CA LEU C 219 -9.57 4.08 -39.02
C LEU C 219 -9.43 4.04 -40.53
N VAL C 220 -9.14 2.86 -41.09
CA VAL C 220 -8.96 2.75 -42.53
C VAL C 220 -10.27 3.09 -43.26
N GLY C 221 -11.40 2.67 -42.68
CA GLY C 221 -12.71 3.04 -43.18
C GLY C 221 -12.85 4.54 -43.37
N ILE C 222 -12.66 5.30 -42.28
CA ILE C 222 -12.75 6.76 -42.34
C ILE C 222 -11.86 7.31 -43.45
N ILE C 223 -10.63 6.81 -43.54
CA ILE C 223 -9.71 7.33 -44.56
C ILE C 223 -10.26 7.05 -45.95
N GLN C 224 -10.89 5.89 -46.13
CA GLN C 224 -11.39 5.52 -47.45
C GLN C 224 -12.73 6.16 -47.80
N GLY C 225 -13.45 6.71 -46.82
CA GLY C 225 -14.69 7.39 -47.14
C GLY C 225 -15.91 6.80 -46.48
N GLU C 226 -15.75 5.84 -45.56
CA GLU C 226 -16.91 5.26 -44.92
C GLU C 226 -17.39 6.14 -43.77
N LYS C 227 -18.65 5.94 -43.41
CA LYS C 227 -19.28 6.64 -42.30
C LYS C 227 -18.95 5.86 -41.03
N VAL C 228 -18.09 6.42 -40.20
CA VAL C 228 -17.67 5.77 -38.96
C VAL C 228 -17.70 6.82 -37.86
N GLY C 229 -18.24 6.45 -36.71
CA GLY C 229 -18.23 7.35 -35.57
C GLY C 229 -19.15 8.57 -35.73
N THR C 230 -18.76 9.65 -35.07
CA THR C 230 -19.53 10.88 -35.06
C THR C 230 -18.75 11.97 -35.78
N LEU C 231 -19.40 12.62 -36.74
CA LEU C 231 -18.82 13.73 -37.46
C LEU C 231 -19.26 15.04 -36.81
N ILE C 232 -18.30 15.87 -36.44
CA ILE C 232 -18.56 17.21 -35.93
C ILE C 232 -18.15 18.20 -37.02
N HIS C 233 -19.10 19.01 -37.48
CA HIS C 233 -18.79 19.93 -38.58
C HIS C 233 -19.73 21.13 -38.67
N MET D 1 20.28 -21.25 20.57
CA MET D 1 18.95 -21.16 19.97
C MET D 1 17.90 -20.84 21.04
N LYS D 2 17.41 -19.59 21.02
CA LYS D 2 16.54 -19.12 22.09
C LYS D 2 15.14 -19.70 21.98
N TYR D 3 14.61 -19.80 20.77
CA TYR D 3 13.26 -20.28 20.54
C TYR D 3 13.29 -21.58 19.76
N LYS D 4 12.45 -22.53 20.17
CA LYS D 4 12.31 -23.79 19.42
C LYS D 4 11.05 -23.82 18.54
N ARG D 5 10.06 -22.98 18.84
CA ARG D 5 8.86 -22.89 18.02
C ARG D 5 8.39 -21.44 18.00
N VAL D 6 8.15 -20.90 16.80
CA VAL D 6 7.77 -19.49 16.65
C VAL D 6 6.60 -19.40 15.69
N LEU D 7 5.84 -18.31 15.85
CA LEU D 7 4.82 -17.94 14.88
C LEU D 7 5.27 -16.64 14.21
N LEU D 8 5.37 -16.68 12.89
CA LEU D 8 5.87 -15.58 12.09
C LEU D 8 4.69 -14.96 11.35
N LYS D 9 4.36 -13.71 11.66
CA LYS D 9 3.28 -13.02 10.96
C LYS D 9 3.84 -12.22 9.79
N LEU D 10 3.32 -12.47 8.59
CA LEU D 10 3.77 -11.86 7.35
C LEU D 10 2.65 -11.01 6.74
N SER D 11 3.01 -9.84 6.25
CA SER D 11 2.05 -9.04 5.49
C SER D 11 1.93 -9.55 4.07
N GLY D 12 0.72 -9.45 3.51
CA GLY D 12 0.55 -9.80 2.12
C GLY D 12 1.37 -8.95 1.16
N GLU D 13 1.79 -7.75 1.59
CA GLU D 13 2.62 -6.92 0.73
C GLU D 13 3.96 -7.56 0.41
N PHE D 14 4.41 -8.51 1.22
CA PHE D 14 5.72 -9.11 0.94
C PHE D 14 5.71 -9.95 -0.32
N LEU D 15 4.53 -10.22 -0.89
CA LEU D 15 4.47 -10.98 -2.12
C LEU D 15 4.49 -10.07 -3.35
N THR D 16 4.75 -8.78 -3.16
CA THR D 16 4.80 -7.85 -4.27
C THR D 16 5.91 -6.84 -4.02
N ARG D 17 6.52 -6.39 -5.11
CA ARG D 17 7.44 -5.27 -5.09
C ARG D 17 6.83 -4.01 -5.67
N ASN D 18 5.60 -4.10 -6.23
CA ASN D 18 4.89 -3.01 -6.87
C ASN D 18 3.52 -2.76 -6.26
N GLY D 19 3.41 -2.68 -4.93
CA GLY D 19 2.12 -2.39 -4.31
C GLY D 19 1.05 -3.48 -4.33
N PHE D 20 0.54 -3.83 -5.52
CA PHE D 20 -0.58 -4.75 -5.72
C PHE D 20 -0.12 -6.08 -6.31
N GLY D 21 -0.90 -7.15 -6.05
CA GLY D 21 -0.77 -8.42 -6.74
C GLY D 21 0.10 -9.43 -6.02
N ILE D 22 0.27 -10.58 -6.67
CA ILE D 22 1.23 -11.60 -6.28
C ILE D 22 2.27 -11.70 -7.39
N GLU D 23 3.54 -11.51 -7.04
CA GLU D 23 4.60 -11.52 -8.02
C GLU D 23 5.62 -12.62 -7.69
N PRO D 24 6.05 -13.37 -8.70
CA PRO D 24 6.97 -14.49 -8.41
C PRO D 24 8.29 -14.06 -7.78
N GLU D 25 8.90 -12.96 -8.21
CA GLU D 25 10.22 -12.61 -7.67
C GLU D 25 10.13 -12.20 -6.21
N ALA D 26 9.16 -11.38 -5.85
CA ALA D 26 8.95 -11.04 -4.44
C ALA D 26 8.60 -12.29 -3.62
N THR D 27 7.74 -13.17 -4.14
CA THR D 27 7.36 -14.35 -3.38
C THR D 27 8.56 -15.26 -3.15
N GLN D 28 9.35 -15.46 -4.19
CA GLN D 28 10.58 -16.23 -4.07
C GLN D 28 11.52 -15.63 -3.04
N ALA D 29 11.61 -14.30 -2.98
CA ALA D 29 12.51 -13.66 -2.03
C ALA D 29 12.04 -13.89 -0.61
N LEU D 30 10.73 -13.69 -0.38
CA LEU D 30 10.13 -14.01 0.91
C LEU D 30 10.36 -15.47 1.29
N ALA D 31 10.23 -16.38 0.32
CA ALA D 31 10.50 -17.79 0.61
C ALA D 31 11.95 -18.02 1.00
N ARG D 32 12.87 -17.27 0.39
CA ARG D 32 14.28 -17.46 0.72
C ARG D 32 14.55 -17.03 2.15
N GLU D 33 13.96 -15.90 2.56
CA GLU D 33 14.09 -15.48 3.95
C GLU D 33 13.50 -16.53 4.89
N ILE D 34 12.37 -17.12 4.51
CA ILE D 34 11.74 -18.12 5.36
C ILE D 34 12.60 -19.38 5.43
N LYS D 35 13.15 -19.80 4.28
CA LYS D 35 14.01 -20.98 4.30
C LYS D 35 15.23 -20.78 5.20
N ALA D 36 15.77 -19.56 5.26
CA ALA D 36 16.91 -19.32 6.16
C ALA D 36 16.53 -19.58 7.61
N ALA D 37 15.34 -19.09 8.01
CA ALA D 37 14.81 -19.40 9.34
C ALA D 37 14.60 -20.90 9.52
N TYR D 38 13.97 -21.53 8.52
CA TYR D 38 13.70 -22.97 8.62
C TYR D 38 14.99 -23.75 8.78
N ASP D 39 16.07 -23.32 8.12
CA ASP D 39 17.33 -24.06 8.20
C ASP D 39 17.99 -23.98 9.57
N THR D 40 17.56 -23.08 10.46
CA THR D 40 18.05 -23.09 11.84
C THR D 40 17.54 -24.28 12.65
N GLY D 41 16.55 -25.02 12.15
CA GLY D 41 15.92 -26.06 12.93
C GLY D 41 14.72 -25.62 13.73
N VAL D 42 14.39 -24.32 13.74
CA VAL D 42 13.22 -23.88 14.46
C VAL D 42 11.96 -24.51 13.84
N GLN D 43 10.93 -24.67 14.65
CA GLN D 43 9.62 -25.06 14.17
C GLN D 43 8.84 -23.79 13.86
N LEU D 44 8.27 -23.74 12.66
CA LEU D 44 7.83 -22.49 12.08
C LEU D 44 6.38 -22.57 11.64
N ALA D 45 5.54 -21.71 12.19
CA ALA D 45 4.19 -21.49 11.71
C ALA D 45 4.07 -20.06 11.24
N ILE D 46 3.23 -19.84 10.23
CA ILE D 46 3.10 -18.55 9.57
C ILE D 46 1.64 -18.17 9.51
N VAL D 47 1.35 -16.89 9.73
CA VAL D 47 0.06 -16.29 9.41
C VAL D 47 0.32 -15.22 8.37
N ILE D 48 -0.43 -15.26 7.27
CA ILE D 48 -0.18 -14.42 6.11
C ILE D 48 -1.37 -13.49 5.92
N GLY D 49 -1.08 -12.21 5.63
CA GLY D 49 -2.11 -11.21 5.41
C GLY D 49 -2.48 -11.08 3.94
N ALA D 50 -3.20 -9.99 3.64
CA ALA D 50 -3.89 -9.84 2.36
C ALA D 50 -3.71 -8.46 1.71
N GLY D 51 -2.87 -7.59 2.27
CA GLY D 51 -2.84 -6.19 1.85
C GLY D 51 -2.41 -5.98 0.41
N ASN D 52 -1.76 -6.96 -0.21
CA ASN D 52 -1.38 -6.90 -1.61
C ASN D 52 -2.54 -7.10 -2.57
N LEU D 53 -3.68 -7.56 -2.07
CA LEU D 53 -4.84 -7.87 -2.89
C LEU D 53 -6.11 -7.16 -2.48
N TRP D 54 -6.22 -6.70 -1.24
CA TRP D 54 -7.47 -6.18 -0.71
C TRP D 54 -7.17 -5.22 0.42
N ARG D 55 -7.75 -4.02 0.37
CA ARG D 55 -7.46 -3.00 1.37
C ARG D 55 -8.66 -2.62 2.23
N GLY D 56 -9.79 -3.27 2.05
CA GLY D 56 -10.94 -3.05 2.90
C GLY D 56 -12.12 -2.50 2.15
N ALA D 57 -13.12 -2.06 2.93
CA ALA D 57 -14.39 -1.61 2.36
C ALA D 57 -14.28 -0.35 1.50
N ARG D 58 -13.14 0.36 1.51
CA ARG D 58 -13.00 1.50 0.61
C ARG D 58 -13.11 1.06 -0.84
N GLN D 59 -12.67 -0.17 -1.15
CA GLN D 59 -12.75 -0.70 -2.51
C GLN D 59 -14.15 -1.17 -2.87
N GLY D 60 -15.06 -1.25 -1.90
CA GLY D 60 -16.41 -1.71 -2.17
C GLY D 60 -17.35 -0.54 -2.42
N VAL D 61 -18.58 -0.87 -2.78
CA VAL D 61 -19.64 0.11 -2.86
C VAL D 61 -20.80 -0.42 -2.01
N GLY D 62 -21.18 0.36 -1.00
CA GLY D 62 -22.18 -0.07 -0.03
C GLY D 62 -21.78 -1.31 0.74
N MET D 63 -20.51 -1.41 1.14
CA MET D 63 -19.94 -2.66 1.65
C MET D 63 -19.78 -2.60 3.16
N ASP D 64 -20.39 -3.57 3.86
CA ASP D 64 -20.15 -3.81 5.29
C ASP D 64 -18.66 -4.04 5.57
N ARG D 65 -18.24 -3.63 6.76
CA ARG D 65 -16.91 -4.03 7.24
C ARG D 65 -16.78 -5.55 7.30
N ALA D 66 -17.84 -6.25 7.74
CA ALA D 66 -17.74 -7.71 7.84
C ALA D 66 -17.57 -8.35 6.48
N THR D 67 -18.32 -7.89 5.48
CA THR D 67 -18.14 -8.42 4.12
C THR D 67 -16.74 -8.17 3.64
N ALA D 68 -16.22 -6.96 3.87
CA ALA D 68 -14.87 -6.64 3.42
C ALA D 68 -13.86 -7.54 4.13
N ASP D 69 -14.11 -7.87 5.38
CA ASP D 69 -13.25 -8.78 6.11
C ASP D 69 -13.27 -10.18 5.52
N TYR D 70 -14.45 -10.68 5.15
CA TYR D 70 -14.51 -11.99 4.51
C TYR D 70 -13.74 -11.99 3.19
N ILE D 71 -13.88 -10.91 2.40
CA ILE D 71 -13.14 -10.82 1.16
C ILE D 71 -11.64 -10.90 1.42
N GLY D 72 -11.18 -10.21 2.48
CA GLY D 72 -9.77 -10.28 2.85
C GLY D 72 -9.33 -11.66 3.29
N MET D 73 -10.21 -12.42 3.95
CA MET D 73 -9.86 -13.77 4.33
C MET D 73 -9.60 -14.64 3.11
N LEU D 74 -10.43 -14.48 2.06
CA LEU D 74 -10.17 -15.20 0.80
C LEU D 74 -8.82 -14.80 0.22
N ALA D 75 -8.47 -13.52 0.27
CA ALA D 75 -7.18 -13.07 -0.24
C ALA D 75 -6.02 -13.71 0.52
N THR D 76 -6.13 -13.84 1.85
CA THR D 76 -5.05 -14.50 2.58
C THR D 76 -4.85 -15.93 2.09
N ILE D 77 -5.92 -16.63 1.72
CA ILE D 77 -5.74 -18.00 1.28
C ILE D 77 -5.02 -18.03 -0.06
N MET D 78 -5.38 -17.14 -0.98
CA MET D 78 -4.63 -17.00 -2.23
C MET D 78 -3.13 -16.83 -1.96
N ASN D 79 -2.79 -15.93 -1.03
CA ASN D 79 -1.38 -15.73 -0.71
C ASN D 79 -0.76 -16.98 -0.08
N ALA D 80 -1.48 -17.61 0.85
CA ALA D 80 -0.95 -18.82 1.48
C ALA D 80 -0.61 -19.86 0.42
N LEU D 81 -1.51 -20.05 -0.57
CA LEU D 81 -1.25 -21.04 -1.60
C LEU D 81 -0.04 -20.65 -2.44
N ALA D 82 0.09 -19.35 -2.75
CA ALA D 82 1.25 -18.89 -3.49
C ALA D 82 2.53 -19.08 -2.69
N LEU D 83 2.51 -18.70 -1.41
CA LEU D 83 3.71 -18.86 -0.60
C LEU D 83 4.08 -20.34 -0.43
N GLN D 84 3.08 -21.22 -0.25
CA GLN D 84 3.40 -22.64 -0.14
C GLN D 84 4.15 -23.14 -1.37
N ASP D 85 3.69 -22.79 -2.57
CA ASP D 85 4.37 -23.28 -3.77
C ASP D 85 5.79 -22.76 -3.86
N ALA D 86 6.01 -21.51 -3.45
CA ALA D 86 7.36 -20.96 -3.48
C ALA D 86 8.26 -21.73 -2.52
N LEU D 87 7.78 -21.94 -1.28
CA LEU D 87 8.57 -22.69 -0.32
C LEU D 87 8.82 -24.11 -0.79
N GLU D 88 7.82 -24.74 -1.40
CA GLU D 88 8.00 -26.11 -1.86
C GLU D 88 9.01 -26.17 -3.01
N SER D 89 9.03 -25.15 -3.87
CA SER D 89 10.01 -25.13 -4.94
C SER D 89 11.45 -25.00 -4.42
N LEU D 90 11.65 -24.53 -3.18
CA LEU D 90 12.96 -24.54 -2.55
C LEU D 90 13.21 -25.80 -1.73
N GLY D 91 12.29 -26.76 -1.74
CA GLY D 91 12.48 -27.99 -1.00
C GLY D 91 12.02 -27.97 0.44
N VAL D 92 11.33 -26.93 0.89
CA VAL D 92 10.86 -26.84 2.27
C VAL D 92 9.50 -27.50 2.37
N PRO D 93 9.32 -28.55 3.17
CA PRO D 93 8.00 -29.16 3.30
C PRO D 93 7.04 -28.20 3.98
N THR D 94 5.85 -28.02 3.39
CA THR D 94 4.93 -26.96 3.78
C THR D 94 3.49 -27.47 3.70
N ARG D 95 2.68 -27.02 4.65
CA ARG D 95 1.27 -27.36 4.76
C ARG D 95 0.48 -26.07 4.98
N VAL D 96 -0.68 -25.97 4.36
CA VAL D 96 -1.58 -24.81 4.52
C VAL D 96 -2.83 -25.27 5.26
N GLN D 97 -3.21 -24.56 6.30
CA GLN D 97 -4.51 -24.75 6.93
C GLN D 97 -5.28 -23.45 6.85
N THR D 98 -6.58 -23.54 6.55
CA THR D 98 -7.39 -22.34 6.37
C THR D 98 -8.47 -22.29 7.45
N ALA D 99 -8.76 -21.07 7.92
CA ALA D 99 -9.76 -20.90 8.95
C ALA D 99 -11.16 -21.07 8.38
N LEU D 100 -11.35 -20.73 7.11
CA LEU D 100 -12.54 -21.11 6.37
C LEU D 100 -12.28 -22.45 5.69
N THR D 101 -13.22 -23.37 5.80
CA THR D 101 -13.01 -24.71 5.25
C THR D 101 -13.29 -24.70 3.76
N ILE D 102 -12.26 -25.04 2.97
CA ILE D 102 -12.34 -25.17 1.52
C ILE D 102 -11.59 -26.45 1.16
N THR D 103 -12.29 -27.58 1.23
CA THR D 103 -11.67 -28.91 1.17
C THR D 103 -10.72 -29.08 -0.01
N GLN D 104 -11.15 -28.64 -1.20
CA GLN D 104 -10.38 -28.89 -2.41
C GLN D 104 -9.06 -28.14 -2.45
N VAL D 105 -8.93 -27.09 -1.64
CA VAL D 105 -7.86 -26.12 -1.80
C VAL D 105 -6.76 -26.28 -0.74
N ALA D 106 -7.14 -26.68 0.47
CA ALA D 106 -6.19 -26.77 1.57
C ALA D 106 -6.87 -27.48 2.72
N GLU D 107 -6.07 -28.00 3.62
CA GLU D 107 -6.71 -28.64 4.74
C GLU D 107 -7.28 -27.58 5.70
N PRO D 108 -8.35 -27.89 6.41
CA PRO D 108 -8.92 -26.91 7.34
C PRO D 108 -8.10 -26.78 8.61
N TYR D 109 -8.32 -25.68 9.34
CA TYR D 109 -7.62 -25.53 10.61
C TYR D 109 -8.07 -26.62 11.57
N ILE D 110 -7.14 -27.50 11.93
CA ILE D 110 -7.36 -28.54 12.93
C ILE D 110 -6.12 -28.54 13.82
N ARG D 111 -6.31 -28.25 15.12
CA ARG D 111 -5.17 -27.98 16.00
C ARG D 111 -4.24 -29.18 16.09
N ARG D 112 -4.78 -30.39 16.30
CA ARG D 112 -3.92 -31.55 16.48
C ARG D 112 -3.15 -31.89 15.20
N ARG D 113 -3.74 -31.63 14.03
CA ARG D 113 -3.00 -31.83 12.80
C ARG D 113 -1.88 -30.80 12.66
N ALA D 114 -2.15 -29.54 13.05
CA ALA D 114 -1.13 -28.51 12.97
C ALA D 114 0.08 -28.87 13.84
N LEU D 115 -0.17 -29.25 15.11
CA LEU D 115 0.91 -29.70 15.98
C LEU D 115 1.69 -30.89 15.38
N ARG D 116 0.99 -31.85 14.76
CA ARG D 116 1.71 -32.98 14.16
C ARG D 116 2.58 -32.51 13.00
N HIS D 117 2.07 -31.56 12.20
CA HIS D 117 2.87 -31.05 11.09
C HIS D 117 4.14 -30.40 11.60
N LEU D 118 4.03 -29.54 12.62
CA LEU D 118 5.23 -28.90 13.17
C LEU D 118 6.18 -29.92 13.76
N GLU D 119 5.64 -30.96 14.40
CA GLU D 119 6.50 -32.00 14.96
C GLU D 119 7.24 -32.75 13.87
N LYS D 120 6.64 -32.88 12.70
CA LYS D 120 7.29 -33.52 11.57
C LYS D 120 8.16 -32.55 10.76
N GLU D 121 8.46 -31.37 11.31
CA GLU D 121 9.38 -30.41 10.69
C GLU D 121 8.84 -29.89 9.35
N ARG D 122 7.54 -29.67 9.30
CA ARG D 122 6.91 -28.99 8.18
C ARG D 122 6.52 -27.59 8.61
N ILE D 123 6.68 -26.63 7.71
CA ILE D 123 6.13 -25.30 7.94
C ILE D 123 4.62 -25.37 7.77
N VAL D 124 3.88 -24.78 8.70
CA VAL D 124 2.44 -24.64 8.59
C VAL D 124 2.13 -23.18 8.30
N ILE D 125 1.50 -22.91 7.17
CA ILE D 125 1.00 -21.58 6.83
C ILE D 125 -0.49 -21.54 7.14
N PHE D 126 -0.89 -20.58 7.98
CA PHE D 126 -2.29 -20.38 8.34
C PHE D 126 -2.91 -19.29 7.47
N GLY D 127 -3.89 -19.68 6.65
CA GLY D 127 -4.65 -18.70 5.90
C GLY D 127 -6.06 -18.52 6.41
N GLY D 128 -6.73 -17.45 6.02
CA GLY D 128 -8.10 -17.22 6.42
C GLY D 128 -8.28 -16.44 7.71
N GLY D 129 -7.20 -15.87 8.25
CA GLY D 129 -7.31 -15.25 9.55
C GLY D 129 -7.79 -16.25 10.59
N THR D 130 -8.75 -15.81 11.41
CA THR D 130 -9.44 -16.67 12.34
C THR D 130 -10.78 -17.14 11.81
N GLY D 131 -11.16 -16.67 10.63
CA GLY D 131 -12.50 -16.90 10.13
C GLY D 131 -13.55 -15.96 10.67
N ASN D 132 -13.22 -15.09 11.63
CA ASN D 132 -14.15 -14.08 12.16
C ASN D 132 -13.81 -12.70 11.64
N PRO D 133 -14.79 -11.94 11.15
CA PRO D 133 -14.57 -10.51 10.93
C PRO D 133 -14.18 -9.81 12.23
N PHE D 134 -13.62 -8.61 12.08
CA PHE D 134 -13.21 -7.76 13.20
C PHE D 134 -12.01 -8.33 13.94
N PHE D 135 -11.64 -9.57 13.62
CA PHE D 135 -10.35 -10.14 14.01
C PHE D 135 -9.38 -9.87 12.86
N SER D 136 -8.28 -9.19 13.15
CA SER D 136 -7.29 -8.85 12.13
C SER D 136 -6.24 -9.98 11.98
N THR D 137 -5.42 -9.84 10.95
CA THR D 137 -4.29 -10.75 10.78
C THR D 137 -3.35 -10.74 11.97
N ASP D 138 -3.18 -9.58 12.61
CA ASP D 138 -2.38 -9.53 13.84
C ASP D 138 -2.99 -10.45 14.90
N THR D 139 -4.30 -10.31 15.11
CA THR D 139 -5.00 -11.15 16.08
C THR D 139 -4.92 -12.63 15.70
N ALA D 140 -5.03 -12.96 14.41
CA ALA D 140 -4.91 -14.35 14.00
C ALA D 140 -3.54 -14.91 14.34
N ALA D 141 -2.50 -14.10 14.17
CA ALA D 141 -1.16 -14.54 14.53
C ALA D 141 -1.04 -14.77 16.03
N ALA D 142 -1.63 -13.89 16.83
CA ALA D 142 -1.62 -14.10 18.28
C ALA D 142 -2.40 -15.35 18.65
N LEU D 143 -3.60 -15.52 18.08
CA LEU D 143 -4.38 -16.70 18.38
C LEU D 143 -3.65 -17.96 17.94
N ARG D 144 -3.17 -17.99 16.70
CA ARG D 144 -2.52 -19.19 16.20
C ARG D 144 -1.24 -19.49 16.97
N ALA D 145 -0.56 -18.46 17.47
CA ALA D 145 0.62 -18.67 18.31
C ALA D 145 0.27 -19.45 19.57
N LEU D 146 -0.78 -18.99 20.28
CA LEU D 146 -1.24 -19.71 21.44
C LEU D 146 -1.67 -21.14 21.08
N GLU D 147 -2.39 -21.29 19.96
CA GLU D 147 -2.93 -22.60 19.62
C GLU D 147 -1.84 -23.62 19.31
N VAL D 148 -0.71 -23.21 18.72
CA VAL D 148 0.34 -24.17 18.42
C VAL D 148 1.43 -24.19 19.47
N GLY D 149 1.27 -23.45 20.56
CA GLY D 149 2.29 -23.42 21.59
C GLY D 149 3.60 -22.78 21.17
N ALA D 150 3.53 -21.75 20.31
CA ALA D 150 4.72 -20.98 19.97
C ALA D 150 5.22 -20.20 21.18
N GLU D 151 6.53 -19.98 21.23
CA GLU D 151 7.09 -19.24 22.35
C GLU D 151 7.10 -17.73 22.15
N VAL D 152 6.82 -17.25 20.94
CA VAL D 152 6.91 -15.83 20.62
C VAL D 152 6.19 -15.58 19.30
N VAL D 153 5.53 -14.43 19.17
CA VAL D 153 4.98 -13.97 17.89
C VAL D 153 5.97 -13.02 17.25
N LEU D 154 6.46 -13.38 16.06
CA LEU D 154 7.37 -12.53 15.29
C LEU D 154 6.53 -11.72 14.30
N MET D 155 6.35 -10.44 14.60
CA MET D 155 5.55 -9.56 13.74
C MET D 155 6.47 -8.89 12.73
N ALA D 156 6.64 -9.53 11.57
CA ALA D 156 7.43 -8.96 10.49
C ALA D 156 6.64 -7.80 9.91
N LYS D 157 7.06 -6.59 10.22
CA LYS D 157 6.36 -5.42 9.75
C LYS D 157 6.97 -4.98 8.42
N ASN D 158 6.11 -4.39 7.59
CA ASN D 158 6.48 -3.95 6.25
C ASN D 158 7.26 -2.65 6.38
N LYS D 159 8.54 -2.68 6.02
CA LYS D 159 9.41 -1.51 5.88
C LYS D 159 9.92 -0.94 7.21
N VAL D 160 9.47 -1.44 8.37
CA VAL D 160 9.84 -0.89 9.67
C VAL D 160 10.57 -1.95 10.47
N ASP D 161 11.48 -1.52 11.35
CA ASP D 161 12.36 -2.46 12.07
C ASP D 161 12.09 -2.50 13.57
N GLY D 162 10.96 -1.98 14.03
CA GLY D 162 10.65 -1.98 15.45
C GLY D 162 9.42 -1.14 15.70
N VAL D 163 9.19 -0.85 16.97
CA VAL D 163 8.08 0.03 17.36
C VAL D 163 8.66 1.40 17.67
N TYR D 164 7.97 2.44 17.22
CA TYR D 164 8.45 3.80 17.31
C TYR D 164 7.44 4.64 18.07
N SER D 165 7.88 5.82 18.50
CA SER D 165 6.98 6.78 19.13
C SER D 165 5.88 7.25 18.19
N ASP D 166 6.10 7.15 16.88
CA ASP D 166 5.13 7.56 15.87
C ASP D 166 5.38 6.70 14.66
N ASP D 167 4.50 6.80 13.66
CA ASP D 167 4.78 6.15 12.39
C ASP D 167 6.12 6.67 11.82
N PRO D 168 7.13 5.80 11.74
CA PRO D 168 8.47 6.28 11.38
C PRO D 168 8.60 6.65 9.91
N ARG D 169 7.80 6.05 9.03
CA ARG D 169 7.84 6.43 7.63
C ARG D 169 7.48 7.89 7.44
N LYS D 170 6.63 8.45 8.31
CA LYS D 170 6.13 9.81 8.20
C LYS D 170 6.79 10.79 9.18
N ASN D 171 7.74 10.34 10.01
CA ASN D 171 8.33 11.20 11.03
C ASN D 171 9.81 10.92 11.15
N PRO D 172 10.64 11.76 10.53
CA PRO D 172 12.10 11.61 10.69
C PRO D 172 12.59 11.69 12.13
N GLU D 173 11.75 12.09 13.09
CA GLU D 173 12.18 12.28 14.47
C GLU D 173 11.67 11.19 15.41
N ALA D 174 10.96 10.19 14.88
CA ALA D 174 10.44 9.11 15.70
C ALA D 174 11.60 8.33 16.31
N VAL D 175 11.39 7.84 17.53
CA VAL D 175 12.40 7.07 18.24
C VAL D 175 11.93 5.63 18.38
N ARG D 176 12.84 4.69 18.18
CA ARG D 176 12.57 3.28 18.39
C ARG D 176 12.68 2.92 19.87
N PHE D 177 11.74 2.08 20.31
CA PHE D 177 11.79 1.47 21.64
C PHE D 177 12.46 0.11 21.53
N ASP D 178 13.46 -0.14 22.38
CA ASP D 178 14.02 -1.48 22.48
C ASP D 178 13.01 -2.45 23.06
N GLU D 179 12.21 -1.98 24.02
CA GLU D 179 11.33 -2.80 24.85
C GLU D 179 10.11 -1.99 25.25
N LEU D 180 8.96 -2.66 25.26
CA LEU D 180 7.73 -2.05 25.75
C LEU D 180 6.93 -3.10 26.48
N THR D 181 6.05 -2.65 27.35
CA THR D 181 5.02 -3.50 27.93
C THR D 181 3.77 -3.44 27.07
N TYR D 182 2.94 -4.46 27.21
CA TYR D 182 1.65 -4.45 26.53
C TYR D 182 0.89 -3.15 26.81
N LEU D 183 0.80 -2.75 28.09
CA LEU D 183 -0.01 -1.59 28.44
C LEU D 183 0.60 -0.29 27.92
N GLU D 184 1.93 -0.22 27.82
CA GLU D 184 2.54 0.97 27.25
C GLU D 184 2.11 1.14 25.80
N VAL D 185 2.09 0.05 25.03
CA VAL D 185 1.64 0.13 23.64
C VAL D 185 0.20 0.63 23.59
N LEU D 186 -0.66 0.07 24.45
CA LEU D 186 -2.05 0.50 24.46
C LEU D 186 -2.19 1.95 24.90
N ASN D 187 -1.47 2.36 25.95
CA ASN D 187 -1.65 3.71 26.47
C ASN D 187 -1.10 4.77 25.52
N ARG D 188 0.03 4.48 24.88
CA ARG D 188 0.59 5.44 23.93
C ARG D 188 -0.18 5.49 22.62
N GLY D 189 -1.21 4.66 22.45
CA GLY D 189 -1.97 4.64 21.22
C GLY D 189 -1.18 4.28 19.98
N LEU D 190 -0.07 3.55 20.11
CA LEU D 190 0.74 3.20 18.94
C LEU D 190 -0.03 2.28 17.99
N GLN D 191 0.15 2.49 16.69
CA GLN D 191 -0.59 1.76 15.66
C GLN D 191 0.24 0.67 15.01
N VAL D 192 1.06 -0.06 15.75
CA VAL D 192 1.90 -1.06 15.11
C VAL D 192 1.13 -2.35 14.87
N MET D 193 0.23 -2.71 15.78
CA MET D 193 -0.56 -3.90 15.60
C MET D 193 -1.87 -3.75 16.34
N ASP D 194 -2.83 -4.59 15.98
CA ASP D 194 -4.16 -4.52 16.58
C ASP D 194 -4.08 -4.60 18.10
N THR D 195 -4.82 -3.71 18.77
CA THR D 195 -4.83 -3.71 20.23
C THR D 195 -5.38 -5.01 20.79
N THR D 196 -6.26 -5.70 20.03
CA THR D 196 -6.80 -6.97 20.50
C THR D 196 -5.77 -8.08 20.43
N ALA D 197 -4.86 -8.01 19.45
CA ALA D 197 -3.75 -8.95 19.42
C ALA D 197 -2.78 -8.68 20.56
N ILE D 198 -2.56 -7.40 20.90
CA ILE D 198 -1.74 -7.07 22.07
C ILE D 198 -2.34 -7.68 23.33
N THR D 199 -3.65 -7.49 23.54
CA THR D 199 -4.24 -7.94 24.80
C THR D 199 -4.36 -9.46 24.85
N LEU D 200 -4.52 -10.13 23.71
CA LEU D 200 -4.46 -11.58 23.70
C LEU D 200 -3.10 -12.06 24.17
N CYS D 201 -2.03 -11.45 23.66
CA CYS D 201 -0.68 -11.82 24.09
C CYS D 201 -0.45 -11.45 25.55
N MET D 202 -0.98 -10.30 25.98
CA MET D 202 -0.85 -9.86 27.37
C MET D 202 -1.49 -10.86 28.32
N GLU D 203 -2.73 -11.27 28.02
CA GLU D 203 -3.43 -12.27 28.82
C GLU D 203 -2.58 -13.51 29.07
N ALA D 204 -1.78 -13.90 28.08
CA ALA D 204 -1.03 -15.15 28.13
C ALA D 204 0.44 -14.97 28.48
N GLY D 205 0.93 -13.73 28.58
CA GLY D 205 2.36 -13.54 28.73
C GLY D 205 3.17 -13.97 27.51
N LEU D 206 2.56 -13.99 26.34
CA LEU D 206 3.29 -14.38 25.14
C LEU D 206 4.05 -13.16 24.60
N PRO D 207 5.38 -13.22 24.50
CA PRO D 207 6.12 -12.05 23.99
C PRO D 207 5.95 -11.83 22.49
N ILE D 208 6.08 -10.56 22.09
CA ILE D 208 5.97 -10.12 20.70
C ILE D 208 7.28 -9.44 20.30
N VAL D 209 7.81 -9.81 19.13
CA VAL D 209 8.97 -9.12 18.58
C VAL D 209 8.55 -8.48 17.26
N VAL D 210 8.64 -7.15 17.18
CA VAL D 210 8.36 -6.40 15.96
C VAL D 210 9.68 -6.08 15.27
N PHE D 211 9.82 -6.52 14.03
CA PHE D 211 11.11 -6.45 13.35
C PHE D 211 10.89 -6.33 11.84
N ASP D 212 11.99 -6.15 11.11
CA ASP D 212 11.98 -6.04 9.66
C ASP D 212 12.56 -7.34 9.10
N ILE D 213 11.73 -8.11 8.39
CA ILE D 213 12.18 -9.41 7.91
C ILE D 213 13.13 -9.26 6.71
N PHE D 214 13.18 -8.09 6.10
CA PHE D 214 14.09 -7.88 4.98
C PHE D 214 15.38 -7.19 5.40
N LYS D 215 15.63 -7.07 6.71
CA LYS D 215 16.97 -6.78 7.19
C LYS D 215 17.72 -8.11 7.27
N PRO D 216 18.68 -8.37 6.39
CA PRO D 216 19.34 -9.68 6.37
C PRO D 216 19.84 -10.09 7.74
N GLY D 217 19.63 -11.37 8.08
CA GLY D 217 20.04 -11.89 9.36
C GLY D 217 19.12 -11.59 10.53
N ALA D 218 18.17 -10.66 10.38
CA ALA D 218 17.34 -10.27 11.52
C ALA D 218 16.49 -11.44 12.03
N LEU D 219 15.75 -12.10 11.13
CA LEU D 219 14.89 -13.21 11.54
C LEU D 219 15.71 -14.33 12.17
N VAL D 220 16.75 -14.79 11.47
CA VAL D 220 17.61 -15.82 12.07
C VAL D 220 18.22 -15.31 13.37
N GLY D 221 18.51 -14.01 13.45
CA GLY D 221 19.05 -13.47 14.67
C GLY D 221 18.12 -13.65 15.86
N ILE D 222 16.85 -13.28 15.68
CA ILE D 222 15.86 -13.43 16.74
C ILE D 222 15.78 -14.88 17.19
N ILE D 223 15.75 -15.82 16.22
CA ILE D 223 15.62 -17.22 16.58
C ILE D 223 16.81 -17.66 17.40
N GLN D 224 18.00 -17.20 17.01
CA GLN D 224 19.22 -17.65 17.68
C GLN D 224 19.51 -16.87 18.96
N GLY D 225 18.69 -15.88 19.31
CA GLY D 225 18.78 -15.24 20.62
C GLY D 225 19.31 -13.81 20.63
N GLU D 226 19.58 -13.20 19.48
CA GLU D 226 20.12 -11.86 19.47
C GLU D 226 19.02 -10.82 19.71
N LYS D 227 19.44 -9.63 20.13
CA LYS D 227 18.52 -8.54 20.37
C LYS D 227 18.26 -7.82 19.05
N VAL D 228 17.07 -8.02 18.49
CA VAL D 228 16.68 -7.44 17.21
C VAL D 228 15.28 -6.84 17.36
N GLY D 229 15.06 -5.66 16.77
CA GLY D 229 13.72 -5.12 16.81
C GLY D 229 13.27 -4.72 18.20
N THR D 230 11.94 -4.58 18.34
CA THR D 230 11.31 -4.18 19.60
C THR D 230 10.66 -5.40 20.26
N LEU D 231 10.88 -5.55 21.56
CA LEU D 231 10.28 -6.61 22.34
C LEU D 231 9.08 -6.05 23.10
N ILE D 232 7.91 -6.66 22.92
CA ILE D 232 6.72 -6.32 23.70
C ILE D 232 6.45 -7.51 24.61
N HIS D 233 6.44 -7.26 25.92
CA HIS D 233 6.34 -8.35 26.89
C HIS D 233 5.89 -7.86 28.27
N MET E 1 -26.24 13.35 16.55
CA MET E 1 -25.12 14.20 16.92
C MET E 1 -23.92 13.39 17.34
N LYS E 2 -22.75 13.75 16.83
CA LYS E 2 -21.56 13.02 17.21
C LYS E 2 -21.04 13.47 18.58
N TYR E 3 -21.28 14.74 18.92
CA TYR E 3 -20.77 15.34 20.16
C TYR E 3 -21.93 15.90 20.98
N LYS E 4 -21.90 15.62 22.29
CA LYS E 4 -22.90 16.18 23.18
C LYS E 4 -22.42 17.47 23.82
N ARG E 5 -21.10 17.62 23.99
CA ARG E 5 -20.55 18.83 24.60
C ARG E 5 -19.20 19.13 23.99
N VAL E 6 -19.03 20.37 23.54
CA VAL E 6 -17.83 20.79 22.81
C VAL E 6 -17.33 22.10 23.39
N LEU E 7 -16.02 22.33 23.28
CA LEU E 7 -15.42 23.61 23.57
C LEU E 7 -15.04 24.30 22.26
N LEU E 8 -15.58 25.48 22.06
CA LEU E 8 -15.44 26.23 20.82
C LEU E 8 -14.47 27.39 21.04
N LYS E 9 -13.27 27.30 20.50
CA LYS E 9 -12.30 28.38 20.64
C LYS E 9 -12.42 29.35 19.47
N LEU E 10 -12.61 30.63 19.78
CA LEU E 10 -12.83 31.67 18.78
C LEU E 10 -11.73 32.73 18.85
N SER E 11 -11.31 33.20 17.67
CA SER E 11 -10.37 34.30 17.57
C SER E 11 -11.07 35.61 17.87
N GLY E 12 -10.38 36.52 18.57
CA GLY E 12 -10.92 37.85 18.75
C GLY E 12 -11.10 38.61 17.46
N GLU E 13 -10.36 38.24 16.41
CA GLU E 13 -10.50 38.92 15.12
C GLU E 13 -11.88 38.77 14.54
N PHE E 14 -12.65 37.77 14.97
CA PHE E 14 -14.01 37.58 14.47
C PHE E 14 -14.96 38.69 14.91
N LEU E 15 -14.54 39.55 15.85
CA LEU E 15 -15.42 40.59 16.33
C LEU E 15 -15.27 41.88 15.53
N THR E 16 -14.40 41.91 14.53
CA THR E 16 -14.26 43.10 13.71
C THR E 16 -14.02 42.67 12.26
N ARG E 17 -14.56 43.45 11.33
CA ARG E 17 -14.31 43.21 9.92
C ARG E 17 -13.13 44.00 9.39
N ASN E 18 -12.69 45.02 10.12
CA ASN E 18 -11.39 45.62 9.87
C ASN E 18 -10.33 44.74 10.52
N GLY E 19 -9.43 45.36 11.26
CA GLY E 19 -8.47 44.56 11.99
C GLY E 19 -8.48 44.86 13.47
N PHE E 20 -9.00 46.04 13.83
CA PHE E 20 -9.03 46.49 15.22
C PHE E 20 -10.45 46.68 15.69
N GLY E 21 -10.63 46.57 17.00
CA GLY E 21 -11.86 46.99 17.65
C GLY E 21 -12.88 45.90 17.79
N ILE E 22 -14.04 46.33 18.28
CA ILE E 22 -15.21 45.48 18.39
C ILE E 22 -16.30 46.13 17.56
N GLU E 23 -16.84 45.38 16.60
CA GLU E 23 -17.83 45.97 15.72
C GLU E 23 -19.14 45.22 15.82
N PRO E 24 -20.25 45.95 15.81
CA PRO E 24 -21.56 45.28 15.89
C PRO E 24 -21.77 44.24 14.81
N GLU E 25 -21.63 44.61 13.54
CA GLU E 25 -22.07 43.71 12.47
C GLU E 25 -21.23 42.42 12.46
N ALA E 26 -19.93 42.54 12.67
CA ALA E 26 -19.09 41.35 12.80
C ALA E 26 -19.51 40.49 13.99
N THR E 27 -19.70 41.14 15.15
CA THR E 27 -20.07 40.39 16.35
C THR E 27 -21.40 39.67 16.15
N GLN E 28 -22.36 40.35 15.50
CA GLN E 28 -23.63 39.72 15.16
C GLN E 28 -23.43 38.49 14.28
N ALA E 29 -22.57 38.59 13.27
CA ALA E 29 -22.36 37.47 12.36
C ALA E 29 -21.76 36.29 13.10
N LEU E 30 -20.88 36.56 14.06
CA LEU E 30 -20.31 35.48 14.85
C LEU E 30 -21.36 34.89 15.77
N ALA E 31 -22.24 35.73 16.32
CA ALA E 31 -23.32 35.21 17.15
C ALA E 31 -24.22 34.26 16.37
N ARG E 32 -24.52 34.58 15.11
CA ARG E 32 -25.44 33.75 14.34
C ARG E 32 -24.83 32.38 14.04
N GLU E 33 -23.53 32.34 13.76
CA GLU E 33 -22.84 31.06 13.68
C GLU E 33 -22.93 30.28 14.98
N ILE E 34 -22.71 30.96 16.11
CA ILE E 34 -22.81 30.27 17.40
C ILE E 34 -24.25 29.81 17.64
N LYS E 35 -25.23 30.66 17.34
CA LYS E 35 -26.61 30.26 17.60
C LYS E 35 -26.98 28.99 16.84
N ALA E 36 -26.46 28.84 15.60
CA ALA E 36 -26.74 27.63 14.85
C ALA E 36 -26.24 26.40 15.59
N ALA E 37 -24.98 26.42 16.03
CA ALA E 37 -24.45 25.32 16.84
C ALA E 37 -25.33 25.09 18.07
N TYR E 38 -25.70 26.17 18.76
CA TYR E 38 -26.54 26.04 19.95
C TYR E 38 -27.87 25.36 19.61
N ASP E 39 -28.47 25.75 18.48
CA ASP E 39 -29.75 25.16 18.08
C ASP E 39 -29.65 23.68 17.80
N THR E 40 -28.44 23.14 17.62
CA THR E 40 -28.40 21.69 17.47
C THR E 40 -28.64 20.95 18.78
N GLY E 41 -28.79 21.65 19.91
CA GLY E 41 -28.88 20.96 21.19
C GLY E 41 -27.55 20.55 21.82
N VAL E 42 -26.42 20.80 21.15
CA VAL E 42 -25.12 20.54 21.77
C VAL E 42 -24.91 21.50 22.94
N GLN E 43 -24.17 21.04 23.93
CA GLN E 43 -23.73 21.92 25.01
C GLN E 43 -22.46 22.63 24.62
N LEU E 44 -22.40 23.93 24.88
CA LEU E 44 -21.46 24.84 24.22
C LEU E 44 -20.69 25.68 25.24
N ALA E 45 -19.43 25.36 25.44
CA ALA E 45 -18.48 26.23 26.12
C ALA E 45 -17.59 26.92 25.09
N ILE E 46 -17.31 28.20 25.31
CA ILE E 46 -16.58 29.05 24.39
C ILE E 46 -15.39 29.67 25.11
N VAL E 47 -14.24 29.70 24.44
CA VAL E 47 -13.09 30.48 24.85
C VAL E 47 -12.79 31.46 23.73
N ILE E 48 -12.63 32.75 24.07
CA ILE E 48 -12.50 33.85 23.11
C ILE E 48 -11.15 34.55 23.30
N GLY E 49 -10.43 34.75 22.20
CA GLY E 49 -9.16 35.46 22.21
C GLY E 49 -9.34 36.97 22.11
N ALA E 50 -8.24 37.66 21.77
CA ALA E 50 -8.30 39.12 21.75
C ALA E 50 -7.38 39.75 20.70
N GLY E 51 -7.16 39.08 19.58
CA GLY E 51 -6.30 39.63 18.54
C GLY E 51 -6.78 40.94 17.98
N ASN E 52 -8.08 41.22 18.08
CA ASN E 52 -8.65 42.48 17.60
C ASN E 52 -8.34 43.66 18.50
N LEU E 53 -7.70 43.43 19.66
CA LEU E 53 -7.48 44.51 20.61
C LEU E 53 -6.03 44.62 21.05
N TRP E 54 -5.31 43.51 21.12
CA TRP E 54 -4.01 43.55 21.76
C TRP E 54 -3.13 42.44 21.23
N ARG E 55 -1.96 42.82 20.72
CA ARG E 55 -0.97 41.87 20.21
C ARG E 55 0.02 41.48 21.33
N GLY E 56 0.93 42.40 21.66
CA GLY E 56 1.85 42.16 22.77
C GLY E 56 2.77 43.34 23.03
N ALA E 57 3.90 43.04 23.70
CA ALA E 57 4.89 44.03 24.10
C ALA E 57 5.51 44.79 22.94
N ARG E 58 5.22 44.40 21.70
CA ARG E 58 5.54 45.25 20.56
C ARG E 58 4.87 46.61 20.68
N GLN E 59 3.74 46.68 21.41
CA GLN E 59 2.96 47.91 21.54
C GLN E 59 3.34 48.75 22.75
N GLY E 60 4.09 48.20 23.70
CA GLY E 60 4.49 48.96 24.86
C GLY E 60 5.96 49.30 24.88
N VAL E 61 6.32 50.27 25.70
CA VAL E 61 7.70 50.71 25.86
C VAL E 61 8.20 50.15 27.19
N GLY E 62 9.29 49.39 27.13
CA GLY E 62 9.88 48.74 28.29
C GLY E 62 8.99 47.68 28.92
N MET E 63 8.25 46.94 28.10
CA MET E 63 7.08 46.22 28.59
C MET E 63 7.38 44.73 28.68
N ASP E 64 7.36 44.21 29.93
CA ASP E 64 7.42 42.77 30.20
C ASP E 64 6.51 41.98 29.27
N ARG E 65 6.85 40.72 29.06
CA ARG E 65 5.91 39.81 28.43
C ARG E 65 4.71 39.57 29.36
N ALA E 66 4.98 39.39 30.65
CA ALA E 66 3.89 39.12 31.59
C ALA E 66 2.91 40.28 31.65
N THR E 67 3.40 41.52 31.65
CA THR E 67 2.50 42.66 31.68
C THR E 67 1.65 42.71 30.42
N ALA E 68 2.29 42.56 29.26
CA ALA E 68 1.53 42.53 28.01
C ALA E 68 0.50 41.41 28.01
N ASP E 69 0.82 40.28 28.65
CA ASP E 69 -0.11 39.16 28.67
C ASP E 69 -1.30 39.44 29.57
N TYR E 70 -1.06 40.08 30.72
CA TYR E 70 -2.16 40.54 31.55
C TYR E 70 -3.05 41.53 30.80
N ILE E 71 -2.44 42.44 30.03
CA ILE E 71 -3.25 43.36 29.23
C ILE E 71 -4.11 42.60 28.23
N GLY E 72 -3.53 41.61 27.56
CA GLY E 72 -4.30 40.79 26.65
C GLY E 72 -5.40 39.99 27.33
N MET E 73 -5.19 39.61 28.59
CA MET E 73 -6.21 38.85 29.29
C MET E 73 -7.41 39.73 29.61
N LEU E 74 -7.18 40.99 29.98
CA LEU E 74 -8.28 41.93 30.14
C LEU E 74 -9.02 42.09 28.82
N ALA E 75 -8.28 42.15 27.71
CA ALA E 75 -8.89 42.33 26.40
C ALA E 75 -9.82 41.17 26.06
N THR E 76 -9.43 39.94 26.41
CA THR E 76 -10.35 38.83 26.15
C THR E 76 -11.64 38.99 26.94
N ILE E 77 -11.59 39.63 28.11
CA ILE E 77 -12.82 39.80 28.88
C ILE E 77 -13.73 40.81 28.21
N MET E 78 -13.15 41.88 27.68
CA MET E 78 -13.90 42.85 26.90
C MET E 78 -14.68 42.15 25.77
N ASN E 79 -14.02 41.23 25.06
CA ASN E 79 -14.67 40.50 23.97
C ASN E 79 -15.74 39.54 24.50
N ALA E 80 -15.44 38.80 25.58
CA ALA E 80 -16.45 37.92 26.16
C ALA E 80 -17.72 38.67 26.52
N LEU E 81 -17.59 39.89 27.06
CA LEU E 81 -18.78 40.65 27.42
C LEU E 81 -19.52 41.12 26.17
N ALA E 82 -18.81 41.67 25.19
CA ALA E 82 -19.45 42.04 23.93
C ALA E 82 -20.14 40.84 23.29
N LEU E 83 -19.48 39.69 23.31
CA LEU E 83 -20.08 38.50 22.68
C LEU E 83 -21.29 38.01 23.46
N GLN E 84 -21.28 38.14 24.80
CA GLN E 84 -22.44 37.73 25.57
C GLN E 84 -23.65 38.56 25.19
N ASP E 85 -23.48 39.88 25.04
CA ASP E 85 -24.62 40.70 24.64
C ASP E 85 -25.15 40.30 23.27
N ALA E 86 -24.26 40.02 22.31
CA ALA E 86 -24.71 39.60 20.98
C ALA E 86 -25.54 38.34 21.07
N LEU E 87 -25.07 37.35 21.81
CA LEU E 87 -25.81 36.10 21.94
C LEU E 87 -27.13 36.29 22.68
N GLU E 88 -27.16 37.19 23.67
CA GLU E 88 -28.42 37.41 24.36
C GLU E 88 -29.39 38.20 23.49
N SER E 89 -28.88 39.09 22.62
CA SER E 89 -29.69 39.73 21.60
C SER E 89 -30.52 38.72 20.80
N LEU E 90 -29.95 37.56 20.50
CA LEU E 90 -30.62 36.52 19.75
C LEU E 90 -31.38 35.55 20.63
N GLY E 91 -31.49 35.81 21.93
CA GLY E 91 -32.23 34.93 22.81
C GLY E 91 -31.51 33.68 23.26
N VAL E 92 -30.19 33.60 23.13
CA VAL E 92 -29.43 32.45 23.61
C VAL E 92 -29.03 32.72 25.06
N PRO E 93 -29.39 31.84 26.00
CA PRO E 93 -28.93 32.04 27.39
C PRO E 93 -27.44 31.85 27.47
N THR E 94 -26.76 32.85 28.05
CA THR E 94 -25.31 32.91 28.03
C THR E 94 -24.78 33.41 29.37
N ARG E 95 -23.75 32.77 29.87
CA ARG E 95 -23.03 33.20 31.06
C ARG E 95 -21.56 33.42 30.73
N VAL E 96 -20.95 34.39 31.39
CA VAL E 96 -19.54 34.70 31.26
C VAL E 96 -18.84 34.33 32.55
N GLN E 97 -17.73 33.58 32.45
CA GLN E 97 -16.83 33.37 33.59
C GLN E 97 -15.43 33.82 33.21
N THR E 98 -14.77 34.53 34.12
CA THR E 98 -13.45 35.08 33.84
C THR E 98 -12.41 34.45 34.76
N ALA E 99 -11.23 34.19 34.21
CA ALA E 99 -10.14 33.59 34.98
C ALA E 99 -9.48 34.58 35.92
N LEU E 100 -9.60 35.87 35.66
CA LEU E 100 -9.30 36.89 36.64
C LEU E 100 -10.63 37.28 37.28
N THR E 101 -10.69 37.23 38.60
CA THR E 101 -11.90 37.59 39.32
C THR E 101 -12.14 39.09 39.26
N ILE E 102 -13.27 39.50 38.68
CA ILE E 102 -13.71 40.89 38.64
C ILE E 102 -15.20 40.89 38.98
N THR E 103 -15.51 41.01 40.27
CA THR E 103 -16.83 40.64 40.79
C THR E 103 -17.96 41.40 40.11
N GLN E 104 -17.77 42.70 39.85
CA GLN E 104 -18.85 43.51 39.32
C GLN E 104 -19.17 43.15 37.87
N VAL E 105 -18.18 42.66 37.13
CA VAL E 105 -18.28 42.55 35.68
C VAL E 105 -18.86 41.20 35.25
N ALA E 106 -18.41 40.11 35.86
CA ALA E 106 -18.90 38.79 35.50
C ALA E 106 -18.62 37.84 36.65
N GLU E 107 -19.09 36.62 36.54
CA GLU E 107 -18.76 35.71 37.63
C GLU E 107 -17.36 35.13 37.45
N PRO E 108 -16.71 34.71 38.53
CA PRO E 108 -15.37 34.12 38.41
C PRO E 108 -15.47 32.69 37.89
N TYR E 109 -14.35 32.20 37.35
CA TYR E 109 -14.35 30.80 36.94
C TYR E 109 -14.48 29.92 38.18
N ILE E 110 -15.56 29.15 38.24
CA ILE E 110 -15.83 28.14 39.26
C ILE E 110 -16.34 26.90 38.53
N ARG E 111 -15.53 25.84 38.54
CA ARG E 111 -15.86 24.62 37.79
C ARG E 111 -17.29 24.15 38.02
N ARG E 112 -17.69 23.95 39.28
CA ARG E 112 -19.01 23.38 39.52
C ARG E 112 -20.13 24.29 39.05
N ARG E 113 -19.94 25.61 39.07
CA ARG E 113 -20.97 26.48 38.53
C ARG E 113 -20.95 26.46 37.00
N ALA E 114 -19.79 26.24 36.38
CA ALA E 114 -19.75 26.17 34.92
C ALA E 114 -20.44 24.90 34.42
N LEU E 115 -20.20 23.78 35.12
CA LEU E 115 -20.91 22.54 34.81
C LEU E 115 -22.41 22.72 34.92
N ARG E 116 -22.88 23.37 35.99
CA ARG E 116 -24.33 23.57 36.13
C ARG E 116 -24.89 24.41 35.00
N HIS E 117 -24.19 25.47 34.60
CA HIS E 117 -24.68 26.30 33.50
C HIS E 117 -24.85 25.48 32.22
N LEU E 118 -23.90 24.60 31.92
CA LEU E 118 -24.00 23.79 30.70
C LEU E 118 -25.17 22.82 30.79
N GLU E 119 -25.37 22.19 31.95
CA GLU E 119 -26.47 21.25 32.09
C GLU E 119 -27.82 21.95 31.99
N LYS E 120 -27.87 23.23 32.31
CA LYS E 120 -29.07 24.02 32.15
C LYS E 120 -29.15 24.66 30.76
N GLU E 121 -28.42 24.10 29.80
CA GLU E 121 -28.51 24.50 28.40
C GLU E 121 -28.20 25.99 28.22
N ARG E 122 -27.17 26.47 28.92
CA ARG E 122 -26.62 27.80 28.71
C ARG E 122 -25.25 27.70 28.06
N ILE E 123 -24.93 28.69 27.26
CA ILE E 123 -23.57 28.86 26.76
C ILE E 123 -22.73 29.53 27.84
N VAL E 124 -21.55 28.98 28.10
CA VAL E 124 -20.59 29.58 29.03
C VAL E 124 -19.42 30.10 28.20
N ILE E 125 -19.22 31.42 28.23
CA ILE E 125 -18.06 32.05 27.59
C ILE E 125 -16.99 32.28 28.65
N PHE E 126 -15.77 31.80 28.39
CA PHE E 126 -14.64 31.92 29.30
C PHE E 126 -13.74 33.08 28.87
N GLY E 127 -13.68 34.12 29.71
CA GLY E 127 -12.79 35.23 29.43
C GLY E 127 -11.58 35.18 30.31
N GLY E 128 -10.50 35.82 29.87
CA GLY E 128 -9.31 35.90 30.68
C GLY E 128 -8.31 34.80 30.45
N GLY E 129 -8.50 33.97 29.43
CA GLY E 129 -7.56 32.88 29.20
C GLY E 129 -7.49 31.96 30.39
N THR E 130 -6.28 31.51 30.70
CA THR E 130 -6.07 30.68 31.89
C THR E 130 -5.92 31.50 33.15
N GLY E 131 -5.72 32.81 33.02
CA GLY E 131 -5.39 33.66 34.15
C GLY E 131 -3.90 33.80 34.39
N ASN E 132 -3.07 33.06 33.65
CA ASN E 132 -1.62 33.03 33.70
C ASN E 132 -1.03 33.64 32.46
N PRO E 133 0.05 34.41 32.59
CA PRO E 133 0.81 34.84 31.41
C PRO E 133 1.57 33.68 30.80
N PHE E 134 2.15 33.95 29.61
CA PHE E 134 2.95 32.99 28.85
C PHE E 134 2.10 31.92 28.17
N PHE E 135 0.84 32.26 27.87
CA PHE E 135 -0.08 31.42 27.12
C PHE E 135 -0.85 32.29 26.15
N SER E 136 -1.56 31.65 25.23
CA SER E 136 -2.62 32.30 24.49
C SER E 136 -3.91 31.57 24.84
N THR E 137 -5.02 32.06 24.27
CA THR E 137 -6.27 31.39 24.61
C THR E 137 -6.32 29.97 24.07
N ASP E 138 -5.37 29.59 23.20
CA ASP E 138 -5.29 28.22 22.72
C ASP E 138 -5.14 27.24 23.89
N THR E 139 -4.18 27.52 24.78
CA THR E 139 -4.04 26.70 25.98
C THR E 139 -5.24 26.82 26.90
N ALA E 140 -5.90 27.98 26.95
CA ALA E 140 -7.08 28.07 27.80
C ALA E 140 -8.22 27.23 27.24
N ALA E 141 -8.31 27.14 25.92
CA ALA E 141 -9.33 26.29 25.32
C ALA E 141 -9.12 24.83 25.70
N ALA E 142 -7.86 24.37 25.68
CA ALA E 142 -7.57 23.00 26.09
C ALA E 142 -7.91 22.79 27.56
N LEU E 143 -7.43 23.69 28.42
CA LEU E 143 -7.69 23.60 29.85
C LEU E 143 -9.19 23.61 30.14
N ARG E 144 -9.92 24.59 29.58
CA ARG E 144 -11.35 24.67 29.87
C ARG E 144 -12.09 23.47 29.29
N ALA E 145 -11.63 22.95 28.15
CA ALA E 145 -12.25 21.76 27.57
C ALA E 145 -12.14 20.59 28.54
N LEU E 146 -10.95 20.36 29.08
CA LEU E 146 -10.76 19.30 30.06
C LEU E 146 -11.63 19.54 31.30
N GLU E 147 -11.70 20.81 31.76
CA GLU E 147 -12.37 21.12 33.01
C GLU E 147 -13.87 20.92 32.92
N VAL E 148 -14.49 21.24 31.76
CA VAL E 148 -15.94 21.05 31.61
C VAL E 148 -16.26 19.70 30.99
N GLY E 149 -15.28 18.84 30.78
CA GLY E 149 -15.52 17.56 30.14
C GLY E 149 -15.98 17.65 28.70
N ALA E 150 -15.56 18.69 27.96
CA ALA E 150 -15.83 18.74 26.54
C ALA E 150 -15.26 17.50 25.84
N GLU E 151 -15.95 17.08 24.78
CA GLU E 151 -15.49 15.92 24.03
C GLU E 151 -14.43 16.26 22.98
N VAL E 152 -14.30 17.54 22.60
CA VAL E 152 -13.48 17.93 21.49
C VAL E 152 -13.26 19.43 21.58
N VAL E 153 -12.10 19.91 21.19
CA VAL E 153 -11.86 21.34 21.03
C VAL E 153 -12.04 21.70 19.56
N LEU E 154 -13.01 22.55 19.28
CA LEU E 154 -13.25 23.05 17.93
C LEU E 154 -12.57 24.40 17.79
N MET E 155 -11.47 24.44 17.05
CA MET E 155 -10.65 25.64 16.94
C MET E 155 -10.99 26.40 15.67
N ALA E 156 -11.92 27.35 15.80
CA ALA E 156 -12.17 28.30 14.71
C ALA E 156 -10.98 29.27 14.60
N LYS E 157 -9.96 28.89 13.85
CA LYS E 157 -8.79 29.72 13.68
C LYS E 157 -9.01 30.80 12.61
N ASN E 158 -8.38 31.96 12.81
CA ASN E 158 -8.62 33.13 11.98
C ASN E 158 -8.03 32.94 10.57
N LYS E 159 -8.89 33.04 9.56
CA LYS E 159 -8.51 33.11 8.16
C LYS E 159 -7.95 31.81 7.59
N VAL E 160 -8.16 30.67 8.26
CA VAL E 160 -7.77 29.37 7.71
C VAL E 160 -8.92 28.40 7.92
N ASP E 161 -8.84 27.27 7.22
CA ASP E 161 -9.86 26.24 7.27
C ASP E 161 -9.28 24.90 7.75
N GLY E 162 -8.09 24.92 8.33
CA GLY E 162 -7.47 23.68 8.75
C GLY E 162 -6.04 23.94 9.15
N VAL E 163 -5.33 22.88 9.49
CA VAL E 163 -3.90 22.97 9.70
C VAL E 163 -3.21 22.71 8.38
N TYR E 164 -2.22 23.54 8.05
CA TYR E 164 -1.51 23.48 6.79
C TYR E 164 -0.06 23.03 7.01
N SER E 165 0.59 22.60 5.92
CA SER E 165 1.98 22.17 6.00
C SER E 165 2.92 23.31 6.35
N ASP E 166 2.42 24.54 6.21
CA ASP E 166 3.16 25.74 6.53
C ASP E 166 2.10 26.78 6.88
N ASP E 167 2.54 27.98 7.27
CA ASP E 167 1.61 29.09 7.38
C ASP E 167 0.99 29.40 6.02
N PRO E 168 -0.28 29.08 5.80
CA PRO E 168 -0.88 29.27 4.46
C PRO E 168 -1.07 30.72 4.08
N ARG E 169 -0.84 31.67 5.00
CA ARG E 169 -0.96 33.07 4.68
C ARG E 169 0.37 33.71 4.38
N LYS E 170 1.46 33.05 4.75
CA LYS E 170 2.80 33.41 4.31
C LYS E 170 3.29 32.57 3.14
N ASN E 171 2.75 31.37 2.94
CA ASN E 171 3.21 30.44 1.91
C ASN E 171 1.98 29.93 1.17
N PRO E 172 1.67 30.50 0.01
CA PRO E 172 0.47 30.06 -0.74
C PRO E 172 0.53 28.62 -1.24
N GLU E 173 1.68 27.96 -1.21
CA GLU E 173 1.77 26.58 -1.70
C GLU E 173 1.46 25.54 -0.64
N ALA E 174 1.30 25.96 0.61
CA ALA E 174 1.01 25.04 1.69
C ALA E 174 -0.29 24.28 1.43
N VAL E 175 -0.34 23.04 1.93
CA VAL E 175 -1.49 22.18 1.74
C VAL E 175 -2.12 21.87 3.10
N ARG E 176 -3.39 21.51 3.07
CA ARG E 176 -4.13 21.22 4.28
C ARG E 176 -4.03 19.73 4.63
N PHE E 177 -3.69 19.45 5.89
CA PHE E 177 -3.73 18.08 6.39
C PHE E 177 -5.18 17.68 6.71
N ASP E 178 -5.52 16.42 6.45
CA ASP E 178 -6.80 15.92 6.95
C ASP E 178 -6.70 15.46 8.39
N GLU E 179 -5.53 14.98 8.79
CA GLU E 179 -5.32 14.41 10.11
C GLU E 179 -3.88 14.60 10.50
N LEU E 180 -3.65 14.74 11.81
CA LEU E 180 -2.31 14.78 12.34
C LEU E 180 -2.33 14.16 13.73
N THR E 181 -1.16 13.77 14.19
CA THR E 181 -0.96 13.38 15.56
C THR E 181 -0.39 14.56 16.35
N TYR E 182 -0.52 14.49 17.66
CA TYR E 182 0.04 15.54 18.51
C TYR E 182 1.54 15.68 18.27
N LEU E 183 2.28 14.56 18.28
CA LEU E 183 3.72 14.66 18.06
C LEU E 183 4.04 15.22 16.66
N GLU E 184 3.21 14.91 15.67
CA GLU E 184 3.47 15.43 14.32
C GLU E 184 3.43 16.94 14.30
N VAL E 185 2.39 17.52 14.92
CA VAL E 185 2.30 18.98 15.02
C VAL E 185 3.54 19.54 15.69
N LEU E 186 3.99 18.92 16.77
CA LEU E 186 5.19 19.45 17.44
C LEU E 186 6.43 19.27 16.57
N ASN E 187 6.57 18.09 15.96
CA ASN E 187 7.80 17.78 15.21
C ASN E 187 7.88 18.56 13.91
N ARG E 188 6.75 18.77 13.24
CA ARG E 188 6.77 19.55 12.03
C ARG E 188 6.87 21.06 12.29
N GLY E 189 6.89 21.49 13.55
CA GLY E 189 6.98 22.90 13.88
C GLY E 189 5.79 23.74 13.43
N LEU E 190 4.61 23.14 13.30
CA LEU E 190 3.45 23.91 12.87
C LEU E 190 3.07 24.94 13.93
N GLN E 191 2.60 26.10 13.50
CA GLN E 191 2.29 27.21 14.37
C GLN E 191 0.83 27.65 14.28
N VAL E 192 -0.09 26.70 14.13
CA VAL E 192 -1.51 26.99 14.30
C VAL E 192 -1.83 27.43 15.73
N MET E 193 -1.18 26.83 16.72
CA MET E 193 -1.64 26.99 18.10
C MET E 193 -0.49 26.73 19.06
N ASP E 194 -0.71 27.14 20.30
CA ASP E 194 0.26 26.90 21.38
C ASP E 194 0.68 25.44 21.39
N THR E 195 1.99 25.20 21.47
CA THR E 195 2.45 23.83 21.67
C THR E 195 2.06 23.30 23.04
N THR E 196 1.87 24.18 24.02
CA THR E 196 1.35 23.72 25.31
C THR E 196 -0.12 23.31 25.19
N ALA E 197 -0.89 23.94 24.30
CA ALA E 197 -2.27 23.48 24.10
C ALA E 197 -2.27 22.08 23.51
N ILE E 198 -1.35 21.82 22.56
CA ILE E 198 -1.25 20.51 21.93
C ILE E 198 -0.91 19.43 22.97
N THR E 199 0.11 19.68 23.80
CA THR E 199 0.55 18.65 24.75
C THR E 199 -0.47 18.42 25.85
N LEU E 200 -1.26 19.44 26.19
CA LEU E 200 -2.35 19.24 27.14
C LEU E 200 -3.37 18.28 26.57
N CYS E 201 -3.73 18.45 25.31
CA CYS E 201 -4.72 17.57 24.70
C CYS E 201 -4.13 16.19 24.45
N MET E 202 -2.85 16.15 24.08
CA MET E 202 -2.12 14.90 23.96
C MET E 202 -2.22 14.07 25.24
N GLU E 203 -1.82 14.67 26.37
CA GLU E 203 -1.82 13.96 27.65
C GLU E 203 -3.18 13.36 27.97
N ALA E 204 -4.26 13.97 27.47
CA ALA E 204 -5.60 13.51 27.80
C ALA E 204 -6.26 12.71 26.69
N GLY E 205 -5.65 12.62 25.51
CA GLY E 205 -6.40 12.09 24.39
C GLY E 205 -7.54 12.98 23.94
N LEU E 206 -7.47 14.27 24.23
CA LEU E 206 -8.56 15.14 23.81
C LEU E 206 -8.36 15.56 22.36
N PRO E 207 -9.26 15.21 21.45
CA PRO E 207 -9.08 15.55 20.03
C PRO E 207 -9.36 17.02 19.77
N ILE E 208 -8.74 17.52 18.70
CA ILE E 208 -8.84 18.92 18.27
C ILE E 208 -9.23 18.96 16.80
N VAL E 209 -10.19 19.80 16.45
CA VAL E 209 -10.60 20.01 15.06
C VAL E 209 -10.40 21.50 14.74
N VAL E 210 -9.46 21.80 13.83
CA VAL E 210 -9.24 23.15 13.31
C VAL E 210 -10.07 23.33 12.04
N PHE E 211 -10.85 24.41 11.97
CA PHE E 211 -11.81 24.56 10.89
C PHE E 211 -12.15 26.04 10.70
N ASP E 212 -12.95 26.33 9.69
CA ASP E 212 -13.37 27.68 9.35
C ASP E 212 -14.83 27.86 9.79
N ILE E 213 -15.07 28.77 10.73
CA ILE E 213 -16.40 28.89 11.30
C ILE E 213 -17.36 29.60 10.34
N PHE E 214 -16.84 30.32 9.34
CA PHE E 214 -17.69 31.08 8.43
C PHE E 214 -17.96 30.37 7.11
N LYS E 215 -17.45 29.15 6.95
CA LYS E 215 -17.93 28.28 5.90
C LYS E 215 -19.32 27.79 6.28
N PRO E 216 -20.36 28.08 5.50
CA PRO E 216 -21.72 27.72 5.90
C PRO E 216 -21.86 26.26 6.27
N GLY E 217 -22.51 26.01 7.41
CA GLY E 217 -22.76 24.66 7.89
C GLY E 217 -21.55 23.91 8.41
N ALA E 218 -20.34 24.49 8.41
CA ALA E 218 -19.17 23.72 8.86
C ALA E 218 -19.28 23.36 10.33
N LEU E 219 -19.55 24.35 11.19
CA LEU E 219 -19.59 24.07 12.63
C LEU E 219 -20.71 23.11 12.96
N VAL E 220 -21.93 23.40 12.46
CA VAL E 220 -23.03 22.47 12.63
C VAL E 220 -22.66 21.08 12.12
N GLY E 221 -21.93 21.03 11.00
CA GLY E 221 -21.59 19.75 10.41
C GLY E 221 -20.66 18.94 11.29
N ILE E 222 -19.65 19.59 11.88
CA ILE E 222 -18.78 18.90 12.83
C ILE E 222 -19.60 18.33 13.99
N ILE E 223 -20.57 19.09 14.49
CA ILE E 223 -21.34 18.60 15.62
C ILE E 223 -22.16 17.40 15.19
N GLN E 224 -22.74 17.45 13.97
CA GLN E 224 -23.57 16.36 13.48
C GLN E 224 -22.76 15.14 13.06
N GLY E 225 -21.44 15.28 12.87
CA GLY E 225 -20.61 14.12 12.62
C GLY E 225 -19.93 14.14 11.26
N GLU E 226 -20.06 15.26 10.54
CA GLU E 226 -19.39 15.40 9.25
C GLU E 226 -17.88 15.55 9.43
N LYS E 227 -17.14 15.22 8.37
CA LYS E 227 -15.70 15.41 8.35
C LYS E 227 -15.42 16.81 7.82
N VAL E 228 -14.84 17.67 8.65
CA VAL E 228 -14.53 19.05 8.30
C VAL E 228 -13.17 19.39 8.87
N GLY E 229 -12.40 20.17 8.10
CA GLY E 229 -11.13 20.72 8.52
C GLY E 229 -10.14 19.63 8.86
N THR E 230 -9.31 19.92 9.86
CA THR E 230 -8.21 19.06 10.25
C THR E 230 -8.45 18.48 11.64
N LEU E 231 -8.12 17.20 11.80
CA LEU E 231 -8.27 16.51 13.07
C LEU E 231 -6.89 16.26 13.64
N ILE E 232 -6.65 16.73 14.84
CA ILE E 232 -5.44 16.41 15.60
C ILE E 232 -5.85 15.41 16.69
N HIS E 233 -5.21 14.24 16.71
CA HIS E 233 -5.61 13.22 17.68
C HIS E 233 -4.56 12.16 17.86
N MET F 1 -40.25 -9.53 -25.59
CA MET F 1 -38.92 -9.85 -25.10
C MET F 1 -38.45 -11.18 -25.67
N LYS F 2 -37.30 -11.15 -26.35
CA LYS F 2 -36.79 -12.36 -27.01
C LYS F 2 -36.40 -13.44 -26.00
N TYR F 3 -35.81 -13.05 -24.87
CA TYR F 3 -35.27 -13.98 -23.88
C TYR F 3 -35.86 -13.67 -22.52
N LYS F 4 -36.41 -14.69 -21.86
CA LYS F 4 -36.97 -14.53 -20.52
C LYS F 4 -35.96 -14.80 -19.41
N ARG F 5 -34.89 -15.55 -19.71
CA ARG F 5 -33.89 -15.91 -18.73
C ARG F 5 -32.56 -16.06 -19.45
N VAL F 6 -31.53 -15.37 -18.97
CA VAL F 6 -30.24 -15.39 -19.63
C VAL F 6 -29.15 -15.60 -18.60
N LEU F 7 -28.01 -16.13 -19.07
CA LEU F 7 -26.79 -16.19 -18.30
C LEU F 7 -25.79 -15.22 -18.90
N LEU F 8 -25.31 -14.30 -18.08
CA LEU F 8 -24.43 -13.25 -18.54
C LEU F 8 -23.05 -13.46 -17.92
N LYS F 9 -22.05 -13.65 -18.78
CA LYS F 9 -20.68 -13.92 -18.35
C LYS F 9 -19.88 -12.63 -18.36
N LEU F 10 -19.24 -12.31 -17.22
CA LEU F 10 -18.54 -11.05 -17.03
C LEU F 10 -17.08 -11.31 -16.67
N SER F 11 -16.18 -10.63 -17.37
CA SER F 11 -14.77 -10.70 -17.03
C SER F 11 -14.49 -10.02 -15.69
N GLY F 12 -13.49 -10.51 -14.97
CA GLY F 12 -13.08 -9.83 -13.75
C GLY F 12 -12.59 -8.41 -13.99
N GLU F 13 -12.05 -8.15 -15.18
CA GLU F 13 -11.48 -6.84 -15.50
C GLU F 13 -12.51 -5.72 -15.43
N PHE F 14 -13.79 -6.04 -15.63
CA PHE F 14 -14.82 -5.00 -15.61
C PHE F 14 -14.92 -4.32 -14.25
N LEU F 15 -14.30 -4.85 -13.22
CA LEU F 15 -14.34 -4.23 -11.90
C LEU F 15 -13.17 -3.28 -11.69
N THR F 16 -12.41 -2.99 -12.73
CA THR F 16 -11.28 -2.08 -12.61
C THR F 16 -11.11 -1.36 -13.94
N ARG F 17 -10.74 -0.08 -13.87
CA ARG F 17 -10.38 0.68 -15.05
C ARG F 17 -8.87 0.63 -15.31
N ASN F 18 -8.10 0.13 -14.34
CA ASN F 18 -6.65 0.16 -14.35
C ASN F 18 -6.01 -1.24 -14.45
N GLY F 19 -6.60 -2.15 -15.20
CA GLY F 19 -6.05 -3.49 -15.25
C GLY F 19 -6.15 -4.35 -13.98
N PHE F 20 -5.75 -3.82 -12.82
CA PHE F 20 -5.64 -4.61 -11.59
C PHE F 20 -6.59 -4.13 -10.49
N GLY F 21 -7.07 -5.08 -9.69
CA GLY F 21 -7.79 -4.78 -8.45
C GLY F 21 -9.29 -4.70 -8.61
N ILE F 22 -9.96 -4.45 -7.48
CA ILE F 22 -11.37 -4.14 -7.43
C ILE F 22 -11.49 -2.66 -7.07
N GLU F 23 -12.20 -1.89 -7.91
CA GLU F 23 -12.37 -0.47 -7.68
C GLU F 23 -13.85 -0.11 -7.74
N PRO F 24 -14.29 0.75 -6.83
CA PRO F 24 -15.73 1.04 -6.73
C PRO F 24 -16.33 1.71 -7.97
N GLU F 25 -15.65 2.67 -8.58
CA GLU F 25 -16.21 3.35 -9.75
C GLU F 25 -16.50 2.35 -10.85
N ALA F 26 -15.50 1.57 -11.23
CA ALA F 26 -15.69 0.56 -12.26
C ALA F 26 -16.78 -0.44 -11.86
N THR F 27 -16.80 -0.87 -10.59
CA THR F 27 -17.82 -1.80 -10.13
C THR F 27 -19.21 -1.16 -10.19
N GLN F 28 -19.31 0.11 -9.80
CA GLN F 28 -20.59 0.79 -9.85
C GLN F 28 -21.08 0.94 -11.28
N ALA F 29 -20.17 1.23 -12.22
CA ALA F 29 -20.56 1.36 -13.61
C ALA F 29 -21.02 0.02 -14.16
N LEU F 30 -20.33 -1.07 -13.78
CA LEU F 30 -20.76 -2.40 -14.19
C LEU F 30 -22.11 -2.73 -13.59
N ALA F 31 -22.34 -2.37 -12.32
CA ALA F 31 -23.64 -2.62 -11.72
C ALA F 31 -24.75 -1.85 -12.44
N ARG F 32 -24.45 -0.64 -12.91
CA ARG F 32 -25.47 0.15 -13.61
C ARG F 32 -25.84 -0.50 -14.94
N GLU F 33 -24.86 -0.98 -15.70
CA GLU F 33 -25.16 -1.76 -16.89
C GLU F 33 -26.05 -2.94 -16.55
N ILE F 34 -25.75 -3.66 -15.46
CA ILE F 34 -26.53 -4.83 -15.10
C ILE F 34 -27.95 -4.43 -14.72
N LYS F 35 -28.10 -3.33 -13.96
CA LYS F 35 -29.43 -2.90 -13.56
C LYS F 35 -30.29 -2.58 -14.76
N ALA F 36 -29.71 -1.96 -15.80
CA ALA F 36 -30.44 -1.70 -17.03
C ALA F 36 -31.00 -2.98 -17.62
N ALA F 37 -30.17 -4.03 -17.73
CA ALA F 37 -30.67 -5.35 -18.16
C ALA F 37 -31.73 -5.86 -17.19
N TYR F 38 -31.45 -5.78 -15.89
CA TYR F 38 -32.42 -6.28 -14.91
C TYR F 38 -33.74 -5.54 -15.01
N ASP F 39 -33.71 -4.27 -15.35
CA ASP F 39 -34.94 -3.49 -15.41
C ASP F 39 -35.85 -3.91 -16.57
N THR F 40 -35.30 -4.56 -17.61
CA THR F 40 -36.15 -5.11 -18.66
C THR F 40 -37.06 -6.22 -18.18
N GLY F 41 -36.90 -6.70 -16.94
CA GLY F 41 -37.71 -7.80 -16.45
C GLY F 41 -37.16 -9.19 -16.71
N VAL F 42 -36.04 -9.31 -17.45
CA VAL F 42 -35.44 -10.61 -17.70
C VAL F 42 -34.89 -11.18 -16.40
N GLN F 43 -34.95 -12.50 -16.27
CA GLN F 43 -34.29 -13.18 -15.17
C GLN F 43 -32.82 -13.36 -15.49
N LEU F 44 -31.96 -12.98 -14.54
CA LEU F 44 -30.55 -12.72 -14.82
C LEU F 44 -29.66 -13.53 -13.88
N ALA F 45 -28.93 -14.51 -14.44
CA ALA F 45 -27.87 -15.21 -13.74
C ALA F 45 -26.52 -14.78 -14.29
N ILE F 46 -25.54 -14.60 -13.41
CA ILE F 46 -24.23 -14.06 -13.78
C ILE F 46 -23.14 -15.04 -13.39
N VAL F 47 -22.10 -15.14 -14.23
CA VAL F 47 -20.83 -15.78 -13.88
C VAL F 47 -19.72 -14.74 -14.04
N ILE F 48 -18.90 -14.56 -13.01
CA ILE F 48 -17.89 -13.51 -12.97
C ILE F 48 -16.50 -14.14 -12.90
N GLY F 49 -15.55 -13.56 -13.65
CA GLY F 49 -14.19 -14.06 -13.73
C GLY F 49 -13.27 -13.48 -12.68
N ALA F 50 -11.96 -13.66 -12.89
CA ALA F 50 -10.95 -13.28 -11.91
C ALA F 50 -9.79 -12.48 -12.47
N GLY F 51 -9.85 -12.05 -13.74
CA GLY F 51 -8.69 -11.46 -14.40
C GLY F 51 -8.16 -10.18 -13.75
N ASN F 52 -9.02 -9.43 -13.06
CA ASN F 52 -8.56 -8.22 -12.39
C ASN F 52 -7.66 -8.51 -11.20
N LEU F 53 -7.66 -9.75 -10.71
CA LEU F 53 -6.89 -10.11 -9.52
C LEU F 53 -5.85 -11.17 -9.74
N TRP F 54 -5.97 -11.99 -10.79
CA TRP F 54 -5.13 -13.18 -10.91
C TRP F 54 -5.03 -13.58 -12.38
N ARG F 55 -3.81 -13.81 -12.85
CA ARG F 55 -3.56 -14.13 -14.25
C ARG F 55 -3.06 -15.55 -14.45
N GLY F 56 -2.99 -16.36 -13.40
CA GLY F 56 -2.59 -17.74 -13.53
C GLY F 56 -1.16 -17.99 -13.08
N ALA F 57 -0.69 -19.19 -13.44
CA ALA F 57 0.56 -19.73 -12.91
C ALA F 57 1.80 -18.89 -13.24
N ARG F 58 1.71 -17.92 -14.16
CA ARG F 58 2.88 -17.08 -14.41
C ARG F 58 3.24 -16.24 -13.18
N GLN F 59 2.25 -15.95 -12.34
CA GLN F 59 2.52 -15.20 -11.12
C GLN F 59 3.04 -16.05 -9.98
N GLY F 60 3.10 -17.38 -10.14
CA GLY F 60 3.55 -18.25 -9.09
C GLY F 60 4.97 -18.72 -9.34
N VAL F 61 5.57 -19.33 -8.32
CA VAL F 61 6.89 -19.92 -8.47
C VAL F 61 6.76 -21.40 -8.20
N GLY F 62 7.02 -22.20 -9.24
CA GLY F 62 6.86 -23.64 -9.16
C GLY F 62 5.42 -24.06 -8.99
N MET F 63 4.49 -23.39 -9.66
CA MET F 63 3.07 -23.53 -9.37
C MET F 63 2.36 -24.27 -10.50
N ASP F 64 1.66 -25.34 -10.16
CA ASP F 64 0.86 -26.11 -11.10
C ASP F 64 -0.29 -25.28 -11.65
N ARG F 65 -0.82 -25.72 -12.78
CA ARG F 65 -2.01 -25.09 -13.34
C ARG F 65 -3.23 -25.29 -12.44
N ALA F 66 -3.35 -26.45 -11.78
CA ALA F 66 -4.49 -26.68 -10.90
C ALA F 66 -4.45 -25.76 -9.68
N THR F 67 -3.28 -25.58 -9.08
CA THR F 67 -3.18 -24.66 -7.95
C THR F 67 -3.55 -23.24 -8.39
N ALA F 68 -2.99 -22.80 -9.52
CA ALA F 68 -3.31 -21.49 -10.05
C ALA F 68 -4.81 -21.35 -10.28
N ASP F 69 -5.45 -22.40 -10.78
CA ASP F 69 -6.87 -22.33 -11.06
C ASP F 69 -7.69 -22.22 -9.78
N TYR F 70 -7.26 -22.91 -8.70
CA TYR F 70 -7.95 -22.77 -7.41
C TYR F 70 -7.79 -21.35 -6.87
N ILE F 71 -6.60 -20.78 -7.02
CA ILE F 71 -6.40 -19.39 -6.61
C ILE F 71 -7.33 -18.48 -7.41
N GLY F 72 -7.47 -18.72 -8.72
CA GLY F 72 -8.39 -17.92 -9.51
C GLY F 72 -9.83 -18.07 -9.05
N MET F 73 -10.22 -19.29 -8.68
CA MET F 73 -11.58 -19.52 -8.19
C MET F 73 -11.87 -18.67 -6.95
N LEU F 74 -10.93 -18.60 -6.02
CA LEU F 74 -11.10 -17.72 -4.87
C LEU F 74 -11.28 -16.27 -5.31
N ALA F 75 -10.50 -15.83 -6.30
CA ALA F 75 -10.60 -14.45 -6.78
C ALA F 75 -12.00 -14.16 -7.31
N THR F 76 -12.60 -15.09 -8.06
CA THR F 76 -13.96 -14.85 -8.55
C THR F 76 -14.96 -14.68 -7.41
N ILE F 77 -14.77 -15.39 -6.29
CA ILE F 77 -15.70 -15.20 -5.18
C ILE F 77 -15.52 -13.81 -4.58
N MET F 78 -14.28 -13.34 -4.51
CA MET F 78 -14.02 -11.96 -4.08
C MET F 78 -14.78 -10.98 -4.95
N ASN F 79 -14.71 -11.16 -6.28
CA ASN F 79 -15.41 -10.31 -7.21
C ASN F 79 -16.93 -10.43 -7.06
N ALA F 80 -17.44 -11.66 -6.90
CA ALA F 80 -18.88 -11.84 -6.78
C ALA F 80 -19.43 -11.07 -5.58
N LEU F 81 -18.72 -11.13 -4.45
CA LEU F 81 -19.20 -10.41 -3.27
C LEU F 81 -19.17 -8.91 -3.51
N ALA F 82 -18.13 -8.41 -4.19
CA ALA F 82 -18.05 -6.98 -4.48
C ALA F 82 -19.16 -6.56 -5.44
N LEU F 83 -19.43 -7.37 -6.47
CA LEU F 83 -20.50 -7.02 -7.39
C LEU F 83 -21.85 -7.08 -6.70
N GLN F 84 -22.03 -8.05 -5.80
CA GLN F 84 -23.30 -8.15 -5.09
C GLN F 84 -23.59 -6.86 -4.30
N ASP F 85 -22.56 -6.32 -3.63
CA ASP F 85 -22.79 -5.12 -2.84
C ASP F 85 -23.10 -3.92 -3.73
N ALA F 86 -22.44 -3.81 -4.88
CA ALA F 86 -22.75 -2.76 -5.84
C ALA F 86 -24.20 -2.84 -6.29
N LEU F 87 -24.60 -4.02 -6.78
CA LEU F 87 -25.99 -4.20 -7.21
C LEU F 87 -26.97 -3.86 -6.10
N GLU F 88 -26.76 -4.40 -4.89
CA GLU F 88 -27.65 -4.09 -3.79
C GLU F 88 -27.68 -2.60 -3.48
N SER F 89 -26.54 -1.91 -3.67
CA SER F 89 -26.50 -0.46 -3.53
C SER F 89 -27.47 0.26 -4.47
N LEU F 90 -27.78 -0.35 -5.61
CA LEU F 90 -28.75 0.21 -6.54
C LEU F 90 -30.16 -0.29 -6.29
N GLY F 91 -30.39 -1.03 -5.21
CA GLY F 91 -31.70 -1.60 -4.93
C GLY F 91 -32.00 -2.94 -5.62
N VAL F 92 -31.07 -3.52 -6.37
CA VAL F 92 -31.34 -4.76 -7.09
C VAL F 92 -31.16 -5.96 -6.16
N PRO F 93 -32.19 -6.80 -5.94
CA PRO F 93 -32.01 -7.99 -5.09
C PRO F 93 -31.05 -8.98 -5.74
N THR F 94 -30.01 -9.35 -4.98
CA THR F 94 -28.91 -10.16 -5.51
C THR F 94 -28.53 -11.25 -4.52
N ARG F 95 -28.28 -12.46 -5.05
CA ARG F 95 -27.78 -13.58 -4.27
C ARG F 95 -26.52 -14.11 -4.93
N VAL F 96 -25.57 -14.55 -4.10
CA VAL F 96 -24.32 -15.16 -4.54
C VAL F 96 -24.33 -16.64 -4.15
N GLN F 97 -24.02 -17.52 -5.10
CA GLN F 97 -23.76 -18.92 -4.82
C GLN F 97 -22.37 -19.24 -5.33
N THR F 98 -21.57 -19.94 -4.52
CA THR F 98 -20.20 -20.25 -4.88
C THR F 98 -20.02 -21.75 -5.09
N ALA F 99 -19.15 -22.11 -6.03
CA ALA F 99 -18.90 -23.50 -6.37
C ALA F 99 -17.98 -24.20 -5.36
N LEU F 100 -17.21 -23.44 -4.59
CA LEU F 100 -16.56 -23.96 -3.40
C LEU F 100 -17.40 -23.56 -2.20
N THR F 101 -17.55 -24.47 -1.25
CA THR F 101 -18.45 -24.24 -0.13
C THR F 101 -17.73 -23.46 0.95
N ILE F 102 -18.21 -22.23 1.19
CA ILE F 102 -17.67 -21.37 2.24
C ILE F 102 -18.87 -20.73 2.92
N THR F 103 -19.50 -21.46 3.83
CA THR F 103 -20.85 -21.13 4.26
C THR F 103 -20.95 -19.76 4.92
N GLN F 104 -19.88 -19.33 5.62
CA GLN F 104 -19.91 -18.03 6.28
C GLN F 104 -19.93 -16.88 5.27
N VAL F 105 -19.44 -17.12 4.07
CA VAL F 105 -19.22 -16.06 3.09
C VAL F 105 -20.39 -15.96 2.12
N ALA F 106 -20.92 -17.08 1.67
CA ALA F 106 -21.97 -17.06 0.68
C ALA F 106 -22.67 -18.40 0.73
N GLU F 107 -23.84 -18.48 0.17
CA GLU F 107 -24.43 -19.80 0.14
C GLU F 107 -23.76 -20.67 -0.94
N PRO F 108 -23.73 -21.99 -0.78
CA PRO F 108 -23.12 -22.85 -1.80
C PRO F 108 -24.00 -22.96 -3.04
N TYR F 109 -23.40 -23.36 -4.16
CA TYR F 109 -24.19 -23.64 -5.35
C TYR F 109 -25.13 -24.81 -5.09
N ILE F 110 -26.42 -24.55 -5.19
CA ILE F 110 -27.45 -25.57 -5.07
C ILE F 110 -28.50 -25.28 -6.12
N ARG F 111 -28.68 -26.21 -7.06
CA ARG F 111 -29.51 -25.96 -8.22
C ARG F 111 -30.92 -25.51 -7.82
N ARG F 112 -31.54 -26.21 -6.88
CA ARG F 112 -32.92 -25.90 -6.53
C ARG F 112 -33.05 -24.50 -5.92
N ARG F 113 -32.11 -24.12 -5.04
CA ARG F 113 -32.16 -22.75 -4.49
C ARG F 113 -31.91 -21.70 -5.56
N ALA F 114 -30.98 -21.97 -6.48
CA ALA F 114 -30.69 -21.02 -7.55
C ALA F 114 -31.91 -20.79 -8.41
N LEU F 115 -32.69 -21.85 -8.67
CA LEU F 115 -33.92 -21.69 -9.44
C LEU F 115 -34.97 -20.89 -8.67
N ARG F 116 -35.09 -21.09 -7.35
CA ARG F 116 -36.05 -20.30 -6.59
C ARG F 116 -35.67 -18.83 -6.56
N HIS F 117 -34.37 -18.53 -6.49
CA HIS F 117 -33.95 -17.13 -6.46
C HIS F 117 -34.32 -16.43 -7.75
N LEU F 118 -34.14 -17.12 -8.89
CA LEU F 118 -34.43 -16.52 -10.19
C LEU F 118 -35.93 -16.29 -10.33
N GLU F 119 -36.73 -17.28 -9.95
CA GLU F 119 -38.18 -17.15 -10.03
C GLU F 119 -38.67 -16.00 -9.16
N LYS F 120 -38.04 -15.78 -8.02
CA LYS F 120 -38.36 -14.65 -7.16
C LYS F 120 -37.73 -13.34 -7.64
N GLU F 121 -37.26 -13.30 -8.88
CA GLU F 121 -36.78 -12.08 -9.54
C GLU F 121 -35.49 -11.54 -8.93
N ARG F 122 -34.64 -12.42 -8.40
CA ARG F 122 -33.33 -12.02 -7.89
C ARG F 122 -32.25 -12.32 -8.92
N ILE F 123 -31.25 -11.47 -8.95
CA ILE F 123 -30.02 -11.78 -9.69
C ILE F 123 -29.22 -12.81 -8.89
N VAL F 124 -28.81 -13.88 -9.55
CA VAL F 124 -27.93 -14.89 -8.95
C VAL F 124 -26.55 -14.74 -9.59
N ILE F 125 -25.55 -14.43 -8.76
CA ILE F 125 -24.17 -14.36 -9.21
C ILE F 125 -23.46 -15.63 -8.80
N PHE F 126 -22.84 -16.30 -9.77
CA PHE F 126 -22.13 -17.55 -9.55
C PHE F 126 -20.63 -17.30 -9.46
N GLY F 127 -20.05 -17.57 -8.29
CA GLY F 127 -18.61 -17.47 -8.12
C GLY F 127 -17.91 -18.80 -7.90
N GLY F 128 -16.60 -18.83 -8.06
CA GLY F 128 -15.83 -20.05 -7.92
C GLY F 128 -15.80 -20.91 -9.16
N GLY F 129 -16.23 -20.39 -10.31
CA GLY F 129 -16.25 -21.19 -11.52
C GLY F 129 -17.11 -22.43 -11.34
N THR F 130 -16.59 -23.57 -11.76
CA THR F 130 -17.30 -24.82 -11.55
C THR F 130 -16.83 -25.53 -10.29
N GLY F 131 -15.79 -25.02 -9.65
CA GLY F 131 -15.12 -25.76 -8.61
C GLY F 131 -14.01 -26.68 -9.10
N ASN F 132 -13.94 -26.92 -10.42
CA ASN F 132 -12.94 -27.79 -11.03
C ASN F 132 -11.86 -26.99 -11.72
N PRO F 133 -10.59 -27.29 -11.50
CA PRO F 133 -9.53 -26.71 -12.35
C PRO F 133 -9.72 -27.19 -13.78
N PHE F 134 -9.06 -26.48 -14.71
CA PHE F 134 -9.14 -26.72 -16.15
C PHE F 134 -10.51 -26.37 -16.74
N PHE F 135 -11.51 -26.08 -15.90
CA PHE F 135 -12.79 -25.53 -16.33
C PHE F 135 -12.77 -24.01 -16.15
N SER F 136 -12.50 -23.28 -17.23
CA SER F 136 -12.48 -21.82 -17.21
C SER F 136 -13.84 -21.19 -16.86
N THR F 137 -13.81 -19.88 -16.64
CA THR F 137 -15.03 -19.09 -16.42
C THR F 137 -16.01 -19.25 -17.57
N ASP F 138 -15.51 -19.27 -18.81
CA ASP F 138 -16.34 -19.55 -19.97
C ASP F 138 -17.12 -20.85 -19.78
N THR F 139 -16.42 -21.94 -19.45
CA THR F 139 -17.11 -23.20 -19.26
C THR F 139 -18.07 -23.12 -18.08
N ALA F 140 -17.71 -22.36 -17.03
CA ALA F 140 -18.63 -22.19 -15.91
C ALA F 140 -19.91 -21.49 -16.34
N ALA F 141 -19.77 -20.47 -17.19
CA ALA F 141 -20.94 -19.79 -17.74
C ALA F 141 -21.83 -20.75 -18.50
N ALA F 142 -21.22 -21.51 -19.42
CA ALA F 142 -22.00 -22.50 -20.16
C ALA F 142 -22.71 -23.46 -19.21
N LEU F 143 -21.95 -24.06 -18.27
CA LEU F 143 -22.52 -25.05 -17.36
C LEU F 143 -23.65 -24.45 -16.53
N ARG F 144 -23.41 -23.27 -15.95
CA ARG F 144 -24.44 -22.66 -15.12
C ARG F 144 -25.67 -22.28 -15.94
N ALA F 145 -25.46 -21.86 -17.19
CA ALA F 145 -26.59 -21.57 -18.07
C ALA F 145 -27.48 -22.77 -18.24
N LEU F 146 -26.89 -23.92 -18.59
CA LEU F 146 -27.67 -25.16 -18.70
C LEU F 146 -28.35 -25.49 -17.38
N GLU F 147 -27.64 -25.30 -16.26
CA GLU F 147 -28.20 -25.73 -14.99
C GLU F 147 -29.44 -24.92 -14.61
N VAL F 148 -29.45 -23.61 -14.89
CA VAL F 148 -30.58 -22.77 -14.50
C VAL F 148 -31.60 -22.62 -15.63
N GLY F 149 -31.40 -23.33 -16.73
CA GLY F 149 -32.35 -23.24 -17.83
C GLY F 149 -32.33 -21.92 -18.56
N ALA F 150 -31.20 -21.22 -18.58
CA ALA F 150 -31.10 -20.00 -19.35
C ALA F 150 -31.28 -20.28 -20.84
N GLU F 151 -31.79 -19.29 -21.58
CA GLU F 151 -32.05 -19.46 -23.00
C GLU F 151 -30.86 -19.13 -23.88
N VAL F 152 -29.83 -18.48 -23.33
CA VAL F 152 -28.68 -18.04 -24.11
C VAL F 152 -27.59 -17.69 -23.11
N VAL F 153 -26.34 -17.83 -23.54
CA VAL F 153 -25.18 -17.32 -22.79
C VAL F 153 -24.73 -16.02 -23.44
N LEU F 154 -24.66 -14.96 -22.66
CA LEU F 154 -24.20 -13.67 -23.15
C LEU F 154 -22.75 -13.48 -22.72
N MET F 155 -21.81 -13.63 -23.65
CA MET F 155 -20.38 -13.45 -23.35
C MET F 155 -20.03 -11.99 -23.50
N ALA F 156 -20.14 -11.24 -22.40
CA ALA F 156 -19.60 -9.89 -22.38
C ALA F 156 -18.09 -9.99 -22.51
N LYS F 157 -17.57 -9.84 -23.73
CA LYS F 157 -16.14 -9.93 -23.94
C LYS F 157 -15.49 -8.58 -23.73
N ASN F 158 -14.24 -8.62 -23.26
CA ASN F 158 -13.45 -7.43 -23.02
C ASN F 158 -12.83 -6.93 -24.32
N LYS F 159 -12.94 -5.61 -24.55
CA LYS F 159 -12.37 -4.92 -25.71
C LYS F 159 -13.10 -5.16 -27.03
N VAL F 160 -13.59 -6.37 -27.30
CA VAL F 160 -14.18 -6.73 -28.59
C VAL F 160 -15.69 -6.67 -28.50
N ASP F 161 -16.34 -6.60 -29.67
CA ASP F 161 -17.79 -6.52 -29.74
C ASP F 161 -18.39 -7.66 -30.56
N GLY F 162 -17.60 -8.69 -30.84
CA GLY F 162 -18.11 -9.85 -31.54
C GLY F 162 -16.99 -10.85 -31.74
N VAL F 163 -17.26 -11.86 -32.55
CA VAL F 163 -16.23 -12.84 -32.90
C VAL F 163 -15.64 -12.43 -34.24
N TYR F 164 -14.31 -12.45 -34.32
CA TYR F 164 -13.61 -12.00 -35.51
C TYR F 164 -12.84 -13.16 -36.12
N SER F 165 -12.48 -12.98 -37.41
CA SER F 165 -11.68 -13.96 -38.11
C SER F 165 -10.35 -14.22 -37.40
N ASP F 166 -9.95 -13.32 -36.52
CA ASP F 166 -8.66 -13.39 -35.87
C ASP F 166 -8.75 -12.54 -34.62
N ASP F 167 -7.73 -12.62 -33.77
CA ASP F 167 -7.66 -11.76 -32.60
C ASP F 167 -7.59 -10.32 -33.10
N PRO F 168 -8.67 -9.54 -32.96
CA PRO F 168 -8.66 -8.18 -33.51
C PRO F 168 -7.62 -7.28 -32.87
N ARG F 169 -7.19 -7.57 -31.63
CA ARG F 169 -6.14 -6.79 -31.00
C ARG F 169 -4.77 -7.07 -31.61
N LYS F 170 -4.56 -8.24 -32.20
CA LYS F 170 -3.29 -8.57 -32.85
C LYS F 170 -3.32 -8.42 -34.37
N ASN F 171 -4.49 -8.29 -34.97
CA ASN F 171 -4.63 -8.28 -36.42
C ASN F 171 -5.64 -7.23 -36.80
N PRO F 172 -5.20 -6.03 -37.17
CA PRO F 172 -6.15 -4.97 -37.53
C PRO F 172 -6.97 -5.31 -38.77
N GLU F 173 -6.62 -6.34 -39.52
CA GLU F 173 -7.35 -6.77 -40.70
C GLU F 173 -8.42 -7.81 -40.40
N ALA F 174 -8.65 -8.13 -39.12
CA ALA F 174 -9.68 -9.10 -38.75
C ALA F 174 -11.05 -8.62 -39.20
N VAL F 175 -11.94 -9.57 -39.47
CA VAL F 175 -13.30 -9.31 -39.94
C VAL F 175 -14.29 -9.91 -38.96
N ARG F 176 -15.31 -9.14 -38.62
CA ARG F 176 -16.33 -9.58 -37.67
C ARG F 176 -17.36 -10.47 -38.36
N PHE F 177 -17.83 -11.50 -37.64
CA PHE F 177 -18.89 -12.39 -38.10
C PHE F 177 -20.22 -11.95 -37.48
N ASP F 178 -21.29 -12.00 -38.27
CA ASP F 178 -22.61 -11.86 -37.68
C ASP F 178 -23.04 -13.16 -37.01
N GLU F 179 -22.69 -14.30 -37.61
CA GLU F 179 -23.17 -15.61 -37.21
C GLU F 179 -22.07 -16.63 -37.43
N LEU F 180 -22.07 -17.64 -36.58
CA LEU F 180 -21.11 -18.72 -36.68
C LEU F 180 -21.75 -19.97 -36.13
N THR F 181 -21.35 -21.12 -36.65
CA THR F 181 -21.68 -22.37 -35.98
C THR F 181 -20.64 -22.69 -34.93
N TYR F 182 -20.99 -23.59 -34.03
CA TYR F 182 -20.02 -24.11 -33.08
C TYR F 182 -18.83 -24.73 -33.81
N LEU F 183 -19.09 -25.61 -34.77
CA LEU F 183 -17.99 -26.25 -35.50
C LEU F 183 -17.11 -25.21 -36.19
N GLU F 184 -17.72 -24.14 -36.72
CA GLU F 184 -16.94 -23.13 -37.41
C GLU F 184 -15.93 -22.50 -36.47
N VAL F 185 -16.35 -22.19 -35.24
CA VAL F 185 -15.45 -21.60 -34.26
C VAL F 185 -14.28 -22.53 -33.97
N LEU F 186 -14.55 -23.84 -33.83
CA LEU F 186 -13.46 -24.78 -33.53
C LEU F 186 -12.54 -25.00 -34.74
N ASN F 187 -13.11 -25.14 -35.93
CA ASN F 187 -12.28 -25.43 -37.10
C ASN F 187 -11.39 -24.24 -37.46
N ARG F 188 -11.91 -23.01 -37.31
CA ARG F 188 -11.12 -21.82 -37.57
C ARG F 188 -10.16 -21.48 -36.45
N GLY F 189 -10.23 -22.21 -35.33
CA GLY F 189 -9.30 -21.97 -34.24
C GLY F 189 -9.45 -20.63 -33.56
N LEU F 190 -10.66 -20.09 -33.51
CA LEU F 190 -10.86 -18.80 -32.87
C LEU F 190 -10.64 -18.91 -31.36
N GLN F 191 -9.80 -18.02 -30.82
CA GLN F 191 -9.49 -17.95 -29.40
C GLN F 191 -10.44 -17.05 -28.64
N VAL F 192 -11.66 -16.87 -29.12
CA VAL F 192 -12.56 -15.94 -28.45
C VAL F 192 -13.13 -16.55 -27.16
N MET F 193 -13.26 -17.89 -27.07
CA MET F 193 -13.67 -18.47 -25.80
C MET F 193 -13.26 -19.93 -25.77
N ASP F 194 -13.23 -20.45 -24.54
CA ASP F 194 -12.89 -21.84 -24.28
C ASP F 194 -13.63 -22.80 -25.21
N THR F 195 -12.86 -23.65 -25.90
CA THR F 195 -13.45 -24.68 -26.76
C THR F 195 -14.36 -25.64 -25.98
N THR F 196 -14.05 -25.89 -24.70
CA THR F 196 -14.92 -26.76 -23.90
C THR F 196 -16.25 -26.09 -23.61
N ALA F 197 -16.23 -24.79 -23.37
CA ALA F 197 -17.46 -24.04 -23.25
C ALA F 197 -18.26 -24.10 -24.56
N ILE F 198 -17.56 -24.04 -25.71
CA ILE F 198 -18.24 -24.11 -27.01
C ILE F 198 -18.94 -25.46 -27.16
N THR F 199 -18.23 -26.56 -26.93
CA THR F 199 -18.82 -27.87 -27.19
C THR F 199 -19.93 -28.19 -26.21
N LEU F 200 -19.82 -27.72 -24.96
CA LEU F 200 -20.92 -27.88 -24.02
C LEU F 200 -22.19 -27.22 -24.55
N CYS F 201 -22.09 -25.98 -25.06
CA CYS F 201 -23.24 -25.32 -25.67
C CYS F 201 -23.68 -26.03 -26.94
N MET F 202 -22.72 -26.49 -27.74
CA MET F 202 -23.05 -27.25 -28.94
C MET F 202 -23.91 -28.46 -28.61
N GLU F 203 -23.49 -29.26 -27.60
CA GLU F 203 -24.23 -30.47 -27.27
C GLU F 203 -25.67 -30.17 -26.86
N ALA F 204 -25.92 -29.00 -26.27
CA ALA F 204 -27.23 -28.66 -25.75
C ALA F 204 -28.05 -27.80 -26.69
N GLY F 205 -27.47 -27.34 -27.80
CA GLY F 205 -28.19 -26.41 -28.65
C GLY F 205 -28.38 -25.05 -28.01
N LEU F 206 -27.47 -24.66 -27.13
CA LEU F 206 -27.59 -23.40 -26.40
C LEU F 206 -26.88 -22.31 -27.19
N PRO F 207 -27.57 -21.26 -27.61
CA PRO F 207 -26.89 -20.21 -28.39
C PRO F 207 -26.04 -19.31 -27.49
N ILE F 208 -25.00 -18.76 -28.10
CA ILE F 208 -24.07 -17.83 -27.45
C ILE F 208 -24.09 -16.52 -28.22
N VAL F 209 -24.12 -15.40 -27.49
CA VAL F 209 -23.96 -14.09 -28.09
C VAL F 209 -22.71 -13.45 -27.49
N VAL F 210 -21.72 -13.16 -28.34
CA VAL F 210 -20.52 -12.44 -27.94
C VAL F 210 -20.74 -10.96 -28.26
N PHE F 211 -20.55 -10.10 -27.26
CA PHE F 211 -20.89 -8.70 -27.45
C PHE F 211 -20.06 -7.83 -26.53
N ASP F 212 -20.12 -6.53 -26.78
CA ASP F 212 -19.48 -5.50 -25.95
C ASP F 212 -20.52 -4.94 -25.00
N ILE F 213 -20.33 -5.17 -23.70
CA ILE F 213 -21.33 -4.74 -22.74
C ILE F 213 -21.23 -3.24 -22.46
N PHE F 214 -20.11 -2.61 -22.79
CA PHE F 214 -19.91 -1.19 -22.58
C PHE F 214 -20.14 -0.38 -23.85
N LYS F 215 -20.76 -1.00 -24.86
CA LYS F 215 -21.43 -0.28 -25.93
C LYS F 215 -22.85 0.01 -25.46
N PRO F 216 -23.22 1.27 -25.20
CA PRO F 216 -24.54 1.54 -24.60
C PRO F 216 -25.66 0.89 -25.39
N GLY F 217 -26.66 0.38 -24.67
CA GLY F 217 -27.81 -0.25 -25.27
C GLY F 217 -27.62 -1.68 -25.72
N ALA F 218 -26.38 -2.16 -25.87
CA ALA F 218 -26.12 -3.48 -26.44
C ALA F 218 -26.78 -4.58 -25.62
N LEU F 219 -26.46 -4.65 -24.31
CA LEU F 219 -27.02 -5.70 -23.48
C LEU F 219 -28.55 -5.66 -23.50
N VAL F 220 -29.14 -4.48 -23.27
CA VAL F 220 -30.59 -4.41 -23.30
C VAL F 220 -31.09 -4.71 -24.70
N GLY F 221 -30.31 -4.37 -25.72
CA GLY F 221 -30.68 -4.71 -27.08
C GLY F 221 -30.84 -6.19 -27.29
N ILE F 222 -29.83 -6.98 -26.88
CA ILE F 222 -29.88 -8.43 -27.05
C ILE F 222 -31.11 -9.01 -26.36
N ILE F 223 -31.40 -8.53 -25.15
CA ILE F 223 -32.54 -9.04 -24.41
C ILE F 223 -33.84 -8.73 -25.14
N GLN F 224 -33.93 -7.57 -25.79
CA GLN F 224 -35.19 -7.18 -26.42
C GLN F 224 -35.37 -7.76 -27.81
N GLY F 225 -34.30 -8.22 -28.45
CA GLY F 225 -34.41 -8.90 -29.73
C GLY F 225 -33.58 -8.31 -30.86
N GLU F 226 -32.81 -7.25 -30.63
CA GLU F 226 -32.05 -6.67 -31.71
C GLU F 226 -30.83 -7.53 -32.03
N LYS F 227 -30.35 -7.40 -33.26
CA LYS F 227 -29.15 -8.09 -33.69
C LYS F 227 -27.96 -7.30 -33.16
N VAL F 228 -27.26 -7.85 -32.17
CA VAL F 228 -26.09 -7.26 -31.56
C VAL F 228 -25.00 -8.32 -31.45
N GLY F 229 -23.77 -7.93 -31.71
CA GLY F 229 -22.68 -8.86 -31.55
C GLY F 229 -22.72 -10.02 -32.54
N THR F 230 -22.01 -11.08 -32.19
CA THR F 230 -21.95 -12.32 -32.97
C THR F 230 -22.76 -13.40 -32.28
N LEU F 231 -23.61 -14.08 -33.05
CA LEU F 231 -24.38 -15.22 -32.57
C LEU F 231 -23.68 -16.51 -32.96
N ILE F 232 -23.41 -17.37 -31.98
CA ILE F 232 -22.91 -18.72 -32.21
C ILE F 232 -24.03 -19.69 -31.91
N HIS F 233 -24.38 -20.52 -32.89
CA HIS F 233 -25.52 -21.42 -32.70
C HIS F 233 -25.45 -22.59 -33.66
N MET G 1 8.74 -49.73 -20.65
CA MET G 1 7.45 -49.15 -20.27
C MET G 1 7.32 -47.72 -20.82
N LYS G 2 6.23 -47.48 -21.56
CA LYS G 2 6.02 -46.19 -22.21
C LYS G 2 5.44 -45.15 -21.26
N TYR G 3 4.54 -45.58 -20.39
CA TYR G 3 3.75 -44.69 -19.55
C TYR G 3 4.07 -44.96 -18.09
N LYS G 4 4.37 -43.89 -17.35
CA LYS G 4 4.57 -44.03 -15.92
C LYS G 4 3.27 -43.87 -15.14
N ARG G 5 2.34 -43.05 -15.62
CA ARG G 5 1.09 -42.78 -14.91
C ARG G 5 -0.01 -42.57 -15.93
N VAL G 6 -1.11 -43.31 -15.77
CA VAL G 6 -2.21 -43.31 -16.73
C VAL G 6 -3.53 -43.15 -15.98
N LEU G 7 -4.52 -42.65 -16.69
CA LEU G 7 -5.90 -42.65 -16.22
C LEU G 7 -6.69 -43.65 -17.04
N LEU G 8 -7.35 -44.58 -16.35
CA LEU G 8 -8.09 -45.66 -16.98
C LEU G 8 -9.59 -45.41 -16.80
N LYS G 9 -10.31 -45.20 -17.91
CA LYS G 9 -11.75 -44.97 -17.88
C LYS G 9 -12.49 -46.28 -18.14
N LEU G 10 -13.37 -46.66 -17.22
CA LEU G 10 -14.09 -47.92 -17.26
C LEU G 10 -15.59 -47.69 -17.27
N SER G 11 -16.27 -48.47 -18.09
CA SER G 11 -17.73 -48.46 -18.15
C SER G 11 -18.33 -49.16 -16.94
N GLY G 12 -19.37 -48.55 -16.37
CA GLY G 12 -20.14 -49.25 -15.35
C GLY G 12 -20.63 -50.61 -15.80
N GLU G 13 -20.76 -50.81 -17.12
CA GLU G 13 -21.29 -52.08 -17.62
C GLU G 13 -20.35 -53.25 -17.33
N PHE G 14 -19.05 -52.98 -17.18
CA PHE G 14 -18.09 -54.04 -16.89
C PHE G 14 -18.35 -54.71 -15.55
N LEU G 15 -19.18 -54.14 -14.71
CA LEU G 15 -19.45 -54.74 -13.41
C LEU G 15 -20.62 -55.72 -13.45
N THR G 16 -21.19 -55.99 -14.62
CA THR G 16 -22.26 -56.98 -14.75
C THR G 16 -22.11 -57.72 -16.08
N ARG G 17 -22.50 -58.99 -16.09
CA ARG G 17 -22.56 -59.78 -17.32
C ARG G 17 -24.01 -60.02 -17.66
N ASN G 18 -24.66 -58.98 -18.14
CA ASN G 18 -26.11 -58.95 -18.17
C ASN G 18 -26.57 -57.65 -18.79
N GLY G 19 -26.63 -56.60 -17.98
CA GLY G 19 -27.00 -55.28 -18.42
C GLY G 19 -27.26 -54.40 -17.22
N PHE G 20 -27.88 -54.96 -16.18
CA PHE G 20 -28.19 -54.25 -14.97
C PHE G 20 -27.41 -54.83 -13.81
N GLY G 21 -27.16 -53.98 -12.79
CA GLY G 21 -26.69 -54.43 -11.50
C GLY G 21 -25.18 -54.53 -11.36
N ILE G 22 -24.78 -54.90 -10.15
CA ILE G 22 -23.40 -55.19 -9.82
C ILE G 22 -23.31 -56.67 -9.51
N GLU G 23 -22.42 -57.38 -10.20
CA GLU G 23 -22.27 -58.80 -9.97
C GLU G 23 -20.86 -59.11 -9.50
N PRO G 24 -20.70 -60.04 -8.56
CA PRO G 24 -19.35 -60.33 -8.06
C PRO G 24 -18.44 -60.94 -9.10
N GLU G 25 -18.94 -61.89 -9.90
CA GLU G 25 -18.07 -62.56 -10.86
C GLU G 25 -17.52 -61.57 -11.88
N ALA G 26 -18.40 -60.73 -12.43
CA ALA G 26 -17.95 -59.70 -13.37
C ALA G 26 -17.00 -58.72 -12.70
N THR G 27 -17.36 -58.24 -11.50
CA THR G 27 -16.50 -57.29 -10.80
C THR G 27 -15.12 -57.87 -10.57
N GLN G 28 -15.04 -59.16 -10.21
CA GLN G 28 -13.73 -59.76 -9.99
C GLN G 28 -12.96 -59.89 -11.30
N ALA G 29 -13.63 -60.29 -12.38
CA ALA G 29 -12.97 -60.33 -13.67
C ALA G 29 -12.35 -58.98 -14.03
N LEU G 30 -13.11 -57.90 -13.84
CA LEU G 30 -12.57 -56.56 -14.12
C LEU G 30 -11.39 -56.24 -13.22
N ALA G 31 -11.49 -56.57 -11.93
CA ALA G 31 -10.37 -56.32 -11.02
C ALA G 31 -9.11 -57.05 -11.49
N ARG G 32 -9.25 -58.27 -12.01
CA ARG G 32 -8.09 -59.01 -12.48
C ARG G 32 -7.38 -58.29 -13.61
N GLU G 33 -8.14 -57.80 -14.59
CA GLU G 33 -7.53 -56.97 -15.64
C GLU G 33 -6.78 -55.80 -15.04
N ILE G 34 -7.42 -55.05 -14.13
CA ILE G 34 -6.77 -53.89 -13.52
C ILE G 34 -5.51 -54.31 -12.78
N LYS G 35 -5.55 -55.47 -12.09
CA LYS G 35 -4.37 -55.93 -11.37
C LYS G 35 -3.22 -56.24 -12.32
N ALA G 36 -3.52 -56.84 -13.48
CA ALA G 36 -2.47 -57.05 -14.48
C ALA G 36 -1.79 -55.74 -14.84
N ALA G 37 -2.57 -54.68 -15.10
CA ALA G 37 -1.96 -53.38 -15.36
C ALA G 37 -1.18 -52.90 -14.16
N TYR G 38 -1.74 -53.04 -12.96
CA TYR G 38 -1.06 -52.59 -11.75
C TYR G 38 0.27 -53.29 -11.56
N ASP G 39 0.33 -54.59 -11.88
CA ASP G 39 1.57 -55.35 -11.71
C ASP G 39 2.69 -54.87 -12.62
N THR G 40 2.38 -54.13 -13.70
CA THR G 40 3.45 -53.57 -14.52
C THR G 40 4.23 -52.47 -13.82
N GLY G 41 3.79 -52.01 -12.66
CA GLY G 41 4.42 -50.90 -11.99
C GLY G 41 3.92 -49.54 -12.39
N VAL G 42 2.93 -49.45 -13.28
CA VAL G 42 2.39 -48.16 -13.68
C VAL G 42 1.50 -47.61 -12.58
N GLN G 43 1.58 -46.30 -12.37
CA GLN G 43 0.67 -45.61 -11.48
C GLN G 43 -0.69 -45.46 -12.17
N LEU G 44 -1.75 -45.86 -11.46
CA LEU G 44 -3.06 -46.09 -12.04
C LEU G 44 -4.12 -45.27 -11.31
N ALA G 45 -4.73 -44.32 -12.01
CA ALA G 45 -5.98 -43.71 -11.59
C ALA G 45 -7.10 -44.23 -12.47
N ILE G 46 -8.30 -44.31 -11.90
CA ILE G 46 -9.45 -44.89 -12.58
C ILE G 46 -10.64 -43.94 -12.43
N VAL G 47 -11.41 -43.79 -13.52
CA VAL G 47 -12.75 -43.20 -13.48
C VAL G 47 -13.74 -44.27 -13.93
N ILE G 48 -14.81 -44.47 -13.15
CA ILE G 48 -15.76 -45.56 -13.40
C ILE G 48 -17.13 -44.97 -13.71
N GLY G 49 -17.82 -45.57 -14.68
CA GLY G 49 -19.12 -45.12 -15.10
C GLY G 49 -20.25 -45.81 -14.33
N ALA G 50 -21.47 -45.66 -14.85
CA ALA G 50 -22.65 -46.17 -14.15
C ALA G 50 -23.74 -46.72 -15.07
N GLY G 51 -23.43 -46.99 -16.34
CA GLY G 51 -24.42 -47.53 -17.24
C GLY G 51 -25.14 -48.78 -16.75
N ASN G 52 -24.50 -49.54 -15.86
CA ASN G 52 -25.10 -50.76 -15.33
C ASN G 52 -26.23 -50.50 -14.34
N LEU G 53 -26.30 -49.29 -13.78
CA LEU G 53 -27.31 -48.97 -12.77
C LEU G 53 -28.33 -47.92 -13.19
N TRP G 54 -27.97 -47.00 -14.10
CA TRP G 54 -28.85 -45.86 -14.37
C TRP G 54 -28.64 -45.35 -15.79
N ARG G 55 -29.75 -45.25 -16.54
CA ARG G 55 -29.70 -44.98 -17.98
C ARG G 55 -30.37 -43.64 -18.35
N GLY G 56 -30.27 -42.62 -17.48
CA GLY G 56 -30.87 -41.32 -17.76
C GLY G 56 -32.34 -41.18 -17.36
N ALA G 57 -32.86 -39.94 -17.55
CA ALA G 57 -34.23 -39.50 -17.30
C ALA G 57 -35.26 -40.20 -18.12
N ARG G 58 -34.87 -41.19 -18.94
CA ARG G 58 -35.86 -42.11 -19.49
C ARG G 58 -36.63 -42.82 -18.39
N GLN G 59 -35.96 -43.13 -17.27
CA GLN G 59 -36.55 -43.95 -16.21
C GLN G 59 -37.31 -43.15 -15.17
N GLY G 60 -37.33 -41.82 -15.28
CA GLY G 60 -38.09 -41.00 -14.38
C GLY G 60 -39.32 -40.39 -15.02
N VAL G 61 -40.28 -39.96 -14.21
CA VAL G 61 -41.45 -39.23 -14.70
C VAL G 61 -41.27 -37.76 -14.35
N GLY G 62 -41.19 -36.92 -15.39
CA GLY G 62 -41.00 -35.50 -15.23
C GLY G 62 -39.67 -35.19 -14.57
N MET G 63 -38.59 -35.75 -15.11
CA MET G 63 -37.27 -35.66 -14.51
C MET G 63 -36.39 -34.69 -15.28
N ASP G 64 -35.84 -33.70 -14.57
CA ASP G 64 -34.80 -32.86 -15.15
C ASP G 64 -33.62 -33.70 -15.58
N ARG G 65 -32.91 -33.23 -16.59
CA ARG G 65 -31.60 -33.80 -16.90
C ARG G 65 -30.65 -33.69 -15.71
N ALA G 66 -30.67 -32.55 -15.01
CA ALA G 66 -29.77 -32.37 -13.86
C ALA G 66 -30.06 -33.39 -12.76
N THR G 67 -31.34 -33.56 -12.42
CA THR G 67 -31.70 -34.58 -11.44
C THR G 67 -31.22 -35.95 -11.88
N ALA G 68 -31.43 -36.30 -13.15
CA ALA G 68 -30.99 -37.60 -13.64
C ALA G 68 -29.49 -37.73 -13.53
N ASP G 69 -28.77 -36.63 -13.72
CA ASP G 69 -27.32 -36.70 -13.69
C ASP G 69 -26.80 -36.91 -12.27
N TYR G 70 -27.40 -36.24 -11.29
CA TYR G 70 -27.02 -36.47 -9.90
C TYR G 70 -27.29 -37.92 -9.50
N ILE G 71 -28.44 -38.46 -9.90
CA ILE G 71 -28.70 -39.87 -9.68
C ILE G 71 -27.61 -40.72 -10.32
N GLY G 72 -27.23 -40.39 -11.55
CA GLY G 72 -26.14 -41.10 -12.21
C GLY G 72 -24.83 -41.03 -11.44
N MET G 73 -24.49 -39.85 -10.91
CA MET G 73 -23.25 -39.70 -10.15
C MET G 73 -23.27 -40.54 -8.87
N LEU G 74 -24.42 -40.61 -8.20
CA LEU G 74 -24.53 -41.47 -7.03
C LEU G 74 -24.27 -42.93 -7.41
N ALA G 75 -24.75 -43.34 -8.59
CA ALA G 75 -24.51 -44.71 -9.04
C ALA G 75 -23.02 -44.98 -9.26
N THR G 76 -22.30 -44.02 -9.87
CA THR G 76 -20.87 -44.23 -10.09
C THR G 76 -20.16 -44.49 -8.76
N ILE G 77 -20.57 -43.78 -7.71
CA ILE G 77 -19.94 -44.02 -6.41
C ILE G 77 -20.23 -45.43 -5.93
N MET G 78 -21.45 -45.91 -6.14
CA MET G 78 -21.77 -47.30 -5.82
C MET G 78 -20.79 -48.26 -6.50
N ASN G 79 -20.51 -48.02 -7.78
CA ASN G 79 -19.60 -48.90 -8.50
C ASN G 79 -18.18 -48.76 -7.98
N ALA G 80 -17.75 -47.52 -7.70
CA ALA G 80 -16.40 -47.31 -7.20
C ALA G 80 -16.18 -48.09 -5.92
N LEU G 81 -17.13 -48.04 -4.98
CA LEU G 81 -16.99 -48.81 -3.77
C LEU G 81 -16.90 -50.31 -4.08
N ALA G 82 -17.75 -50.82 -4.99
CA ALA G 82 -17.70 -52.24 -5.31
C ALA G 82 -16.37 -52.60 -5.95
N LEU G 83 -15.89 -51.75 -6.85
CA LEU G 83 -14.61 -52.04 -7.49
C LEU G 83 -13.46 -52.00 -6.48
N GLN G 84 -13.53 -51.09 -5.50
CA GLN G 84 -12.47 -51.00 -4.50
C GLN G 84 -12.35 -52.30 -3.72
N ASP G 85 -13.48 -52.87 -3.30
CA ASP G 85 -13.41 -54.09 -2.52
C ASP G 85 -12.90 -55.25 -3.36
N ALA G 86 -13.28 -55.32 -4.63
CA ALA G 86 -12.74 -56.36 -5.50
C ALA G 86 -11.23 -56.22 -5.63
N LEU G 87 -10.74 -55.01 -5.87
CA LEU G 87 -9.29 -54.83 -5.99
C LEU G 87 -8.58 -55.21 -4.69
N GLU G 88 -9.10 -54.76 -3.54
CA GLU G 88 -8.46 -55.09 -2.28
C GLU G 88 -8.47 -56.60 -2.02
N SER G 89 -9.49 -57.30 -2.49
CA SER G 89 -9.57 -58.76 -2.43
C SER G 89 -8.33 -59.43 -3.04
N LEU G 90 -7.76 -58.84 -4.07
CA LEU G 90 -6.52 -59.32 -4.70
C LEU G 90 -5.28 -58.65 -4.12
N GLY G 91 -5.41 -57.95 -3.00
CA GLY G 91 -4.25 -57.35 -2.38
C GLY G 91 -3.71 -56.11 -3.03
N VAL G 92 -4.48 -55.44 -3.89
CA VAL G 92 -4.06 -54.20 -4.52
C VAL G 92 -4.45 -53.04 -3.61
N PRO G 93 -3.51 -52.20 -3.18
CA PRO G 93 -3.91 -51.03 -2.37
C PRO G 93 -4.69 -50.02 -3.21
N THR G 94 -5.87 -49.65 -2.71
CA THR G 94 -6.84 -48.88 -3.47
C THR G 94 -7.49 -47.84 -2.58
N ARG G 95 -7.58 -46.60 -3.07
CA ARG G 95 -8.39 -45.56 -2.43
C ARG G 95 -9.48 -45.08 -3.38
N VAL G 96 -10.61 -44.66 -2.80
CA VAL G 96 -11.72 -44.08 -3.54
C VAL G 96 -11.81 -42.60 -3.18
N GLN G 97 -11.89 -41.72 -4.19
CA GLN G 97 -12.22 -40.31 -3.96
C GLN G 97 -13.45 -39.94 -4.77
N THR G 98 -14.38 -39.19 -4.17
CA THR G 98 -15.64 -38.88 -4.83
C THR G 98 -15.81 -37.39 -5.05
N ALA G 99 -16.42 -37.03 -6.18
CA ALA G 99 -16.63 -35.63 -6.52
C ALA G 99 -17.72 -35.01 -5.66
N LEU G 100 -18.72 -35.79 -5.27
CA LEU G 100 -19.65 -35.38 -4.22
C LEU G 100 -19.09 -35.81 -2.88
N THR G 101 -19.01 -34.89 -1.94
CA THR G 101 -18.43 -35.20 -0.64
C THR G 101 -19.40 -36.02 0.18
N ILE G 102 -19.04 -37.28 0.47
CA ILE G 102 -19.83 -38.16 1.33
C ILE G 102 -18.85 -38.82 2.30
N THR G 103 -18.57 -38.12 3.41
CA THR G 103 -17.42 -38.43 4.26
C THR G 103 -17.43 -39.86 4.80
N GLN G 104 -18.59 -40.35 5.25
CA GLN G 104 -18.64 -41.68 5.85
C GLN G 104 -18.29 -42.77 4.85
N VAL G 105 -18.43 -42.48 3.56
CA VAL G 105 -18.39 -43.50 2.52
C VAL G 105 -17.03 -43.57 1.83
N ALA G 106 -16.40 -42.42 1.58
CA ALA G 106 -15.14 -42.39 0.87
C ALA G 106 -14.48 -41.04 1.14
N GLU G 107 -13.21 -40.94 0.84
CA GLU G 107 -12.69 -39.59 1.01
C GLU G 107 -13.11 -38.69 -0.13
N PRO G 108 -13.23 -37.39 0.12
CA PRO G 108 -13.56 -36.45 -0.96
C PRO G 108 -12.41 -36.27 -1.92
N TYR G 109 -12.73 -35.79 -3.12
CA TYR G 109 -11.69 -35.49 -4.08
C TYR G 109 -10.83 -34.34 -3.55
N ILE G 110 -9.54 -34.60 -3.37
CA ILE G 110 -8.58 -33.61 -2.93
C ILE G 110 -7.29 -33.87 -3.70
N ARG G 111 -6.86 -32.90 -4.51
CA ARG G 111 -5.78 -33.15 -5.46
C ARG G 111 -4.50 -33.60 -4.75
N ARG G 112 -4.10 -32.87 -3.71
CA ARG G 112 -2.86 -33.22 -3.02
C ARG G 112 -2.90 -34.64 -2.46
N ARG G 113 -4.06 -35.10 -1.98
CA ARG G 113 -4.14 -36.48 -1.49
C ARG G 113 -4.12 -37.48 -2.63
N ALA G 114 -4.84 -37.19 -3.72
CA ALA G 114 -4.80 -38.10 -4.86
C ALA G 114 -3.36 -38.29 -5.33
N LEU G 115 -2.61 -37.19 -5.43
CA LEU G 115 -1.22 -37.28 -5.87
C LEU G 115 -0.39 -38.06 -4.88
N ARG G 116 -0.57 -37.82 -3.57
CA ARG G 116 0.14 -38.64 -2.59
C ARG G 116 -0.23 -40.11 -2.74
N HIS G 117 -1.50 -40.42 -3.02
CA HIS G 117 -1.90 -41.81 -3.12
C HIS G 117 -1.19 -42.50 -4.29
N LEU G 118 -1.14 -41.85 -5.45
CA LEU G 118 -0.50 -42.47 -6.60
C LEU G 118 1.00 -42.60 -6.39
N GLU G 119 1.61 -41.58 -5.75
CA GLU G 119 3.02 -41.65 -5.41
C GLU G 119 3.31 -42.81 -4.47
N LYS G 120 2.37 -43.16 -3.60
CA LYS G 120 2.50 -44.29 -2.69
C LYS G 120 2.03 -45.61 -3.34
N GLU G 121 1.97 -45.66 -4.67
CA GLU G 121 1.66 -46.88 -5.44
C GLU G 121 0.31 -47.46 -5.10
N ARG G 122 -0.66 -46.62 -4.77
CA ARG G 122 -2.05 -47.03 -4.59
C ARG G 122 -2.87 -46.66 -5.83
N ILE G 123 -3.84 -47.51 -6.16
CA ILE G 123 -4.82 -47.14 -7.18
C ILE G 123 -5.79 -46.14 -6.57
N VAL G 124 -6.12 -45.10 -7.33
CA VAL G 124 -7.15 -44.14 -6.94
C VAL G 124 -8.32 -44.30 -7.90
N ILE G 125 -9.46 -44.71 -7.38
CA ILE G 125 -10.71 -44.74 -8.12
C ILE G 125 -11.48 -43.45 -7.84
N PHE G 126 -11.78 -42.68 -8.90
CA PHE G 126 -12.61 -41.49 -8.80
C PHE G 126 -14.06 -41.82 -9.10
N GLY G 127 -14.93 -41.58 -8.12
CA GLY G 127 -16.37 -41.76 -8.29
C GLY G 127 -17.09 -40.42 -8.25
N GLY G 128 -18.31 -40.39 -8.76
CA GLY G 128 -19.06 -39.14 -8.83
C GLY G 128 -18.82 -38.32 -10.09
N GLY G 129 -17.97 -38.79 -11.00
CA GLY G 129 -17.69 -37.98 -12.18
C GLY G 129 -17.00 -36.68 -11.78
N THR G 130 -17.45 -35.59 -12.40
CA THR G 130 -16.94 -34.25 -12.11
C THR G 130 -17.67 -33.58 -10.96
N GLY G 131 -18.77 -34.16 -10.48
CA GLY G 131 -19.62 -33.49 -9.54
C GLY G 131 -20.65 -32.56 -10.15
N ASN G 132 -20.52 -32.24 -11.46
CA ASN G 132 -21.42 -31.39 -12.21
C ASN G 132 -22.28 -32.21 -13.14
N PRO G 133 -23.58 -31.88 -13.26
CA PRO G 133 -24.40 -32.44 -14.33
C PRO G 133 -24.01 -31.92 -15.71
N PHE G 134 -24.64 -32.45 -16.76
CA PHE G 134 -24.38 -32.10 -18.17
C PHE G 134 -23.01 -32.58 -18.63
N PHE G 135 -22.44 -33.52 -17.91
CA PHE G 135 -21.24 -34.23 -18.31
C PHE G 135 -21.53 -35.71 -18.21
N SER G 136 -20.55 -36.51 -18.61
CA SER G 136 -20.54 -37.94 -18.36
C SER G 136 -19.16 -38.28 -17.84
N THR G 137 -18.95 -39.53 -17.43
CA THR G 137 -17.66 -39.84 -16.85
C THR G 137 -16.53 -39.72 -17.86
N ASP G 138 -16.84 -39.66 -19.17
CA ASP G 138 -15.80 -39.36 -20.15
C ASP G 138 -15.12 -38.04 -19.83
N THR G 139 -15.90 -36.99 -19.57
CA THR G 139 -15.30 -35.71 -19.22
C THR G 139 -14.58 -35.78 -17.89
N ALA G 140 -15.12 -36.54 -16.94
CA ALA G 140 -14.43 -36.70 -15.66
C ALA G 140 -13.09 -37.39 -15.83
N ALA G 141 -13.01 -38.38 -16.73
CA ALA G 141 -11.73 -39.02 -17.03
C ALA G 141 -10.73 -38.00 -17.54
N ALA G 142 -11.15 -37.15 -18.47
CA ALA G 142 -10.25 -36.13 -18.98
C ALA G 142 -9.84 -35.17 -17.86
N LEU G 143 -10.81 -34.73 -17.05
CA LEU G 143 -10.52 -33.80 -15.98
C LEU G 143 -9.56 -34.41 -14.96
N ARG G 144 -9.87 -35.62 -14.47
CA ARG G 144 -9.02 -36.26 -13.47
C ARG G 144 -7.64 -36.59 -14.04
N ALA G 145 -7.58 -37.00 -15.31
CA ALA G 145 -6.30 -37.22 -15.97
C ALA G 145 -5.43 -35.98 -15.91
N LEU G 146 -6.00 -34.82 -16.23
CA LEU G 146 -5.26 -33.57 -16.16
C LEU G 146 -4.87 -33.23 -14.73
N GLU G 147 -5.75 -33.52 -13.77
CA GLU G 147 -5.50 -33.11 -12.40
C GLU G 147 -4.40 -33.94 -11.75
N VAL G 148 -4.27 -35.22 -12.13
CA VAL G 148 -3.23 -36.07 -11.55
C VAL G 148 -1.99 -36.15 -12.43
N GLY G 149 -1.94 -35.38 -13.51
CA GLY G 149 -0.83 -35.45 -14.45
C GLY G 149 -0.66 -36.83 -15.07
N ALA G 150 -1.75 -37.47 -15.49
CA ALA G 150 -1.61 -38.68 -16.26
C ALA G 150 -1.08 -38.35 -17.65
N GLU G 151 -0.38 -39.31 -18.25
CA GLU G 151 0.21 -39.10 -19.57
C GLU G 151 -0.75 -39.42 -20.71
N VAL G 152 -1.85 -40.11 -20.41
CA VAL G 152 -2.77 -40.60 -21.43
C VAL G 152 -4.08 -40.98 -20.76
N VAL G 153 -5.19 -40.85 -21.46
CA VAL G 153 -6.47 -41.38 -21.02
C VAL G 153 -6.69 -42.70 -21.76
N LEU G 154 -6.73 -43.80 -21.02
CA LEU G 154 -7.05 -45.11 -21.58
C LEU G 154 -8.54 -45.33 -21.43
N MET G 155 -9.27 -45.28 -22.55
CA MET G 155 -10.73 -45.33 -22.55
C MET G 155 -11.19 -46.74 -22.92
N ALA G 156 -11.53 -47.52 -21.91
CA ALA G 156 -12.09 -48.86 -22.12
C ALA G 156 -13.58 -48.67 -22.38
N LYS G 157 -13.98 -48.68 -23.65
CA LYS G 157 -15.36 -48.45 -23.99
C LYS G 157 -16.12 -49.77 -24.07
N ASN G 158 -17.41 -49.68 -23.75
CA ASN G 158 -18.24 -50.87 -23.66
C ASN G 158 -18.54 -51.46 -25.04
N LYS G 159 -18.23 -52.74 -25.20
CA LYS G 159 -18.64 -53.53 -26.36
C LYS G 159 -18.08 -53.01 -27.70
N VAL G 160 -16.96 -52.27 -27.66
CA VAL G 160 -16.22 -51.83 -28.84
C VAL G 160 -14.72 -51.89 -28.55
N ASP G 161 -13.91 -51.87 -29.61
CA ASP G 161 -12.46 -51.99 -29.47
C ASP G 161 -11.71 -50.82 -30.07
N GLY G 162 -12.40 -49.71 -30.35
CA GLY G 162 -11.78 -48.52 -30.88
C GLY G 162 -12.84 -47.51 -31.25
N VAL G 163 -12.42 -46.46 -31.96
CA VAL G 163 -13.34 -45.46 -32.49
C VAL G 163 -13.63 -45.81 -33.94
N TYR G 164 -14.90 -45.72 -34.31
CA TYR G 164 -15.37 -46.11 -35.64
C TYR G 164 -16.03 -44.92 -36.33
N SER G 165 -16.23 -45.05 -37.64
CA SER G 165 -16.87 -44.00 -38.44
C SER G 165 -18.30 -43.76 -37.99
N ASP G 166 -18.91 -44.75 -37.35
CA ASP G 166 -20.25 -44.70 -36.84
C ASP G 166 -20.29 -45.63 -35.63
N ASP G 167 -21.42 -45.65 -34.95
CA ASP G 167 -21.65 -46.64 -33.90
C ASP G 167 -21.57 -48.04 -34.52
N PRO G 168 -20.51 -48.79 -34.25
CA PRO G 168 -20.36 -50.11 -34.90
C PRO G 168 -21.45 -51.10 -34.55
N ARG G 169 -22.10 -50.93 -33.39
CA ARG G 169 -23.18 -51.82 -32.97
C ARG G 169 -24.53 -51.44 -33.58
N LYS G 170 -24.59 -50.33 -34.31
CA LYS G 170 -25.78 -49.97 -35.08
C LYS G 170 -25.56 -50.00 -36.59
N ASN G 171 -24.38 -49.57 -37.07
CA ASN G 171 -24.04 -49.56 -38.49
C ASN G 171 -22.94 -50.59 -38.75
N PRO G 172 -23.26 -51.76 -39.35
CA PRO G 172 -22.22 -52.77 -39.59
C PRO G 172 -21.23 -52.36 -40.67
N GLU G 173 -21.48 -51.27 -41.39
CA GLU G 173 -20.54 -50.73 -42.35
C GLU G 173 -19.56 -49.75 -41.71
N ALA G 174 -19.48 -49.72 -40.38
CA ALA G 174 -18.55 -48.82 -39.69
C ALA G 174 -17.15 -49.40 -39.64
N VAL G 175 -16.16 -48.52 -39.68
CA VAL G 175 -14.76 -48.89 -39.82
C VAL G 175 -13.98 -48.28 -38.67
N ARG G 176 -13.06 -49.06 -38.09
CA ARG G 176 -12.25 -48.56 -37.00
C ARG G 176 -11.09 -47.72 -37.51
N PHE G 177 -11.00 -46.48 -37.03
CA PHE G 177 -9.83 -45.65 -37.28
C PHE G 177 -8.63 -46.15 -36.49
N ASP G 178 -7.45 -45.97 -37.07
CA ASP G 178 -6.23 -46.25 -36.31
C ASP G 178 -5.82 -45.02 -35.50
N GLU G 179 -5.90 -43.84 -36.10
CA GLU G 179 -5.57 -42.57 -35.49
C GLU G 179 -6.69 -41.59 -35.76
N LEU G 180 -6.69 -40.48 -35.04
CA LEU G 180 -7.68 -39.44 -35.21
C LEU G 180 -7.11 -38.20 -34.57
N THR G 181 -7.41 -37.05 -35.14
CA THR G 181 -7.18 -35.83 -34.41
C THR G 181 -8.41 -35.49 -33.59
N TYR G 182 -8.22 -34.63 -32.60
CA TYR G 182 -9.36 -34.14 -31.82
C TYR G 182 -10.42 -33.54 -32.73
N LEU G 183 -10.01 -32.64 -33.64
CA LEU G 183 -10.98 -31.98 -34.50
C LEU G 183 -11.67 -32.98 -35.43
N GLU G 184 -10.95 -34.00 -35.90
CA GLU G 184 -11.60 -35.01 -36.72
C GLU G 184 -12.79 -35.63 -35.97
N VAL G 185 -12.62 -35.92 -34.67
CA VAL G 185 -13.70 -36.53 -33.92
C VAL G 185 -14.91 -35.62 -33.90
N LEU G 186 -14.68 -34.33 -33.62
CA LEU G 186 -15.78 -33.36 -33.59
C LEU G 186 -16.43 -33.21 -34.96
N ASN G 187 -15.63 -33.14 -36.03
CA ASN G 187 -16.18 -32.82 -37.35
C ASN G 187 -17.04 -33.95 -37.89
N ARG G 188 -16.61 -35.20 -37.70
CA ARG G 188 -17.42 -36.33 -38.13
C ARG G 188 -18.62 -36.57 -37.21
N GLY G 189 -18.72 -35.83 -36.11
CA GLY G 189 -19.79 -36.06 -35.16
C GLY G 189 -19.78 -37.44 -34.54
N LEU G 190 -18.60 -38.01 -34.31
CA LEU G 190 -18.52 -39.30 -33.67
C LEU G 190 -19.03 -39.20 -32.24
N GLN G 191 -19.74 -40.22 -31.81
CA GLN G 191 -20.38 -40.20 -30.50
C GLN G 191 -19.84 -41.29 -29.59
N VAL G 192 -18.53 -41.56 -29.69
CA VAL G 192 -17.89 -42.52 -28.79
C VAL G 192 -17.72 -41.93 -27.39
N MET G 193 -17.54 -40.60 -27.26
CA MET G 193 -17.37 -39.97 -25.95
C MET G 193 -17.84 -38.52 -25.96
N ASP G 194 -18.00 -37.94 -24.77
CA ASP G 194 -18.38 -36.54 -24.63
C ASP G 194 -17.44 -35.68 -25.47
N THR G 195 -18.02 -34.79 -26.27
CA THR G 195 -17.19 -33.86 -27.03
C THR G 195 -16.42 -32.92 -26.10
N THR G 196 -16.99 -32.60 -24.93
CA THR G 196 -16.24 -31.81 -23.95
C THR G 196 -15.03 -32.58 -23.43
N ALA G 197 -15.11 -33.92 -23.40
CA ALA G 197 -13.93 -34.71 -23.08
C ALA G 197 -12.85 -34.54 -24.14
N ILE G 198 -13.27 -34.49 -25.41
CA ILE G 198 -12.31 -34.30 -26.51
C ILE G 198 -11.59 -32.97 -26.39
N THR G 199 -12.35 -31.89 -26.20
CA THR G 199 -11.73 -30.57 -26.24
C THR G 199 -10.87 -30.30 -25.01
N LEU G 200 -11.27 -30.80 -23.85
CA LEU G 200 -10.41 -30.71 -22.68
C LEU G 200 -9.03 -31.29 -22.99
N CYS G 201 -9.01 -32.45 -23.66
CA CYS G 201 -7.75 -33.11 -23.99
C CYS G 201 -7.03 -32.41 -25.14
N MET G 202 -7.79 -31.96 -26.14
CA MET G 202 -7.23 -31.12 -27.20
C MET G 202 -6.41 -29.97 -26.64
N GLU G 203 -7.01 -29.19 -25.74
CA GLU G 203 -6.35 -27.99 -25.22
C GLU G 203 -5.10 -28.31 -24.45
N ALA G 204 -4.93 -29.54 -24.01
CA ALA G 204 -3.79 -29.92 -23.19
C ALA G 204 -2.79 -30.81 -23.93
N GLY G 205 -3.10 -31.22 -25.16
CA GLY G 205 -2.25 -32.18 -25.82
C GLY G 205 -2.24 -33.54 -25.16
N LEU G 206 -3.31 -33.90 -24.45
CA LEU G 206 -3.35 -35.17 -23.73
C LEU G 206 -3.92 -36.24 -24.65
N PRO G 207 -3.16 -37.25 -25.03
CA PRO G 207 -3.69 -38.28 -25.95
C PRO G 207 -4.70 -39.21 -25.28
N ILE G 208 -5.61 -39.74 -26.10
CA ILE G 208 -6.65 -40.66 -25.66
C ILE G 208 -6.51 -41.94 -26.46
N VAL G 209 -6.63 -43.10 -25.80
CA VAL G 209 -6.60 -44.38 -26.48
C VAL G 209 -7.89 -45.12 -26.14
N VAL G 210 -8.63 -45.54 -27.17
CA VAL G 210 -9.89 -46.27 -27.02
C VAL G 210 -9.64 -47.72 -27.41
N PHE G 211 -9.93 -48.64 -26.49
CA PHE G 211 -9.52 -50.03 -26.68
C PHE G 211 -10.49 -50.95 -25.93
N ASP G 212 -10.36 -52.25 -26.21
CA ASP G 212 -11.12 -53.30 -25.55
C ASP G 212 -10.28 -53.83 -24.39
N ILE G 213 -10.74 -53.60 -23.15
CA ILE G 213 -9.98 -54.05 -22.00
C ILE G 213 -10.03 -55.56 -21.85
N PHE G 214 -11.05 -56.21 -22.41
CA PHE G 214 -11.19 -57.65 -22.28
C PHE G 214 -10.50 -58.43 -23.39
N LYS G 215 -9.82 -57.78 -24.32
CA LYS G 215 -8.95 -58.51 -25.24
C LYS G 215 -7.64 -58.83 -24.53
N PRO G 216 -7.28 -60.09 -24.36
CA PRO G 216 -6.12 -60.45 -23.53
C PRO G 216 -4.85 -59.72 -23.94
N GLY G 217 -4.18 -59.12 -22.96
CA GLY G 217 -2.95 -58.41 -23.17
C GLY G 217 -3.08 -56.98 -23.64
N ALA G 218 -4.28 -56.54 -24.05
CA ALA G 218 -4.41 -55.20 -24.62
C ALA G 218 -3.92 -54.13 -23.64
N LEU G 219 -4.53 -54.07 -22.44
CA LEU G 219 -4.22 -53.00 -21.50
C LEU G 219 -2.74 -53.02 -21.11
N VAL G 220 -2.21 -54.20 -20.78
CA VAL G 220 -0.78 -54.29 -20.46
C VAL G 220 0.03 -53.87 -21.67
N GLY G 221 -0.44 -54.23 -22.88
CA GLY G 221 0.29 -53.85 -24.08
C GLY G 221 0.41 -52.35 -24.26
N ILE G 222 -0.72 -51.64 -24.11
CA ILE G 222 -0.69 -50.18 -24.21
C ILE G 222 0.32 -49.61 -23.24
N ILE G 223 0.32 -50.12 -22.01
CA ILE G 223 1.25 -49.59 -21.01
C ILE G 223 2.69 -49.84 -21.46
N GLN G 224 2.95 -51.00 -22.06
CA GLN G 224 4.31 -51.32 -22.46
C GLN G 224 4.70 -50.71 -23.80
N GLY G 225 3.78 -50.06 -24.51
CA GLY G 225 4.13 -49.34 -25.74
C GLY G 225 3.61 -49.96 -27.01
N GLU G 226 2.83 -51.04 -26.96
CA GLU G 226 2.23 -51.62 -28.14
C GLU G 226 1.17 -50.70 -28.74
N LYS G 227 0.85 -50.92 -30.02
CA LYS G 227 -0.23 -50.23 -30.70
C LYS G 227 -1.51 -51.04 -30.55
N VAL G 228 -2.49 -50.47 -29.84
CA VAL G 228 -3.76 -51.14 -29.58
C VAL G 228 -4.88 -50.12 -29.76
N GLY G 229 -5.99 -50.55 -30.33
CA GLY G 229 -7.16 -49.70 -30.52
C GLY G 229 -6.84 -48.44 -31.32
N THR G 230 -7.56 -47.39 -30.99
CA THR G 230 -7.51 -46.11 -31.69
C THR G 230 -6.79 -45.08 -30.81
N LEU G 231 -5.96 -44.27 -31.45
CA LEU G 231 -5.26 -43.17 -30.78
C LEU G 231 -5.88 -41.86 -31.25
N ILE G 232 -6.33 -41.05 -30.29
CA ILE G 232 -6.78 -39.69 -30.57
C ILE G 232 -5.71 -38.76 -30.02
N HIS G 233 -5.17 -37.91 -30.87
CA HIS G 233 -4.09 -37.03 -30.44
C HIS G 233 -4.01 -35.80 -31.34
N MET H 1 -37.70 4.36 23.96
CA MET H 1 -36.81 3.25 23.64
C MET H 1 -35.43 3.72 23.18
N LYS H 2 -34.44 3.58 24.06
CA LYS H 2 -33.11 4.10 23.76
C LYS H 2 -32.41 3.28 22.68
N TYR H 3 -32.58 1.96 22.72
CA TYR H 3 -31.86 1.04 21.85
C TYR H 3 -32.83 0.27 20.95
N LYS H 4 -32.44 0.06 19.70
CA LYS H 4 -33.23 -0.79 18.82
C LYS H 4 -32.70 -2.22 18.72
N ARG H 5 -31.40 -2.43 18.90
CA ARG H 5 -30.78 -3.75 18.82
C ARG H 5 -29.64 -3.83 19.84
N VAL H 6 -29.68 -4.86 20.68
CA VAL H 6 -28.68 -5.06 21.73
C VAL H 6 -28.18 -6.50 21.71
N LEU H 7 -26.96 -6.68 22.20
CA LEU H 7 -26.43 -7.99 22.49
C LEU H 7 -26.43 -8.21 23.98
N LEU H 8 -27.07 -9.30 24.42
CA LEU H 8 -27.20 -9.66 25.82
C LEU H 8 -26.28 -10.84 26.11
N LYS H 9 -25.29 -10.63 26.97
CA LYS H 9 -24.34 -11.67 27.36
C LYS H 9 -24.78 -12.24 28.70
N LEU H 10 -25.00 -13.55 28.73
CA LEU H 10 -25.55 -14.25 29.90
C LEU H 10 -24.56 -15.28 30.41
N SER H 11 -24.46 -15.37 31.74
CA SER H 11 -23.63 -16.38 32.38
C SER H 11 -24.29 -17.74 32.31
N GLY H 12 -23.48 -18.79 32.12
CA GLY H 12 -24.03 -20.13 32.22
C GLY H 12 -24.60 -20.40 33.58
N GLU H 13 -24.09 -19.73 34.61
CA GLU H 13 -24.54 -19.92 35.98
C GLU H 13 -26.01 -19.59 36.16
N PHE H 14 -26.59 -18.76 35.27
CA PHE H 14 -28.00 -18.41 35.36
C PHE H 14 -28.93 -19.58 35.12
N LEU H 15 -28.42 -20.73 34.65
CA LEU H 15 -29.27 -21.86 34.35
C LEU H 15 -29.32 -22.89 35.47
N THR H 16 -28.68 -22.62 36.61
CA THR H 16 -28.80 -23.49 37.78
C THR H 16 -28.93 -22.63 39.03
N ARG H 17 -29.80 -23.06 39.95
CA ARG H 17 -29.91 -22.42 41.25
C ARG H 17 -28.93 -22.99 42.25
N ASN H 18 -28.20 -24.03 41.88
CA ASN H 18 -27.11 -24.53 42.70
C ASN H 18 -25.82 -23.95 42.16
N GLY H 19 -24.95 -24.82 41.66
CA GLY H 19 -23.80 -24.35 40.92
C GLY H 19 -23.53 -25.18 39.68
N PHE H 20 -24.06 -26.40 39.63
CA PHE H 20 -23.86 -27.31 38.51
C PHE H 20 -25.18 -27.55 37.80
N GLY H 21 -25.10 -27.72 36.49
CA GLY H 21 -26.18 -28.28 35.71
C GLY H 21 -27.11 -27.26 35.09
N ILE H 22 -28.11 -27.81 34.42
CA ILE H 22 -29.22 -27.06 33.85
C ILE H 22 -30.47 -27.46 34.61
N GLU H 23 -31.09 -26.50 35.30
CA GLU H 23 -32.30 -26.75 36.07
C GLU H 23 -33.48 -26.03 35.46
N PRO H 24 -34.64 -26.67 35.40
CA PRO H 24 -35.77 -26.04 34.70
C PRO H 24 -36.25 -24.76 35.37
N GLU H 25 -36.32 -24.73 36.70
CA GLU H 25 -36.82 -23.53 37.35
C GLU H 25 -35.87 -22.36 37.13
N ALA H 26 -34.57 -22.57 37.33
CA ALA H 26 -33.60 -21.50 37.05
C ALA H 26 -33.66 -21.06 35.60
N THR H 27 -33.75 -22.02 34.67
CA THR H 27 -33.83 -21.66 33.26
C THR H 27 -35.10 -20.88 32.96
N GLN H 28 -36.22 -21.28 33.56
CA GLN H 28 -37.49 -20.59 33.34
C GLN H 28 -37.44 -19.15 33.84
N ALA H 29 -36.84 -18.93 35.01
CA ALA H 29 -36.70 -17.57 35.54
C ALA H 29 -35.85 -16.71 34.59
N LEU H 30 -34.78 -17.27 34.05
CA LEU H 30 -33.98 -16.52 33.09
C LEU H 30 -34.77 -16.25 31.81
N ALA H 31 -35.58 -17.23 31.38
CA ALA H 31 -36.29 -17.07 30.12
C ALA H 31 -37.29 -15.92 30.18
N ARG H 32 -38.03 -15.81 31.29
CA ARG H 32 -39.02 -14.73 31.30
C ARG H 32 -38.36 -13.37 31.54
N GLU H 33 -37.22 -13.32 32.24
CA GLU H 33 -36.43 -12.09 32.22
C GLU H 33 -36.11 -11.67 30.80
N ILE H 34 -35.77 -12.65 29.93
CA ILE H 34 -35.48 -12.34 28.54
C ILE H 34 -36.75 -11.93 27.81
N LYS H 35 -37.88 -12.57 28.14
CA LYS H 35 -39.13 -12.24 27.46
C LYS H 35 -39.55 -10.80 27.78
N ALA H 36 -39.44 -10.39 29.04
CA ALA H 36 -39.66 -9.00 29.41
C ALA H 36 -38.87 -8.05 28.51
N ALA H 37 -37.58 -8.35 28.28
CA ALA H 37 -36.80 -7.50 27.37
C ALA H 37 -37.31 -7.64 25.93
N TYR H 38 -37.71 -8.84 25.54
CA TYR H 38 -38.21 -9.04 24.18
C TYR H 38 -39.51 -8.29 23.95
N ASP H 39 -40.35 -8.23 24.98
CA ASP H 39 -41.65 -7.57 24.87
C ASP H 39 -41.53 -6.06 24.66
N THR H 40 -40.38 -5.46 24.96
CA THR H 40 -40.18 -4.04 24.68
C THR H 40 -40.04 -3.74 23.19
N GLY H 41 -39.91 -4.77 22.34
CA GLY H 41 -39.72 -4.57 20.92
C GLY H 41 -38.28 -4.43 20.48
N VAL H 42 -37.34 -4.37 21.41
CA VAL H 42 -35.93 -4.33 21.03
C VAL H 42 -35.53 -5.65 20.37
N GLN H 43 -34.67 -5.56 19.37
CA GLN H 43 -34.08 -6.76 18.77
C GLN H 43 -32.98 -7.29 19.67
N LEU H 44 -33.03 -8.60 19.92
CA LEU H 44 -32.30 -9.25 21.01
C LEU H 44 -31.41 -10.36 20.44
N ALA H 45 -30.10 -10.17 20.50
CA ALA H 45 -29.14 -11.23 20.24
C ALA H 45 -28.46 -11.62 21.56
N ILE H 46 -28.34 -12.93 21.80
CA ILE H 46 -27.87 -13.45 23.07
C ILE H 46 -26.59 -14.25 22.86
N VAL H 47 -25.65 -14.10 23.80
CA VAL H 47 -24.49 -14.99 23.93
C VAL H 47 -24.54 -15.58 25.33
N ILE H 48 -24.34 -16.90 25.42
CA ILE H 48 -24.52 -17.62 26.68
C ILE H 48 -23.23 -18.35 27.02
N GLY H 49 -22.85 -18.31 28.31
CA GLY H 49 -21.67 -18.98 28.79
C GLY H 49 -21.99 -20.36 29.34
N ALA H 50 -21.01 -20.93 30.03
CA ALA H 50 -21.10 -22.34 30.38
C ALA H 50 -20.54 -22.65 31.76
N GLY H 51 -20.52 -21.67 32.67
CA GLY H 51 -19.93 -21.90 33.97
C GLY H 51 -20.67 -22.93 34.80
N ASN H 52 -21.95 -23.16 34.50
CA ASN H 52 -22.74 -24.16 35.20
C ASN H 52 -22.28 -25.58 34.91
N LEU H 53 -21.53 -25.78 33.83
CA LEU H 53 -21.16 -27.11 33.35
C LEU H 53 -19.66 -27.38 33.34
N TRP H 54 -18.81 -26.37 33.13
CA TRP H 54 -17.41 -26.66 32.86
C TRP H 54 -16.54 -25.49 33.32
N ARG H 55 -15.51 -25.78 34.13
CA ARG H 55 -14.72 -24.75 34.79
C ARG H 55 -13.26 -24.65 34.34
N GLY H 56 -12.78 -25.52 33.45
CA GLY H 56 -11.43 -25.42 32.92
C GLY H 56 -10.60 -26.67 33.14
N ALA H 57 -9.36 -26.60 32.66
CA ALA H 57 -8.43 -27.73 32.65
C ALA H 57 -8.02 -28.18 34.05
N ARG H 58 -8.36 -27.42 35.09
CA ARG H 58 -8.25 -27.98 36.43
C ARG H 58 -8.97 -29.31 36.53
N GLN H 59 -10.07 -29.48 35.78
CA GLN H 59 -10.89 -30.68 35.80
C GLN H 59 -10.31 -31.82 34.96
N GLY H 60 -9.40 -31.51 34.04
CA GLY H 60 -8.78 -32.52 33.22
C GLY H 60 -7.47 -33.04 33.82
N VAL H 61 -6.98 -34.12 33.22
CA VAL H 61 -5.70 -34.70 33.60
C VAL H 61 -4.76 -34.57 32.40
N GLY H 62 -3.70 -33.78 32.57
CA GLY H 62 -2.83 -33.40 31.47
C GLY H 62 -3.58 -32.72 30.35
N MET H 63 -4.49 -31.80 30.70
CA MET H 63 -5.41 -31.23 29.72
C MET H 63 -4.89 -29.89 29.22
N ASP H 64 -4.66 -29.80 27.92
CA ASP H 64 -4.42 -28.54 27.24
C ASP H 64 -5.41 -27.47 27.67
N ARG H 65 -4.96 -26.22 27.60
CA ARG H 65 -5.91 -25.11 27.67
C ARG H 65 -6.87 -25.14 26.48
N ALA H 66 -6.33 -25.36 25.27
CA ALA H 66 -7.18 -25.37 24.07
C ALA H 66 -8.24 -26.45 24.15
N THR H 67 -7.89 -27.63 24.65
CA THR H 67 -8.87 -28.70 24.77
C THR H 67 -9.94 -28.34 25.78
N ALA H 68 -9.53 -27.83 26.95
CA ALA H 68 -10.49 -27.35 27.92
C ALA H 68 -11.43 -26.31 27.32
N ASP H 69 -10.93 -25.48 26.42
CA ASP H 69 -11.77 -24.43 25.85
C ASP H 69 -12.79 -25.00 24.86
N TYR H 70 -12.38 -26.02 24.09
CA TYR H 70 -13.31 -26.68 23.18
C TYR H 70 -14.41 -27.40 23.94
N ILE H 71 -14.07 -28.00 25.08
CA ILE H 71 -15.08 -28.61 25.93
C ILE H 71 -16.05 -27.54 26.43
N GLY H 72 -15.52 -26.38 26.79
CA GLY H 72 -16.38 -25.30 27.28
C GLY H 72 -17.28 -24.77 26.19
N MET H 73 -16.79 -24.73 24.95
CA MET H 73 -17.61 -24.29 23.83
C MET H 73 -18.75 -25.26 23.59
N LEU H 74 -18.50 -26.57 23.72
CA LEU H 74 -19.58 -27.53 23.61
C LEU H 74 -20.62 -27.28 24.69
N ALA H 75 -20.18 -26.98 25.91
CA ALA H 75 -21.13 -26.73 26.98
C ALA H 75 -22.00 -25.50 26.68
N THR H 76 -21.43 -24.47 26.05
CA THR H 76 -22.27 -23.29 25.78
C THR H 76 -23.38 -23.65 24.80
N ILE H 77 -23.10 -24.56 23.84
CA ILE H 77 -24.13 -24.98 22.91
C ILE H 77 -25.24 -25.74 23.64
N MET H 78 -24.86 -26.65 24.55
CA MET H 78 -25.85 -27.29 25.39
C MET H 78 -26.75 -26.24 26.07
N ASN H 79 -26.13 -25.23 26.68
CA ASN H 79 -26.91 -24.17 27.31
C ASN H 79 -27.78 -23.45 26.30
N ALA H 80 -27.23 -23.15 25.11
CA ALA H 80 -28.02 -22.46 24.08
C ALA H 80 -29.28 -23.24 23.73
N LEU H 81 -29.15 -24.57 23.54
CA LEU H 81 -30.31 -25.38 23.17
C LEU H 81 -31.36 -25.38 24.28
N ALA H 82 -30.95 -25.49 25.55
CA ALA H 82 -31.91 -25.49 26.64
C ALA H 82 -32.59 -24.14 26.82
N LEU H 83 -31.85 -23.04 26.63
CA LEU H 83 -32.47 -21.72 26.70
C LEU H 83 -33.46 -21.53 25.56
N GLN H 84 -33.10 -21.98 24.35
CA GLN H 84 -34.02 -21.87 23.22
C GLN H 84 -35.35 -22.54 23.54
N ASP H 85 -35.30 -23.74 24.11
CA ASP H 85 -36.55 -24.44 24.37
C ASP H 85 -37.37 -23.74 25.45
N ALA H 86 -36.71 -23.25 26.50
CA ALA H 86 -37.43 -22.52 27.55
C ALA H 86 -38.10 -21.29 26.96
N LEU H 87 -37.37 -20.53 26.15
CA LEU H 87 -37.95 -19.37 25.50
C LEU H 87 -39.11 -19.78 24.59
N GLU H 88 -38.98 -20.88 23.87
CA GLU H 88 -40.04 -21.28 22.97
C GLU H 88 -41.26 -21.77 23.73
N SER H 89 -41.09 -22.21 24.97
CA SER H 89 -42.25 -22.60 25.77
C SER H 89 -43.00 -21.38 26.28
N LEU H 90 -42.44 -20.18 26.13
CA LEU H 90 -43.16 -18.93 26.38
C LEU H 90 -43.64 -18.29 25.08
N GLY H 91 -43.52 -18.98 23.95
CA GLY H 91 -44.01 -18.42 22.70
C GLY H 91 -43.13 -17.37 22.07
N VAL H 92 -41.87 -17.27 22.47
CA VAL H 92 -40.94 -16.29 21.92
C VAL H 92 -40.22 -16.94 20.74
N PRO H 93 -40.28 -16.37 19.53
CA PRO H 93 -39.56 -16.98 18.40
C PRO H 93 -38.05 -16.84 18.59
N THR H 94 -37.36 -18.00 18.56
CA THR H 94 -35.96 -18.08 18.93
C THR H 94 -35.20 -18.95 17.93
N ARG H 95 -34.02 -18.49 17.51
CA ARG H 95 -33.12 -19.27 16.68
C ARG H 95 -31.78 -19.42 17.40
N VAL H 96 -31.11 -20.55 17.16
CA VAL H 96 -29.80 -20.81 17.73
C VAL H 96 -28.80 -20.92 16.58
N GLN H 97 -27.66 -20.24 16.71
CA GLN H 97 -26.56 -20.40 15.76
C GLN H 97 -25.31 -20.73 16.56
N THR H 98 -24.50 -21.65 16.01
CA THR H 98 -23.34 -22.15 16.73
C THR H 98 -22.07 -21.81 15.96
N ALA H 99 -21.03 -21.41 16.72
CA ALA H 99 -19.75 -21.09 16.08
C ALA H 99 -19.09 -22.34 15.51
N LEU H 100 -19.21 -23.47 16.21
CA LEU H 100 -18.84 -24.77 15.65
C LEU H 100 -20.05 -25.33 14.91
N THR H 101 -19.82 -25.79 13.69
CA THR H 101 -20.90 -26.30 12.86
C THR H 101 -21.25 -27.72 13.27
N ILE H 102 -22.49 -27.92 13.68
CA ILE H 102 -23.03 -29.24 14.04
C ILE H 102 -24.43 -29.29 13.41
N THR H 103 -24.51 -29.80 12.17
CA THR H 103 -25.69 -29.60 11.32
C THR H 103 -26.98 -30.05 11.99
N GLN H 104 -27.01 -31.31 12.45
CA GLN H 104 -28.22 -31.89 13.03
C GLN H 104 -28.73 -31.08 14.21
N VAL H 105 -27.83 -30.44 14.94
CA VAL H 105 -28.14 -29.90 16.25
C VAL H 105 -28.71 -28.49 16.14
N ALA H 106 -28.03 -27.63 15.40
CA ALA H 106 -28.50 -26.27 15.28
C ALA H 106 -27.97 -25.70 13.98
N GLU H 107 -28.39 -24.49 13.72
CA GLU H 107 -27.94 -23.74 12.57
C GLU H 107 -26.51 -23.25 12.76
N PRO H 108 -25.68 -23.28 11.73
CA PRO H 108 -24.34 -22.71 11.86
C PRO H 108 -24.40 -21.19 11.87
N TYR H 109 -23.35 -20.59 12.40
CA TYR H 109 -23.27 -19.14 12.39
C TYR H 109 -23.12 -18.65 10.96
N ILE H 110 -24.10 -17.88 10.48
CA ILE H 110 -24.06 -17.25 9.15
C ILE H 110 -24.57 -15.82 9.30
N ARG H 111 -23.69 -14.83 9.12
CA ARG H 111 -24.07 -13.44 9.34
C ARG H 111 -25.33 -13.06 8.58
N ARG H 112 -25.40 -13.41 7.29
CA ARG H 112 -26.56 -13.08 6.46
C ARG H 112 -27.86 -13.49 7.14
N ARG H 113 -28.01 -14.76 7.52
CA ARG H 113 -29.32 -15.08 8.07
C ARG H 113 -29.42 -14.81 9.56
N ALA H 114 -28.32 -14.52 10.25
CA ALA H 114 -28.46 -13.98 11.60
C ALA H 114 -29.11 -12.60 11.57
N LEU H 115 -28.71 -11.78 10.58
CA LEU H 115 -29.38 -10.49 10.39
C LEU H 115 -30.85 -10.67 10.02
N ARG H 116 -31.16 -11.58 9.08
CA ARG H 116 -32.55 -11.76 8.69
C ARG H 116 -33.41 -12.18 9.88
N HIS H 117 -32.87 -13.02 10.77
CA HIS H 117 -33.64 -13.45 11.94
C HIS H 117 -33.94 -12.26 12.85
N LEU H 118 -32.96 -11.39 13.07
CA LEU H 118 -33.22 -10.25 13.93
C LEU H 118 -34.25 -9.31 13.29
N GLU H 119 -34.19 -9.17 11.96
CA GLU H 119 -35.20 -8.34 11.29
C GLU H 119 -36.58 -8.97 11.39
N LYS H 120 -36.67 -10.30 11.31
CA LYS H 120 -37.90 -11.06 11.55
C LYS H 120 -38.33 -11.05 13.03
N GLU H 121 -37.73 -10.23 13.92
CA GLU H 121 -38.14 -10.13 15.32
C GLU H 121 -38.03 -11.46 16.07
N ARG H 122 -36.98 -12.22 15.78
CA ARG H 122 -36.65 -13.45 16.48
C ARG H 122 -35.42 -13.23 17.35
N ILE H 123 -35.42 -13.82 18.55
CA ILE H 123 -34.20 -13.88 19.33
C ILE H 123 -33.22 -14.87 18.68
N VAL H 124 -31.98 -14.43 18.50
CA VAL H 124 -30.88 -15.27 18.04
C VAL H 124 -29.96 -15.53 19.23
N ILE H 125 -29.85 -16.79 19.64
CA ILE H 125 -28.92 -17.21 20.68
C ILE H 125 -27.69 -17.80 20.01
N PHE H 126 -26.51 -17.25 20.34
CA PHE H 126 -25.25 -17.70 19.78
C PHE H 126 -24.58 -18.69 20.73
N GLY H 127 -24.38 -19.93 20.26
CA GLY H 127 -23.65 -20.91 21.05
C GLY H 127 -22.24 -21.14 20.54
N GLY H 128 -21.37 -21.71 21.38
CA GLY H 128 -20.02 -22.00 20.97
C GLY H 128 -19.06 -20.83 21.03
N GLY H 129 -19.46 -19.70 21.62
CA GLY H 129 -18.55 -18.57 21.73
C GLY H 129 -18.14 -18.07 20.35
N THR H 130 -16.85 -17.83 20.17
CA THR H 130 -16.32 -17.47 18.86
C THR H 130 -15.94 -18.67 18.00
N GLY H 131 -15.88 -19.88 18.57
CA GLY H 131 -15.32 -21.02 17.88
C GLY H 131 -13.82 -21.16 18.01
N ASN H 132 -13.15 -20.22 18.67
CA ASN H 132 -11.73 -20.23 18.91
C ASN H 132 -11.43 -20.36 20.39
N PRO H 133 -10.44 -21.16 20.75
CA PRO H 133 -9.99 -21.18 22.15
C PRO H 133 -9.34 -19.87 22.52
N PHE H 134 -9.00 -19.74 23.81
CA PHE H 134 -8.31 -18.60 24.40
C PHE H 134 -9.18 -17.34 24.49
N PHE H 135 -10.49 -17.50 24.37
CA PHE H 135 -11.46 -16.46 24.67
C PHE H 135 -12.46 -17.00 25.67
N SER H 136 -13.25 -16.10 26.25
CA SER H 136 -14.45 -16.46 26.98
C SER H 136 -15.64 -15.97 26.16
N THR H 137 -16.83 -16.25 26.64
CA THR H 137 -17.96 -15.74 25.90
C THR H 137 -18.04 -14.21 25.95
N ASP H 138 -17.25 -13.55 26.83
CA ASP H 138 -17.19 -12.09 26.81
C ASP H 138 -16.73 -11.59 25.45
N THR H 139 -15.59 -12.11 24.98
CA THR H 139 -15.13 -11.74 23.65
C THR H 139 -16.13 -12.16 22.58
N ALA H 140 -16.84 -13.27 22.78
CA ALA H 140 -17.87 -13.66 21.83
C ALA H 140 -19.01 -12.66 21.83
N ALA H 141 -19.36 -12.16 23.00
CA ALA H 141 -20.37 -11.11 23.09
C ALA H 141 -19.95 -9.89 22.27
N ALA H 142 -18.68 -9.49 22.38
CA ALA H 142 -18.20 -8.32 21.62
C ALA H 142 -18.22 -8.60 20.12
N LEU H 143 -17.64 -9.74 19.73
CA LEU H 143 -17.58 -10.09 18.30
C LEU H 143 -18.97 -10.14 17.69
N ARG H 144 -19.91 -10.83 18.34
CA ARG H 144 -21.25 -11.01 17.77
C ARG H 144 -22.03 -9.70 17.79
N ALA H 145 -21.80 -8.85 18.81
CA ALA H 145 -22.42 -7.53 18.80
C ALA H 145 -22.00 -6.75 17.56
N LEU H 146 -20.70 -6.72 17.26
CA LEU H 146 -20.24 -6.03 16.06
C LEU H 146 -20.86 -6.62 14.80
N GLU H 147 -20.93 -7.96 14.70
CA GLU H 147 -21.34 -8.59 13.45
C GLU H 147 -22.82 -8.35 13.14
N VAL H 148 -23.66 -8.18 14.17
CA VAL H 148 -25.09 -7.93 13.96
C VAL H 148 -25.47 -6.45 14.13
N GLY H 149 -24.49 -5.57 14.34
CA GLY H 149 -24.82 -4.18 14.52
C GLY H 149 -25.58 -3.86 15.78
N ALA H 150 -25.33 -4.59 16.87
CA ALA H 150 -25.91 -4.20 18.14
C ALA H 150 -25.33 -2.85 18.58
N GLU H 151 -26.16 -2.08 19.28
CA GLU H 151 -25.78 -0.75 19.69
C GLU H 151 -25.04 -0.73 21.02
N VAL H 152 -25.15 -1.81 21.80
CA VAL H 152 -24.54 -1.89 23.11
C VAL H 152 -24.40 -3.36 23.45
N VAL H 153 -23.35 -3.69 24.21
CA VAL H 153 -23.20 -5.01 24.81
C VAL H 153 -23.70 -4.93 26.26
N LEU H 154 -24.82 -5.60 26.53
CA LEU H 154 -25.36 -5.73 27.88
C LEU H 154 -24.76 -6.97 28.52
N MET H 155 -23.83 -6.79 29.45
CA MET H 155 -23.21 -7.91 30.15
C MET H 155 -23.94 -8.17 31.45
N ALA H 156 -24.78 -9.19 31.47
CA ALA H 156 -25.43 -9.67 32.69
C ALA H 156 -24.40 -10.47 33.48
N LYS H 157 -23.76 -9.81 34.44
CA LYS H 157 -22.72 -10.43 35.25
C LYS H 157 -23.33 -11.20 36.41
N ASN H 158 -22.77 -12.39 36.68
CA ASN H 158 -23.26 -13.25 37.75
C ASN H 158 -22.99 -12.60 39.11
N LYS H 159 -24.06 -12.38 39.88
CA LYS H 159 -23.96 -12.03 41.32
C LYS H 159 -23.27 -10.69 41.57
N VAL H 160 -23.50 -9.73 40.68
CA VAL H 160 -22.72 -8.48 40.64
C VAL H 160 -23.53 -7.48 39.81
N ASP H 161 -23.53 -6.21 40.23
CA ASP H 161 -24.38 -5.21 39.57
C ASP H 161 -23.57 -4.12 38.88
N GLY H 162 -22.27 -4.31 38.71
CA GLY H 162 -21.46 -3.35 37.98
C GLY H 162 -20.00 -3.75 38.06
N VAL H 163 -19.15 -2.85 37.62
CA VAL H 163 -17.73 -3.08 37.77
C VAL H 163 -17.27 -2.44 39.07
N TYR H 164 -16.39 -3.12 39.79
CA TYR H 164 -15.92 -2.69 41.09
C TYR H 164 -14.41 -2.53 41.09
N SER H 165 -13.91 -1.74 42.06
CA SER H 165 -12.47 -1.55 42.22
C SER H 165 -11.75 -2.88 42.36
N ASP H 166 -12.42 -3.87 42.94
CA ASP H 166 -11.90 -5.22 43.15
C ASP H 166 -13.03 -6.19 42.88
N ASP H 167 -12.72 -7.49 42.95
CA ASP H 167 -13.77 -8.50 42.97
C ASP H 167 -14.68 -8.28 44.17
N PRO H 168 -15.94 -7.84 43.96
CA PRO H 168 -16.81 -7.53 45.11
C PRO H 168 -17.22 -8.73 45.94
N ARG H 169 -17.05 -9.96 45.44
CA ARG H 169 -17.40 -11.13 46.23
C ARG H 169 -16.26 -11.55 47.16
N LYS H 170 -15.02 -11.40 46.71
CA LYS H 170 -13.86 -11.60 47.58
C LYS H 170 -13.50 -10.37 48.39
N ASN H 171 -14.11 -9.22 48.11
CA ASN H 171 -13.86 -7.96 48.83
C ASN H 171 -15.18 -7.23 49.01
N PRO H 172 -15.93 -7.55 50.07
CA PRO H 172 -17.26 -6.93 50.25
C PRO H 172 -17.22 -5.42 50.45
N GLU H 173 -16.03 -4.80 50.46
CA GLU H 173 -15.92 -3.36 50.65
C GLU H 173 -15.45 -2.62 49.39
N ALA H 174 -15.33 -3.31 48.26
CA ALA H 174 -14.87 -2.67 47.04
C ALA H 174 -15.86 -1.61 46.56
N VAL H 175 -15.33 -0.62 45.82
CA VAL H 175 -16.11 0.51 45.35
C VAL H 175 -16.70 0.18 43.98
N ARG H 176 -17.99 0.45 43.81
CA ARG H 176 -18.61 0.31 42.49
C ARG H 176 -18.31 1.53 41.65
N PHE H 177 -17.81 1.31 40.44
CA PHE H 177 -17.63 2.38 39.47
C PHE H 177 -18.96 2.66 38.76
N ASP H 178 -19.22 3.93 38.50
CA ASP H 178 -20.39 4.31 37.75
C ASP H 178 -20.11 4.28 36.26
N GLU H 179 -18.87 4.60 35.89
CA GLU H 179 -18.45 4.81 34.51
C GLU H 179 -16.97 4.50 34.43
N LEU H 180 -16.55 3.97 33.29
CA LEU H 180 -15.15 3.66 33.04
C LEU H 180 -14.89 3.85 31.56
N THR H 181 -13.67 4.25 31.25
CA THR H 181 -13.19 4.10 29.88
C THR H 181 -12.60 2.71 29.70
N TYR H 182 -12.56 2.26 28.45
CA TYR H 182 -11.89 0.99 28.15
C TYR H 182 -10.51 0.94 28.78
N LEU H 183 -9.69 1.96 28.55
CA LEU H 183 -8.32 1.96 29.03
C LEU H 183 -8.28 1.95 30.56
N GLU H 184 -9.25 2.57 31.20
CA GLU H 184 -9.27 2.52 32.66
C GLU H 184 -9.41 1.08 33.14
N VAL H 185 -10.24 0.29 32.44
CA VAL H 185 -10.41 -1.11 32.81
C VAL H 185 -9.09 -1.87 32.68
N LEU H 186 -8.37 -1.63 31.58
CA LEU H 186 -7.12 -2.34 31.39
C LEU H 186 -6.05 -1.87 32.37
N ASN H 187 -5.98 -0.57 32.63
CA ASN H 187 -4.92 -0.04 33.48
C ASN H 187 -5.15 -0.41 34.95
N ARG H 188 -6.40 -0.38 35.41
CA ARG H 188 -6.68 -0.81 36.77
C ARG H 188 -6.68 -2.34 36.93
N GLY H 189 -6.48 -3.10 35.86
CA GLY H 189 -6.37 -4.54 35.99
C GLY H 189 -7.64 -5.22 36.47
N LEU H 190 -8.80 -4.68 36.14
CA LEU H 190 -10.05 -5.30 36.57
C LEU H 190 -10.30 -6.58 35.79
N GLN H 191 -10.86 -7.57 36.49
CA GLN H 191 -11.11 -8.89 35.95
C GLN H 191 -12.59 -9.15 35.73
N VAL H 192 -13.32 -8.17 35.24
CA VAL H 192 -14.75 -8.41 35.04
C VAL H 192 -14.98 -9.18 33.74
N MET H 193 -14.15 -8.96 32.73
CA MET H 193 -14.32 -9.56 31.42
C MET H 193 -12.97 -9.73 30.77
N ASP H 194 -12.94 -10.52 29.69
CA ASP H 194 -11.67 -10.67 28.98
C ASP H 194 -11.19 -9.29 28.54
N THR H 195 -9.90 -9.05 28.71
CA THR H 195 -9.35 -7.80 28.21
C THR H 195 -9.53 -7.69 26.71
N THR H 196 -9.55 -8.83 26.02
CA THR H 196 -9.77 -8.86 24.57
C THR H 196 -11.17 -8.37 24.20
N ALA H 197 -12.15 -8.64 25.05
CA ALA H 197 -13.49 -8.10 24.83
C ALA H 197 -13.49 -6.58 24.98
N ILE H 198 -12.75 -6.06 25.96
CA ILE H 198 -12.63 -4.63 26.14
C ILE H 198 -12.08 -3.97 24.88
N THR H 199 -10.98 -4.51 24.35
CA THR H 199 -10.31 -3.80 23.26
C THR H 199 -11.10 -3.90 21.96
N LEU H 200 -11.75 -5.03 21.70
CA LEU H 200 -12.64 -5.12 20.54
C LEU H 200 -13.64 -3.97 20.55
N CYS H 201 -14.30 -3.75 21.69
CA CYS H 201 -15.29 -2.68 21.79
C CYS H 201 -14.63 -1.30 21.74
N MET H 202 -13.44 -1.16 22.35
CA MET H 202 -12.68 0.08 22.22
C MET H 202 -12.51 0.48 20.76
N GLU H 203 -11.98 -0.43 19.94
CA GLU H 203 -11.74 -0.12 18.54
C GLU H 203 -13.01 0.33 17.83
N ALA H 204 -14.16 -0.19 18.21
CA ALA H 204 -15.40 0.16 17.54
C ALA H 204 -16.16 1.28 18.21
N GLY H 205 -15.75 1.72 19.39
CA GLY H 205 -16.59 2.60 20.16
C GLY H 205 -17.90 1.97 20.55
N LEU H 206 -17.91 0.65 20.77
CA LEU H 206 -19.10 -0.05 21.21
C LEU H 206 -19.19 0.03 22.73
N PRO H 207 -20.20 0.70 23.30
CA PRO H 207 -20.29 0.78 24.76
C PRO H 207 -20.73 -0.54 25.38
N ILE H 208 -20.37 -0.70 26.66
CA ILE H 208 -20.67 -1.90 27.43
C ILE H 208 -21.37 -1.48 28.72
N VAL H 209 -22.46 -2.18 29.07
CA VAL H 209 -23.17 -1.99 30.33
C VAL H 209 -23.07 -3.27 31.13
N VAL H 210 -22.47 -3.20 32.32
CA VAL H 210 -22.36 -4.34 33.24
C VAL H 210 -23.42 -4.16 34.33
N PHE H 211 -24.37 -5.08 34.43
CA PHE H 211 -25.49 -4.91 35.34
C PHE H 211 -25.92 -6.25 35.94
N ASP H 212 -26.77 -6.16 36.96
CA ASP H 212 -27.39 -7.34 37.57
C ASP H 212 -28.75 -7.56 36.91
N ILE H 213 -28.87 -8.67 36.15
CA ILE H 213 -30.10 -8.94 35.42
C ILE H 213 -31.23 -9.37 36.35
N PHE H 214 -30.91 -9.80 37.57
CA PHE H 214 -31.92 -10.23 38.52
C PHE H 214 -32.34 -9.14 39.49
N LYS H 215 -32.03 -7.87 39.17
CA LYS H 215 -32.67 -6.73 39.81
C LYS H 215 -33.92 -6.37 39.03
N PRO H 216 -35.10 -6.36 39.65
CA PRO H 216 -36.35 -6.21 38.87
C PRO H 216 -36.36 -4.96 38.03
N GLY H 217 -36.68 -5.14 36.75
CA GLY H 217 -36.76 -4.03 35.82
C GLY H 217 -35.44 -3.52 35.28
N ALA H 218 -34.30 -4.04 35.75
CA ALA H 218 -33.00 -3.47 35.36
C ALA H 218 -32.75 -3.61 33.86
N LEU H 219 -32.95 -4.80 33.31
CA LEU H 219 -32.72 -5.01 31.89
C LEU H 219 -33.69 -4.16 31.05
N VAL H 220 -34.98 -4.24 31.36
CA VAL H 220 -35.96 -3.41 30.66
C VAL H 220 -35.67 -1.93 30.88
N GLY H 221 -35.18 -1.57 32.07
CA GLY H 221 -34.78 -0.19 32.31
C GLY H 221 -33.68 0.26 31.39
N ILE H 222 -32.65 -0.57 31.20
CA ILE H 222 -31.56 -0.21 30.31
C ILE H 222 -32.08 -0.01 28.88
N ILE H 223 -32.97 -0.89 28.44
CA ILE H 223 -33.46 -0.79 27.07
C ILE H 223 -34.22 0.51 26.87
N GLN H 224 -34.93 0.95 27.90
CA GLN H 224 -35.78 2.14 27.81
C GLN H 224 -35.06 3.42 28.18
N GLY H 225 -33.78 3.36 28.57
CA GLY H 225 -32.98 4.55 28.74
C GLY H 225 -32.50 4.85 30.15
N GLU H 226 -32.88 4.03 31.15
CA GLU H 226 -32.42 4.27 32.51
C GLU H 226 -30.93 3.97 32.66
N LYS H 227 -30.31 4.61 33.65
CA LYS H 227 -28.91 4.36 33.99
C LYS H 227 -28.87 3.24 35.04
N VAL H 228 -28.42 2.06 34.62
CA VAL H 228 -28.31 0.89 35.48
C VAL H 228 -26.89 0.36 35.39
N GLY H 229 -26.34 -0.08 36.52
CA GLY H 229 -25.04 -0.72 36.48
C GLY H 229 -23.89 0.21 36.15
N THR H 230 -22.90 -0.31 35.45
CA THR H 230 -21.68 0.40 35.11
C THR H 230 -21.57 0.53 33.60
N LEU H 231 -21.16 1.70 33.14
CA LEU H 231 -21.00 1.97 31.71
C LEU H 231 -19.52 2.02 31.38
N ILE H 232 -19.12 1.23 30.38
CA ILE H 232 -17.75 1.23 29.87
C ILE H 232 -17.80 1.79 28.46
N HIS H 233 -17.18 2.94 28.25
CA HIS H 233 -17.23 3.62 26.96
C HIS H 233 -16.01 4.48 26.66
N MET I 1 29.54 32.81 39.98
CA MET I 1 28.25 32.14 39.90
C MET I 1 27.68 32.13 38.49
N LYS I 2 27.35 30.94 38.00
CA LYS I 2 26.75 30.85 36.67
C LYS I 2 25.34 31.39 36.65
N TYR I 3 24.57 31.16 37.71
CA TYR I 3 23.16 31.52 37.76
C TYR I 3 22.94 32.51 38.88
N LYS I 4 22.37 33.67 38.53
CA LYS I 4 22.00 34.67 39.52
C LYS I 4 20.63 34.42 40.14
N ARG I 5 19.69 33.83 39.38
CA ARG I 5 18.36 33.54 39.89
C ARG I 5 17.82 32.24 39.30
N VAL I 6 17.32 31.34 40.17
CA VAL I 6 16.90 30.01 39.75
C VAL I 6 15.56 29.64 40.39
N LEU I 7 14.83 28.75 39.72
CA LEU I 7 13.61 28.17 40.26
C LEU I 7 13.85 26.68 40.55
N LEU I 8 13.72 26.30 41.80
CA LEU I 8 14.01 24.94 42.25
C LEU I 8 12.70 24.22 42.51
N LYS I 9 12.39 23.21 41.70
CA LYS I 9 11.20 22.39 41.89
C LYS I 9 11.51 21.26 42.86
N LEU I 10 10.70 21.13 43.90
CA LEU I 10 10.91 20.13 44.94
C LEU I 10 9.73 19.18 45.00
N SER I 11 10.01 17.91 45.13
CA SER I 11 8.95 16.93 45.31
C SER I 11 8.44 16.99 46.74
N GLY I 12 7.12 16.74 46.89
CA GLY I 12 6.55 16.69 48.21
C GLY I 12 7.13 15.59 49.07
N GLU I 13 7.63 14.52 48.44
CA GLU I 13 8.13 13.38 49.19
C GLU I 13 9.40 13.72 49.96
N PHE I 14 10.08 14.79 49.57
CA PHE I 14 11.30 15.22 50.26
C PHE I 14 11.01 15.69 51.68
N LEU I 15 9.74 15.73 52.08
CA LEU I 15 9.37 16.16 53.42
C LEU I 15 9.11 14.99 54.35
N THR I 16 9.25 13.76 53.86
CA THR I 16 9.05 12.58 54.68
C THR I 16 10.08 11.53 54.29
N ARG I 17 10.47 10.70 55.25
CA ARG I 17 11.32 9.56 54.96
C ARG I 17 10.54 8.25 54.89
N ASN I 18 9.25 8.26 55.25
CA ASN I 18 8.42 7.07 55.23
C ASN I 18 7.36 7.11 54.13
N GLY I 19 7.63 7.84 53.05
CA GLY I 19 6.71 7.91 51.92
C GLY I 19 5.46 8.77 52.11
N PHE I 20 5.02 8.99 53.35
CA PHE I 20 3.77 9.68 53.62
C PHE I 20 3.97 10.73 54.71
N GLY I 21 3.14 11.77 54.64
CA GLY I 21 3.10 12.78 55.68
C GLY I 21 4.20 13.84 55.59
N ILE I 22 4.27 14.63 56.65
CA ILE I 22 5.30 15.65 56.82
C ILE I 22 6.07 15.30 58.08
N GLU I 23 7.41 15.20 57.97
CA GLU I 23 8.22 14.77 59.10
C GLU I 23 9.30 15.80 59.38
N PRO I 24 9.58 16.08 60.66
CA PRO I 24 10.54 17.15 60.99
C PRO I 24 11.95 16.82 60.56
N GLU I 25 12.40 15.58 60.78
CA GLU I 25 13.78 15.24 60.42
C GLU I 25 14.02 15.44 58.94
N ALA I 26 13.11 14.92 58.10
CA ALA I 26 13.26 15.06 56.65
C ALA I 26 13.13 16.52 56.21
N THR I 27 12.19 17.26 56.80
CA THR I 27 12.03 18.67 56.42
C THR I 27 13.27 19.48 56.79
N GLN I 28 13.79 19.27 58.01
CA GLN I 28 15.00 19.98 58.40
C GLN I 28 16.15 19.68 57.44
N ALA I 29 16.28 18.43 57.00
CA ALA I 29 17.36 18.07 56.08
C ALA I 29 17.20 18.78 54.74
N LEU I 30 15.99 18.80 54.18
CA LEU I 30 15.72 19.53 52.95
C LEU I 30 16.01 21.02 53.13
N ALA I 31 15.63 21.58 54.27
CA ALA I 31 15.91 23.00 54.54
C ALA I 31 17.40 23.27 54.58
N ARG I 32 18.18 22.35 55.18
CA ARG I 32 19.63 22.52 55.20
C ARG I 32 20.20 22.50 53.79
N GLU I 33 19.70 21.65 52.92
CA GLU I 33 20.15 21.69 51.54
C GLU I 33 19.79 23.01 50.87
N ILE I 34 18.59 23.53 51.16
CA ILE I 34 18.18 24.80 50.56
C ILE I 34 19.05 25.93 51.09
N LYS I 35 19.39 25.90 52.38
CA LYS I 35 20.24 26.93 52.96
C LYS I 35 21.61 26.97 52.29
N ALA I 36 22.14 25.78 51.94
CA ALA I 36 23.39 25.72 51.18
C ALA I 36 23.29 26.55 49.90
N ALA I 37 22.24 26.31 49.11
CA ALA I 37 22.04 27.11 47.90
C ALA I 37 21.83 28.58 48.23
N TYR I 38 21.01 28.87 49.25
CA TYR I 38 20.79 30.27 49.62
C TYR I 38 22.08 30.97 49.95
N ASP I 39 22.95 30.29 50.71
CA ASP I 39 24.20 30.88 51.18
C ASP I 39 25.15 31.20 50.03
N THR I 40 24.94 30.65 48.84
CA THR I 40 25.74 31.07 47.70
C THR I 40 25.43 32.49 47.24
N GLY I 41 24.34 33.09 47.71
CA GLY I 41 23.91 34.40 47.23
C GLY I 41 22.95 34.36 46.06
N VAL I 42 22.68 33.19 45.50
CA VAL I 42 21.72 33.10 44.40
C VAL I 42 20.34 33.49 44.88
N GLN I 43 19.54 34.03 43.96
CA GLN I 43 18.13 34.29 44.20
C GLN I 43 17.33 33.04 43.87
N LEU I 44 16.49 32.60 44.82
CA LEU I 44 15.93 31.26 44.80
C LEU I 44 14.42 31.32 44.98
N ALA I 45 13.69 30.84 43.97
CA ALA I 45 12.26 30.55 44.08
C ALA I 45 12.04 29.05 44.04
N ILE I 46 11.06 28.58 44.80
CA ILE I 46 10.79 27.16 44.96
C ILE I 46 9.33 26.87 44.60
N VAL I 47 9.12 25.75 43.91
CA VAL I 47 7.79 25.19 43.71
C VAL I 47 7.77 23.81 44.34
N ILE I 48 6.83 23.57 45.25
CA ILE I 48 6.79 22.34 46.03
C ILE I 48 5.58 21.52 45.60
N GLY I 49 5.74 20.19 45.58
CA GLY I 49 4.69 19.27 45.20
C GLY I 49 3.92 18.74 46.39
N ALA I 50 3.02 17.79 46.08
CA ALA I 50 2.03 17.28 47.04
C ALA I 50 2.18 15.80 47.34
N GLY I 51 3.28 15.18 46.89
CA GLY I 51 3.32 13.73 46.77
C GLY I 51 3.26 12.97 48.08
N ASN I 52 3.75 13.60 49.16
CA ASN I 52 3.71 12.98 50.47
C ASN I 52 2.30 12.88 51.04
N LEU I 53 1.35 13.63 50.48
CA LEU I 53 0.01 13.72 51.07
C LEU I 53 -1.13 13.32 50.15
N TRP I 54 -0.91 13.27 48.84
CA TRP I 54 -2.02 13.07 47.92
C TRP I 54 -1.50 12.56 46.61
N ARG I 55 -2.17 11.54 46.05
CA ARG I 55 -1.68 10.86 44.86
C ARG I 55 -2.64 10.96 43.66
N GLY I 56 -3.85 11.51 43.85
CA GLY I 56 -4.76 11.75 42.74
C GLY I 56 -6.08 11.03 42.91
N ALA I 57 -6.85 10.99 41.81
CA ALA I 57 -8.24 10.54 41.88
C ALA I 57 -8.39 9.06 42.20
N ARG I 58 -7.31 8.27 42.16
CA ARG I 58 -7.38 6.88 42.59
C ARG I 58 -7.79 6.75 44.06
N GLN I 59 -7.56 7.79 44.88
CA GLN I 59 -7.91 7.74 46.29
C GLN I 59 -9.35 8.15 46.58
N GLY I 60 -10.05 8.74 45.59
CA GLY I 60 -11.41 9.18 45.77
C GLY I 60 -12.43 8.21 45.20
N VAL I 61 -13.68 8.33 45.65
CA VAL I 61 -14.77 7.53 45.12
C VAL I 61 -15.67 8.45 44.31
N GLY I 62 -15.68 8.22 43.00
CA GLY I 62 -16.43 9.04 42.06
C GLY I 62 -15.82 10.42 41.88
N MET I 63 -14.49 10.49 41.78
CA MET I 63 -13.73 11.72 41.91
C MET I 63 -13.18 12.13 40.55
N ASP I 64 -13.63 13.29 40.05
CA ASP I 64 -13.02 13.93 38.88
C ASP I 64 -11.51 14.06 39.07
N ARG I 65 -10.81 14.09 37.94
CA ARG I 65 -9.40 14.46 38.00
C ARG I 65 -9.23 15.93 38.42
N ALA I 66 -10.15 16.81 38.01
CA ALA I 66 -10.05 18.21 38.43
C ALA I 66 -10.22 18.34 39.95
N THR I 67 -11.17 17.61 40.54
CA THR I 67 -11.31 17.66 41.97
C THR I 67 -10.06 17.14 42.67
N ALA I 68 -9.51 16.02 42.20
CA ALA I 68 -8.27 15.52 42.78
C ALA I 68 -7.15 16.54 42.69
N ASP I 69 -7.11 17.29 41.60
CA ASP I 69 -6.08 18.31 41.41
C ASP I 69 -6.25 19.47 42.39
N TYR I 70 -7.49 19.87 42.68
CA TYR I 70 -7.70 20.91 43.67
C TYR I 70 -7.26 20.42 45.05
N ILE I 71 -7.59 19.17 45.39
CA ILE I 71 -7.13 18.58 46.63
C ILE I 71 -5.61 18.57 46.70
N GLY I 72 -4.95 18.27 45.58
CA GLY I 72 -3.50 18.27 45.57
C GLY I 72 -2.93 19.67 45.73
N MET I 73 -3.62 20.67 45.18
CA MET I 73 -3.16 22.03 45.35
C MET I 73 -3.15 22.42 46.82
N LEU I 74 -4.20 22.02 47.55
CA LEU I 74 -4.24 22.27 48.99
C LEU I 74 -3.07 21.61 49.69
N ALA I 75 -2.72 20.38 49.27
CA ALA I 75 -1.59 19.69 49.86
C ALA I 75 -0.28 20.46 49.66
N THR I 76 -0.05 20.97 48.45
CA THR I 76 1.19 21.71 48.22
C THR I 76 1.28 22.94 49.12
N ILE I 77 0.14 23.54 49.48
CA ILE I 77 0.17 24.69 50.35
C ILE I 77 0.57 24.27 51.76
N MET I 78 0.01 23.15 52.22
CA MET I 78 0.44 22.55 53.48
C MET I 78 1.96 22.38 53.52
N ASN I 79 2.53 21.79 52.47
CA ASN I 79 3.98 21.59 52.43
C ASN I 79 4.71 22.93 52.42
N ALA I 80 4.19 23.90 51.66
CA ALA I 80 4.87 25.19 51.57
C ALA I 80 5.01 25.83 52.95
N LEU I 81 3.95 25.78 53.76
CA LEU I 81 4.01 26.38 55.08
C LEU I 81 5.02 25.66 55.97
N ALA I 82 5.05 24.32 55.92
CA ALA I 82 6.01 23.56 56.71
C ALA I 82 7.44 23.85 56.27
N LEU I 83 7.68 23.85 54.95
CA LEU I 83 8.99 24.18 54.45
C LEU I 83 9.42 25.56 54.91
N GLN I 84 8.50 26.53 54.89
CA GLN I 84 8.85 27.89 55.28
C GLN I 84 9.29 27.93 56.74
N ASP I 85 8.59 27.22 57.63
CA ASP I 85 8.98 27.24 59.03
C ASP I 85 10.35 26.62 59.22
N ALA I 86 10.64 25.55 58.49
CA ALA I 86 11.98 24.97 58.51
C ALA I 86 13.04 25.98 58.10
N LEU I 87 12.87 26.60 56.93
CA LEU I 87 13.85 27.58 56.47
C LEU I 87 13.97 28.73 57.45
N GLU I 88 12.85 29.19 58.00
CA GLU I 88 12.91 30.26 58.97
C GLU I 88 13.49 29.79 60.30
N SER I 89 13.40 28.49 60.58
CA SER I 89 14.06 27.92 61.74
C SER I 89 15.59 27.96 61.62
N LEU I 90 16.12 28.20 60.42
CA LEU I 90 17.55 28.35 60.20
C LEU I 90 17.97 29.77 59.89
N GLY I 91 17.08 30.75 60.07
CA GLY I 91 17.41 32.14 59.80
C GLY I 91 17.28 32.60 58.36
N VAL I 92 16.79 31.77 57.45
CA VAL I 92 16.63 32.21 56.07
C VAL I 92 15.32 32.98 55.94
N PRO I 93 15.32 34.23 55.47
CA PRO I 93 14.05 34.92 55.22
C PRO I 93 13.29 34.27 54.07
N THR I 94 12.03 33.90 54.33
CA THR I 94 11.23 33.12 53.40
C THR I 94 9.80 33.64 53.35
N ARG I 95 9.30 33.84 52.12
CA ARG I 95 7.91 34.19 51.90
C ARG I 95 7.22 33.08 51.12
N VAL I 96 5.91 32.93 51.35
CA VAL I 96 5.07 31.97 50.66
C VAL I 96 4.03 32.73 49.84
N GLN I 97 3.89 32.37 48.56
CA GLN I 97 2.79 32.86 47.72
C GLN I 97 2.00 31.67 47.18
N THR I 98 0.69 31.67 47.38
CA THR I 98 -0.14 30.56 46.93
C THR I 98 -0.94 30.95 45.70
N ALA I 99 -1.15 29.99 44.83
CA ALA I 99 -1.91 30.26 43.62
C ALA I 99 -3.42 30.35 43.90
N LEU I 100 -3.91 29.66 44.93
CA LEU I 100 -5.26 29.88 45.42
C LEU I 100 -5.18 30.92 46.52
N THR I 101 -6.02 31.95 46.45
CA THR I 101 -5.98 33.03 47.42
C THR I 101 -6.61 32.57 48.73
N ILE I 102 -5.82 32.65 49.82
CA ILE I 102 -6.26 32.25 51.15
C ILE I 102 -5.69 33.31 52.09
N THR I 103 -6.45 34.37 52.32
CA THR I 103 -5.93 35.57 52.98
C THR I 103 -5.20 35.24 54.28
N GLN I 104 -5.83 34.46 55.15
CA GLN I 104 -5.28 34.19 56.48
C GLN I 104 -4.01 33.36 56.45
N VAL I 105 -3.79 32.57 55.40
CA VAL I 105 -2.74 31.55 55.46
C VAL I 105 -1.41 32.04 54.90
N ALA I 106 -1.44 32.78 53.79
CA ALA I 106 -0.21 33.20 53.14
C ALA I 106 -0.59 34.27 52.14
N GLU I 107 0.40 34.94 51.60
CA GLU I 107 0.01 35.95 50.62
C GLU I 107 -0.29 35.28 49.28
N PRO I 108 -1.13 35.91 48.45
CA PRO I 108 -1.45 35.33 47.15
C PRO I 108 -0.32 35.56 46.15
N TYR I 109 -0.32 34.76 45.09
CA TYR I 109 0.66 34.98 44.05
C TYR I 109 0.41 36.34 43.40
N ILE I 110 1.39 37.23 43.52
CA ILE I 110 1.40 38.52 42.86
C ILE I 110 2.80 38.72 42.27
N ARG I 111 2.89 38.77 40.94
CA ARG I 111 4.20 38.77 40.28
C ARG I 111 5.10 39.89 40.80
N ARG I 112 4.57 41.12 40.86
CA ARG I 112 5.41 42.24 41.31
C ARG I 112 5.86 42.08 42.76
N ARG I 113 5.04 41.47 43.61
CA ARG I 113 5.47 41.25 44.98
C ARG I 113 6.53 40.15 45.02
N ALA I 114 6.43 39.15 44.14
CA ALA I 114 7.40 38.06 44.14
C ALA I 114 8.78 38.54 43.67
N LEU I 115 8.81 39.36 42.61
CA LEU I 115 10.06 39.98 42.20
C LEU I 115 10.70 40.76 43.35
N ARG I 116 9.94 41.66 43.98
CA ARG I 116 10.50 42.46 45.07
C ARG I 116 11.01 41.57 46.21
N HIS I 117 10.37 40.42 46.44
CA HIS I 117 10.87 39.50 47.47
C HIS I 117 12.25 38.96 47.09
N LEU I 118 12.41 38.53 45.84
CA LEU I 118 13.71 37.99 45.43
C LEU I 118 14.78 39.07 45.44
N GLU I 119 14.48 40.25 44.91
CA GLU I 119 15.43 41.35 44.93
C GLU I 119 15.82 41.76 46.36
N LYS I 120 14.98 41.47 47.35
CA LYS I 120 15.29 41.69 48.75
C LYS I 120 15.93 40.46 49.42
N GLU I 121 16.46 39.54 48.62
CA GLU I 121 17.18 38.36 49.11
C GLU I 121 16.33 37.51 50.05
N ARG I 122 15.09 37.26 49.64
CA ARG I 122 14.21 36.34 50.33
C ARG I 122 13.93 35.16 49.40
N ILE I 123 13.77 33.99 50.00
CA ILE I 123 13.30 32.83 49.23
C ILE I 123 11.78 32.93 49.10
N VAL I 124 11.30 32.75 47.87
CA VAL I 124 9.87 32.71 47.59
C VAL I 124 9.51 31.27 47.31
N ILE I 125 8.69 30.67 48.19
CA ILE I 125 8.12 29.34 47.99
C ILE I 125 6.73 29.52 47.39
N PHE I 126 6.48 28.91 46.24
CA PHE I 126 5.19 28.98 45.56
C PHE I 126 4.35 27.75 45.89
N GLY I 127 3.19 27.97 46.52
CA GLY I 127 2.28 26.87 46.79
C GLY I 127 1.06 26.88 45.92
N GLY I 128 0.36 25.75 45.82
CA GLY I 128 -0.90 25.72 45.09
C GLY I 128 -0.78 25.48 43.61
N GLY I 129 0.39 25.10 43.12
CA GLY I 129 0.55 24.89 41.70
C GLY I 129 0.34 26.17 40.94
N THR I 130 -0.41 26.09 39.84
CA THR I 130 -0.81 27.27 39.10
C THR I 130 -2.20 27.75 39.46
N GLY I 131 -2.95 26.98 40.24
CA GLY I 131 -4.35 27.25 40.46
C GLY I 131 -5.28 26.53 39.52
N ASN I 132 -4.75 26.01 38.40
CA ASN I 132 -5.53 25.26 37.42
C ASN I 132 -5.30 23.78 37.58
N PRO I 133 -6.35 22.95 37.59
CA PRO I 133 -6.15 21.50 37.43
C PRO I 133 -5.59 21.21 36.06
N PHE I 134 -5.07 19.99 35.89
CA PHE I 134 -4.46 19.55 34.63
C PHE I 134 -3.10 20.20 34.37
N PHE I 135 -2.76 21.22 35.15
CA PHE I 135 -1.39 21.72 35.23
C PHE I 135 -0.69 20.98 36.37
N SER I 136 0.54 20.51 36.15
CA SER I 136 1.02 19.37 36.93
C SER I 136 1.67 19.76 38.25
N THR I 137 2.62 20.69 38.23
CA THR I 137 3.56 21.03 39.32
C THR I 137 4.90 21.29 38.66
N ASP I 138 5.35 20.32 37.85
CA ASP I 138 6.40 20.63 36.89
C ASP I 138 6.02 21.85 36.09
N THR I 139 4.79 21.84 35.55
CA THR I 139 4.29 23.00 34.82
C THR I 139 4.26 24.25 35.70
N ALA I 140 3.86 24.09 36.96
CA ALA I 140 3.94 25.24 37.87
C ALA I 140 5.38 25.74 37.99
N ALA I 141 6.33 24.80 38.07
CA ALA I 141 7.74 25.20 38.12
C ALA I 141 8.16 25.96 36.87
N ALA I 142 7.71 25.50 35.70
CA ALA I 142 8.04 26.20 34.46
C ALA I 142 7.40 27.58 34.44
N LEU I 143 6.09 27.65 34.74
CA LEU I 143 5.39 28.92 34.70
C LEU I 143 6.01 29.90 35.67
N ARG I 144 6.19 29.50 36.93
CA ARG I 144 6.74 30.42 37.91
C ARG I 144 8.17 30.83 37.58
N ALA I 145 8.96 29.94 36.97
CA ALA I 145 10.29 30.32 36.50
C ALA I 145 10.21 31.45 35.50
N LEU I 146 9.36 31.29 34.48
CA LEU I 146 9.21 32.36 33.49
C LEU I 146 8.72 33.65 34.15
N GLU I 147 7.83 33.54 35.15
CA GLU I 147 7.22 34.73 35.73
C GLU I 147 8.21 35.50 36.59
N VAL I 148 9.09 34.79 37.33
CA VAL I 148 10.12 35.48 38.12
C VAL I 148 11.38 35.76 37.32
N GLY I 149 11.44 35.36 36.05
CA GLY I 149 12.65 35.52 35.27
C GLY I 149 13.81 34.67 35.72
N ALA I 150 13.55 33.48 36.25
CA ALA I 150 14.64 32.58 36.59
C ALA I 150 15.36 32.17 35.31
N GLU I 151 16.67 31.92 35.44
CA GLU I 151 17.49 31.57 34.30
C GLU I 151 17.44 30.07 33.97
N VAL I 152 17.07 29.23 34.93
CA VAL I 152 17.05 27.79 34.72
C VAL I 152 16.07 27.19 35.72
N VAL I 153 15.47 26.06 35.35
CA VAL I 153 14.62 25.29 36.25
C VAL I 153 15.41 24.09 36.74
N LEU I 154 15.64 24.04 38.05
CA LEU I 154 16.31 22.91 38.67
C LEU I 154 15.26 21.92 39.17
N MET I 155 15.03 20.84 38.41
CA MET I 155 14.10 19.78 38.81
C MET I 155 14.80 18.77 39.72
N ALA I 156 14.60 18.93 41.03
CA ALA I 156 15.16 17.99 41.99
C ALA I 156 14.39 16.67 41.95
N LYS I 157 14.85 15.73 41.14
CA LYS I 157 14.12 14.47 40.95
C LYS I 157 14.22 13.60 42.19
N ASN I 158 13.11 12.93 42.52
CA ASN I 158 13.02 12.06 43.68
C ASN I 158 13.83 10.79 43.43
N LYS I 159 15.05 10.76 44.00
CA LYS I 159 15.96 9.61 44.16
C LYS I 159 16.88 9.33 42.97
N VAL I 160 16.79 10.05 41.85
CA VAL I 160 17.69 9.86 40.72
C VAL I 160 18.49 11.15 40.48
N ASP I 161 19.56 11.03 39.67
CA ASP I 161 20.51 12.13 39.47
C ASP I 161 20.60 12.56 38.02
N GLY I 162 19.50 12.41 37.28
CA GLY I 162 19.45 12.86 35.91
C GLY I 162 18.29 12.21 35.20
N VAL I 163 18.29 12.36 33.88
CA VAL I 163 17.32 11.71 33.01
C VAL I 163 18.00 10.49 32.40
N TYR I 164 17.32 9.35 32.43
CA TYR I 164 17.86 8.08 31.95
C TYR I 164 17.02 7.58 30.77
N SER I 165 17.54 6.52 30.12
CA SER I 165 16.82 5.92 29.00
C SER I 165 15.44 5.42 29.41
N ASP I 166 15.31 4.97 30.66
CA ASP I 166 14.03 4.60 31.23
C ASP I 166 14.13 4.84 32.74
N ASP I 167 12.99 4.70 33.43
CA ASP I 167 12.92 4.88 34.88
C ASP I 167 13.93 3.96 35.57
N PRO I 168 15.02 4.51 36.17
CA PRO I 168 16.10 3.64 36.68
C PRO I 168 15.67 2.73 37.81
N ARG I 169 14.40 2.85 38.25
CA ARG I 169 13.77 1.89 39.15
C ARG I 169 13.29 0.63 38.42
N LYS I 170 13.82 0.38 37.21
CA LYS I 170 13.54 -0.85 36.48
C LYS I 170 14.74 -1.35 35.67
N ASN I 171 15.89 -0.68 35.72
CA ASN I 171 17.10 -1.21 35.09
C ASN I 171 17.62 -2.39 35.89
N ALA I 174 19.96 1.00 32.32
CA ALA I 174 19.67 2.38 31.94
C ALA I 174 20.92 3.27 32.03
N VAL I 175 21.20 4.02 30.96
CA VAL I 175 22.29 4.99 30.92
C VAL I 175 21.72 6.38 31.09
N ARG I 176 22.55 7.30 31.59
CA ARG I 176 22.12 8.67 31.89
C ARG I 176 22.54 9.61 30.78
N PHE I 177 21.60 10.42 30.31
CA PHE I 177 21.93 11.45 29.33
C PHE I 177 22.62 12.62 30.03
N ASP I 178 23.50 13.27 29.29
CA ASP I 178 24.09 14.51 29.75
C ASP I 178 23.37 15.73 29.19
N GLU I 179 22.88 15.61 27.96
CA GLU I 179 22.14 16.66 27.28
C GLU I 179 21.00 16.03 26.52
N LEU I 180 19.84 16.68 26.56
CA LEU I 180 18.72 16.32 25.69
C LEU I 180 18.09 17.60 25.17
N THR I 181 17.46 17.50 24.01
CA THR I 181 16.63 18.60 23.56
C THR I 181 15.22 18.38 24.07
N TYR I 182 14.44 19.47 24.05
CA TYR I 182 13.04 19.40 24.45
C TYR I 182 12.31 18.32 23.68
N LEU I 183 12.46 18.33 22.34
CA LEU I 183 11.72 17.36 21.53
C LEU I 183 12.17 15.92 21.79
N GLU I 184 13.47 15.71 22.04
CA GLU I 184 13.90 14.34 22.36
C GLU I 184 13.15 13.80 23.56
N VAL I 185 12.95 14.63 24.59
CA VAL I 185 12.23 14.17 25.76
C VAL I 185 10.80 13.77 25.38
N LEU I 186 10.17 14.55 24.50
CA LEU I 186 8.82 14.19 24.06
C LEU I 186 8.83 12.93 23.19
N ASN I 187 9.71 12.89 22.19
CA ASN I 187 9.69 11.77 21.27
C ASN I 187 10.14 10.47 21.95
N ARG I 188 11.01 10.55 22.96
CA ARG I 188 11.45 9.32 23.60
C ARG I 188 10.44 8.79 24.62
N GLY I 189 9.34 9.51 24.85
CA GLY I 189 8.38 9.08 25.85
C GLY I 189 8.90 9.08 27.28
N LEU I 190 9.98 9.82 27.55
CA LEU I 190 10.55 9.83 28.89
C LEU I 190 9.58 10.50 29.86
N GLN I 191 9.18 9.76 30.88
CA GLN I 191 8.24 10.26 31.87
C GLN I 191 8.94 10.92 33.05
N VAL I 192 9.97 11.75 32.81
CA VAL I 192 10.61 12.45 33.92
C VAL I 192 9.77 13.65 34.35
N MET I 193 9.35 14.49 33.41
CA MET I 193 8.49 15.60 33.77
C MET I 193 7.39 15.78 32.72
N ASP I 194 6.32 16.43 33.16
CA ASP I 194 5.16 16.71 32.31
C ASP I 194 5.58 17.31 30.97
N THR I 195 4.93 16.83 29.91
CA THR I 195 5.26 17.30 28.57
C THR I 195 4.89 18.77 28.41
N THR I 196 3.80 19.19 29.03
CA THR I 196 3.38 20.59 28.98
C THR I 196 4.43 21.50 29.62
N ALA I 197 5.05 21.05 30.71
CA ALA I 197 6.16 21.79 31.29
C ALA I 197 7.35 21.81 30.34
N ILE I 198 7.61 20.70 29.63
CA ILE I 198 8.68 20.68 28.64
C ILE I 198 8.43 21.71 27.55
N THR I 199 7.23 21.69 26.94
CA THR I 199 7.00 22.61 25.83
C THR I 199 6.93 24.06 26.28
N LEU I 200 6.46 24.33 27.50
CA LEU I 200 6.53 25.68 28.00
C LEU I 200 7.97 26.18 28.04
N CYS I 201 8.88 25.34 28.56
CA CYS I 201 10.30 25.70 28.59
C CYS I 201 10.88 25.80 27.19
N MET I 202 10.46 24.89 26.29
CA MET I 202 10.95 24.91 24.93
C MET I 202 10.62 26.23 24.24
N GLU I 203 9.37 26.70 24.40
CA GLU I 203 8.96 27.94 23.76
C GLU I 203 9.76 29.13 24.26
N ALA I 204 10.22 29.08 25.49
CA ALA I 204 10.94 30.18 26.09
C ALA I 204 12.44 30.07 25.94
N GLY I 205 12.93 28.93 25.46
CA GLY I 205 14.36 28.68 25.52
C GLY I 205 14.85 28.63 26.95
N LEU I 206 14.06 28.05 27.85
CA LEU I 206 14.40 28.02 29.25
C LEU I 206 15.02 26.67 29.58
N PRO I 207 16.28 26.64 29.99
CA PRO I 207 16.94 25.36 30.27
C PRO I 207 16.43 24.69 31.52
N ILE I 208 16.37 23.36 31.47
CA ILE I 208 16.00 22.51 32.59
C ILE I 208 17.20 21.66 32.97
N VAL I 209 17.46 21.54 34.28
CA VAL I 209 18.50 20.65 34.80
C VAL I 209 17.84 19.70 35.79
N VAL I 210 17.86 18.40 35.46
CA VAL I 210 17.40 17.34 36.35
C VAL I 210 18.59 16.83 37.16
N PHE I 211 18.43 16.67 38.47
CA PHE I 211 19.54 16.31 39.33
C PHE I 211 19.03 15.72 40.64
N ASP I 212 19.97 15.22 41.45
CA ASP I 212 19.70 14.63 42.76
C ASP I 212 20.08 15.64 43.83
N ILE I 213 19.08 16.22 44.50
CA ILE I 213 19.38 17.20 45.54
C ILE I 213 20.06 16.54 46.74
N PHE I 214 19.86 15.23 46.93
CA PHE I 214 20.44 14.50 48.06
C PHE I 214 21.88 14.07 47.82
N LYS I 215 22.46 14.32 46.63
CA LYS I 215 23.87 14.06 46.37
C LYS I 215 24.69 15.24 46.87
N PRO I 216 25.50 15.04 47.92
CA PRO I 216 26.21 16.17 48.56
C PRO I 216 26.86 17.13 47.58
N GLY I 217 26.55 18.41 47.74
CA GLY I 217 27.13 19.45 46.93
C GLY I 217 26.52 19.63 45.56
N ALA I 218 25.58 18.78 45.14
CA ALA I 218 25.09 18.84 43.76
C ALA I 218 24.44 20.19 43.47
N LEU I 219 23.47 20.58 44.29
CA LEU I 219 22.74 21.82 44.06
C LEU I 219 23.69 23.02 43.98
N VAL I 220 24.50 23.22 45.02
CA VAL I 220 25.49 24.30 45.01
C VAL I 220 26.38 24.20 43.78
N GLY I 221 26.63 22.97 43.30
CA GLY I 221 27.44 22.81 42.11
C GLY I 221 26.81 23.47 40.89
N ILE I 222 25.53 23.19 40.66
CA ILE I 222 24.84 23.75 39.50
C ILE I 222 24.88 25.28 39.54
N ILE I 223 24.58 25.86 40.70
CA ILE I 223 24.58 27.32 40.80
C ILE I 223 25.96 27.87 40.48
N GLN I 224 27.00 27.18 40.94
CA GLN I 224 28.35 27.70 40.77
C GLN I 224 28.94 27.40 39.39
N GLY I 225 28.29 26.57 38.58
CA GLY I 225 28.73 26.36 37.21
C GLY I 225 29.13 24.94 36.88
N GLU I 226 29.12 24.01 37.83
CA GLU I 226 29.53 22.65 37.53
C GLU I 226 28.47 21.93 36.70
N LYS I 227 28.90 20.87 36.02
CA LYS I 227 28.02 20.02 35.24
C LYS I 227 27.49 18.92 36.15
N VAL I 228 26.21 18.99 36.50
CA VAL I 228 25.55 18.01 37.34
C VAL I 228 24.30 17.54 36.61
N GLY I 229 23.94 16.28 36.82
CA GLY I 229 22.78 15.64 36.22
C GLY I 229 22.65 15.95 34.74
N THR I 230 21.39 15.98 34.28
CA THR I 230 21.04 16.08 32.87
C THR I 230 20.57 17.49 32.52
N LEU I 231 20.89 17.95 31.31
CA LEU I 231 20.53 19.28 30.85
C LEU I 231 19.58 19.16 29.67
N ILE I 232 18.37 19.69 29.81
CA ILE I 232 17.40 19.72 28.74
C ILE I 232 17.34 21.14 28.20
N HIS I 233 17.60 21.30 26.92
CA HIS I 233 17.66 22.65 26.36
C HIS I 233 17.54 22.61 24.85
PB ADP J . 17.92 2.97 -6.46
O1B ADP J . 16.72 3.20 -7.38
O2B ADP J . 19.31 3.03 -7.12
O3B ADP J . 17.84 3.59 -5.08
PA ADP J . 17.96 0.41 -7.36
O1A ADP J . 16.80 -0.56 -7.36
O2A ADP J . 18.39 1.04 -8.67
O3A ADP J . 17.73 1.44 -6.15
O5' ADP J . 19.26 -0.15 -6.58
C5' ADP J . 19.20 -0.37 -5.18
C4' ADP J . 19.22 -1.89 -5.09
O4' ADP J . 20.53 -2.39 -5.35
C3' ADP J . 18.89 -2.50 -3.75
O3' ADP J . 17.49 -2.57 -3.54
C2' ADP J . 19.48 -3.89 -3.90
O2' ADP J . 18.47 -4.81 -4.28
C1' ADP J . 20.45 -3.78 -5.07
N9 ADP J . 21.78 -4.32 -4.73
C8 ADP J . 22.49 -5.12 -5.54
N7 ADP J . 23.67 -5.47 -5.01
C5 ADP J . 23.72 -4.89 -3.79
C6 ADP J . 24.73 -4.88 -2.71
N6 ADP J . 25.88 -5.59 -2.88
N1 ADP J . 24.41 -4.15 -1.60
C2 ADP J . 23.25 -3.47 -1.50
N3 ADP J . 22.29 -3.45 -2.44
C4 ADP J . 22.47 -4.13 -3.59
N1 UDP K . 19.45 8.11 -17.14
C2 UDP K . 20.43 8.22 -18.10
N3 UDP K . 21.51 9.00 -17.74
C4 UDP K . 21.69 9.67 -16.56
C5 UDP K . 20.63 9.51 -15.61
C6 UDP K . 19.56 8.75 -15.92
O2 UDP K . 20.36 7.67 -19.19
O4 UDP K . 22.72 10.35 -16.40
C1' UDP K . 18.28 7.29 -17.49
C2' UDP K . 18.45 5.79 -17.24
O2' UDP K . 17.54 5.05 -18.05
C3' UDP K . 18.10 5.70 -15.76
C4' UDP K . 16.94 6.70 -15.66
O4' UDP K . 17.19 7.69 -16.67
O3' UDP K . 17.75 4.39 -15.29
C5' UDP K . 16.82 7.36 -14.32
O5' UDP K . 16.46 6.33 -13.41
PA UDP K . 17.43 5.84 -12.28
O1A UDP K . 17.79 4.45 -12.58
O2A UDP K . 18.61 6.83 -12.11
O3A UDP K . 16.54 5.96 -10.90
PB UDP K . 16.35 5.15 -9.54
O1B UDP K . 14.87 5.37 -9.19
O2B UDP K . 16.61 3.64 -9.98
O3B UDP K . 17.28 5.66 -8.42
S SO4 L . 13.14 31.77 -2.32
O1 SO4 L . 12.35 31.94 -1.11
O2 SO4 L . 12.77 32.81 -3.28
O3 SO4 L . 14.57 31.87 -2.02
O4 SO4 L . 12.78 30.48 -2.90
S SO4 M . 21.53 -1.19 -27.58
O1 SO4 M . 20.31 -0.43 -27.80
O2 SO4 M . 21.28 -2.19 -26.55
O3 SO4 M . 21.87 -1.85 -28.85
O4 SO4 M . 22.63 -0.31 -27.18
S SO4 N . 24.58 -4.89 10.86
O1 SO4 N . 23.65 -4.00 11.55
O2 SO4 N . 23.84 -5.92 10.13
O3 SO4 N . 25.40 -4.13 9.91
O4 SO4 N . 25.47 -5.52 11.84
MG MG O . 19.54 3.55 -9.58
PB ADP P . 46.20 11.07 -24.94
O1B ADP P . 46.36 12.57 -24.84
O2B ADP P . 45.27 10.45 -23.89
O3B ADP P . 46.04 10.47 -26.33
PA ADP P . 48.04 11.05 -22.95
O1A ADP P . 49.45 11.65 -22.93
O2A ADP P . 46.95 11.81 -22.23
O3A ADP P . 47.66 10.62 -24.46
O5' ADP P . 48.00 9.55 -22.35
C5' ADP P . 48.85 8.54 -22.88
C4' ADP P . 50.03 8.52 -21.92
O4' ADP P . 49.72 7.77 -20.76
C3' ADP P . 51.25 7.85 -22.54
O3' ADP P . 52.04 8.78 -23.28
C2' ADP P . 51.96 7.29 -21.32
O2' ADP P . 53.15 8.04 -21.08
C1' ADP P . 50.96 7.39 -20.16
N9 ADP P . 50.81 6.11 -19.44
C8 ADP P . 50.72 6.00 -18.09
N7 ADP P . 50.62 4.71 -17.68
C5 ADP P . 50.63 3.96 -18.80
C6 ADP P . 50.56 2.52 -19.08
N6 ADP P . 50.44 1.63 -18.07
N1 ADP P . 50.62 2.13 -20.38
C2 ADP P . 50.74 3.01 -21.38
N3 ADP P . 50.82 4.34 -21.20
C4 ADP P . 50.77 4.88 -19.95
N1 UDP Q . 37.11 17.85 -21.03
C2 UDP Q . 36.04 17.85 -20.16
N3 UDP Q . 35.06 16.95 -20.46
C4 UDP Q . 35.05 16.03 -21.49
C5 UDP Q . 36.20 16.09 -22.34
C6 UDP Q . 37.16 16.99 -22.11
O2 UDP Q . 35.96 18.60 -19.21
O4 UDP Q . 34.09 15.25 -21.60
C1' UDP Q . 38.17 18.84 -20.78
C2' UDP Q . 39.20 18.40 -19.74
O2' UDP Q . 39.82 19.54 -19.19
C3' UDP Q . 40.17 17.60 -20.62
C4' UDP Q . 40.19 18.43 -21.91
O4' UDP Q . 38.87 19.05 -21.98
O3' UDP Q . 41.46 17.52 -20.04
C5' UDP Q . 40.42 17.66 -23.18
O5' UDP Q . 41.83 17.48 -23.36
PA UDP Q . 42.48 16.08 -22.93
O1A UDP Q . 43.71 16.35 -22.13
O2A UDP Q . 41.44 15.21 -22.32
O3A UDP Q . 42.86 15.51 -24.36
PB UDP Q . 44.19 14.87 -24.94
O1B UDP Q . 45.11 14.69 -23.77
O2B UDP Q . 43.75 13.56 -25.55
O3B UDP Q . 44.73 15.84 -25.96
S SO4 R . 38.53 22.30 -7.46
O1 SO4 R . 37.98 23.15 -6.41
O2 SO4 R . 37.49 22.03 -8.45
O3 SO4 R . 39.68 22.95 -8.07
O4 SO4 R . 38.98 21.02 -6.90
S SO4 S . 49.75 -10.91 -22.27
O1 SO4 S . 50.55 -9.86 -22.86
O2 SO4 S . 48.55 -11.11 -23.07
O3 SO4 S . 50.54 -12.15 -22.24
O4 SO4 S . 49.37 -10.53 -20.91
S SO4 T . 28.96 15.65 -48.26
O1 SO4 T . 27.85 16.30 -48.95
O2 SO4 T . 28.70 14.21 -48.19
O3 SO4 T . 30.21 15.94 -48.96
O4 SO4 T . 29.08 16.21 -46.91
S SO4 U . 52.33 -3.84 -32.81
O1 SO4 U . 52.26 -2.67 -33.68
O2 SO4 U . 51.44 -4.88 -33.31
O3 SO4 U . 53.69 -4.38 -32.73
O4 SO4 U . 51.89 -3.44 -31.47
S SO4 V . 45.43 -8.63 -11.35
O1 SO4 V . 44.03 -8.22 -11.43
O2 SO4 V . 45.58 -9.57 -10.25
O3 SO4 V . 45.83 -9.29 -12.60
O4 SO4 V . 46.27 -7.47 -11.12
S SO4 W . 56.23 -6.26 -27.70
O1 SO4 W . 55.78 -4.89 -27.50
O2 SO4 W . 55.10 -7.09 -28.08
O3 SO4 W . 57.25 -6.29 -28.75
O4 SO4 W . 56.78 -6.77 -26.43
PB ADP X . -8.73 10.76 -24.66
O1B ADP X . -7.67 10.38 -23.63
O2B ADP X . -8.86 12.25 -24.95
O3B ADP X . -8.87 9.85 -25.86
PA ADP X . -10.15 11.15 -22.40
O1A ADP X . -9.95 10.11 -21.31
O2A ADP X . -9.34 12.46 -22.36
O3A ADP X . -10.03 10.44 -23.83
O5' ADP X . -11.71 11.47 -22.60
C5' ADP X . -12.50 10.59 -23.41
C4' ADP X . -13.62 10.22 -22.47
O4' ADP X . -14.53 11.31 -22.38
C3' ADP X . -14.46 9.03 -22.88
O3' ADP X . -13.84 7.80 -22.50
C2' ADP X . -15.74 9.30 -22.11
O2' ADP X . -15.67 8.64 -20.85
C1' ADP X . -15.71 10.79 -21.81
N9 ADP X . -16.91 11.51 -22.33
C8 ADP X . -17.47 12.54 -21.69
N7 ADP X . -18.55 13.02 -22.36
C5 ADP X . -18.69 12.27 -23.46
C6 ADP X . -19.65 12.26 -24.58
N6 ADP X . -20.65 13.17 -24.63
N1 ADP X . -19.45 11.33 -25.55
C2 ADP X . -18.43 10.44 -25.49
N3 ADP X . -17.53 10.39 -24.48
C4 ADP X . -17.61 11.26 -23.45
N1 UDP Y . -0.95 19.39 -21.99
C2 UDP Y . -1.01 20.77 -21.93
N3 UDP Y . -1.16 21.38 -23.15
C4 UDP Y . -1.21 20.77 -24.38
C5 UDP Y . -1.13 19.34 -24.35
C6 UDP Y . -1.00 18.71 -23.18
O2 UDP Y . -0.97 21.41 -20.89
O4 UDP Y . -1.33 21.47 -25.39
C1' UDP Y . -0.80 18.68 -20.70
C2' UDP Y . -2.11 18.55 -19.92
O2' UDP Y . -1.81 18.40 -18.55
C3' UDP Y . -2.67 17.27 -20.52
C4' UDP Y . -1.41 16.42 -20.64
O4' UDP Y . -0.36 17.36 -20.98
O3' UDP Y . -3.64 16.66 -19.68
C5' UDP Y . -1.46 15.34 -21.69
O5' UDP Y . -2.50 14.40 -21.34
PA UDP Y . -3.79 14.33 -22.26
O1A UDP Y . -5.00 14.54 -21.42
O2A UDP Y . -3.62 15.21 -23.43
O3A UDP Y . -3.72 12.80 -22.71
PB UDP Y . -4.80 11.66 -22.97
O1B UDP Y . -4.08 10.35 -22.80
O2B UDP Y . -5.89 11.86 -21.95
O3B UDP Y . -5.27 11.90 -24.39
S SO4 Z . 13.63 7.29 -43.16
O1 SO4 Z . 13.15 8.05 -42.01
O2 SO4 Z . 13.23 5.89 -42.99
O3 SO4 Z . 13.08 7.83 -44.39
O4 SO4 Z . 15.09 7.36 -43.19
S SO4 AA . -25.35 3.06 -32.70
O1 SO4 AA . -26.50 3.95 -32.61
O2 SO4 AA . -25.78 1.66 -32.74
O3 SO4 AA . -24.59 3.37 -33.90
O4 SO4 AA . -24.51 3.26 -31.53
S SO4 BA . -4.35 26.66 -10.01
O1 SO4 BA . -5.52 27.28 -9.39
O2 SO4 BA . -4.32 25.24 -9.66
O3 SO4 BA . -4.47 26.81 -11.46
O4 SO4 BA . -3.14 27.29 -9.50
S SO4 CA . -28.08 12.10 -35.29
O1 SO4 CA . -28.00 13.18 -34.31
O2 SO4 CA . -29.42 12.05 -35.86
O3 SO4 CA . -27.11 12.38 -36.35
O4 SO4 CA . -27.79 10.81 -34.66
MG MG DA . -7.37 10.24 -21.70
PB ADP EA . -0.41 -3.61 7.31
O1B ADP EA . -0.88 -4.15 8.66
O2B ADP EA . -0.30 -2.08 7.29
O3B ADP EA . -1.07 -4.25 6.09
PA ADP EA . 2.08 -4.18 8.40
O1A ADP EA . 1.42 -5.18 9.34
O2A ADP EA . 3.49 -4.43 7.87
O3A ADP EA . 1.13 -4.06 7.12
O5' ADP EA . 1.93 -2.67 9.00
C5' ADP EA . 2.98 -1.91 9.64
C4' ADP EA . 2.78 -0.40 9.43
O4' ADP EA . 2.28 0.25 10.61
C3' ADP EA . 4.11 0.29 9.17
O3' ADP EA . 4.47 0.28 7.79
C2' ADP EA . 3.94 1.69 9.73
O2' ADP EA . 3.66 2.63 8.70
C1' ADP EA . 2.71 1.63 10.59
N9 ADP EA . 3.00 2.18 11.95
C8 ADP EA . 2.16 3.02 12.58
N7 ADP EA . 2.65 3.37 13.80
C5 ADP EA . 3.83 2.74 13.96
C6 ADP EA . 4.84 2.69 15.03
N6 ADP EA . 4.66 3.39 16.16
N1 ADP EA . 5.92 1.91 14.82
C2 ADP EA . 6.09 1.21 13.69
N3 ADP EA . 5.21 1.23 12.67
C4 ADP EA . 4.07 1.96 12.74
N1 UDP FA . -8.79 -10.50 7.86
C2 UDP FA . -10.03 -10.88 8.37
N3 UDP FA . -9.99 -11.77 9.40
C4 UDP FA . -8.87 -12.32 9.97
C5 UDP FA . -7.63 -11.88 9.41
C6 UDP FA . -7.64 -11.02 8.39
O2 UDP FA . -11.11 -10.47 7.94
O4 UDP FA . -9.01 -13.10 10.92
C1' UDP FA . -8.74 -9.54 6.73
C2' UDP FA . -9.55 -8.26 6.89
O2' UDP FA . -9.75 -7.68 5.62
C3' UDP FA . -8.61 -7.44 7.77
C4' UDP FA . -7.26 -7.75 7.10
O4' UDP FA . -7.40 -9.10 6.59
O3' UDP FA . -8.92 -6.05 7.73
C5' UDP FA . -6.05 -7.65 8.00
O5' UDP FA . -4.88 -7.29 7.22
PA UDP FA . -4.56 -8.10 5.87
O1A UDP FA . -4.72 -9.56 6.11
O2A UDP FA . -5.29 -7.47 4.74
O3A UDP FA . -3.01 -7.82 5.64
PB UDP FA . -1.72 -7.53 6.54
O1B UDP FA . -2.14 -6.52 7.56
O2B UDP FA . -0.71 -7.00 5.56
O3B UDP FA . -1.29 -8.83 7.16
S SO4 GA . -19.96 -1.26 9.05
O1 SO4 GA . -21.31 -0.70 9.06
O2 SO4 GA . -19.77 -1.96 7.80
O3 SO4 GA . -18.96 -0.20 9.14
O4 SO4 GA . -19.78 -2.17 10.18
S SO4 HA . 18.35 2.60 16.53
O1 SO4 HA . 17.15 2.99 17.25
O2 SO4 HA . 18.05 1.45 15.68
O3 SO4 HA . 18.80 3.72 15.70
O4 SO4 HA . 19.40 2.22 17.48
PB ADP IA . -6.21 33.20 16.29
O1B ADP IA . -6.56 34.45 17.09
O2B ADP IA . -5.26 32.21 16.98
O3B ADP IA . -7.32 32.52 15.50
PA ADP IA . -3.83 33.74 14.98
O1A ADP IA . -3.43 34.75 13.91
O2A ADP IA . -3.12 33.79 16.32
O3A ADP IA . -5.42 33.90 15.11
O5' ADP IA . -3.77 32.20 14.47
C5' ADP IA . -4.26 31.76 13.18
C4' ADP IA . -3.13 31.89 12.16
O4' ADP IA . -2.12 30.90 12.36
C3' ADP IA . -3.52 31.67 10.72
O3' ADP IA . -4.07 32.84 10.14
C2' ADP IA . -2.21 31.33 10.05
O2' ADP IA . -1.67 32.49 9.40
C1' ADP IA . -1.28 30.95 11.20
N9 ADP IA . -0.60 29.65 10.97
C8 ADP IA . 0.70 29.42 11.23
N7 ADP IA . 1.04 28.13 10.90
C5 ADP IA . -0.08 27.55 10.41
C6 ADP IA . -0.41 26.21 9.91
N6 ADP IA . 0.52 25.24 9.83
N1 ADP IA . -1.69 26.00 9.51
C2 ADP IA . -2.64 26.97 9.56
N3 ADP IA . -2.39 28.21 10.03
C4 ADP IA . -1.15 28.55 10.46
N1 U5P JA . -3.18 35.59 27.24
C2 U5P JA . -2.37 35.11 28.25
N3 U5P JA . -2.73 33.92 28.82
C4 U5P JA . -3.83 33.13 28.50
C5 U5P JA . -4.64 33.70 27.44
C6 U5P JA . -4.29 34.87 26.89
O2 U5P JA . -1.38 35.70 28.61
O4 U5P JA . -4.05 32.10 29.10
C1' U5P JA . -2.84 36.88 26.58
C2' U5P JA . -1.81 36.75 25.48
O2' U5P JA . -1.16 38.00 25.33
C3' U5P JA . -2.72 36.46 24.28
C4' U5P JA . -3.95 37.32 24.56
O3' U5P JA . -2.13 36.75 23.02
O4' U5P JA . -4.00 37.43 26.01
C5' U5P JA . -5.24 36.73 24.08
O5' U5P JA . -5.36 36.79 22.67
P U5P JA . -5.08 35.52 21.78
O1P U5P JA . -6.12 35.69 20.65
O2P U5P JA . -3.60 35.59 21.42
O3P U5P JA . -5.33 34.33 22.68
S SO4 KA . -13.93 21.57 4.54
O1 SO4 KA . -13.29 22.78 5.05
O2 SO4 KA . -15.37 21.67 4.73
O3 SO4 KA . -13.62 21.41 3.12
O4 SO4 KA . -13.39 20.41 5.25
S SO4 LA . -31.80 31.16 31.56
O1 SO4 LA . -32.92 31.18 30.62
O2 SO4 LA . -31.06 29.92 31.36
O3 SO4 LA . -30.97 32.36 31.35
O4 SO4 LA . -32.33 31.14 32.93
MG MG MA . -7.28 35.39 18.72
PB ADP NA . -12.80 -11.88 -20.92
O1B ADP NA . -11.74 -11.86 -19.82
O2B ADP NA . -13.76 -13.05 -20.86
O3B ADP NA . -13.46 -10.56 -21.26
PA ADP NA . -10.92 -13.36 -22.36
O1A ADP NA . -9.60 -12.92 -21.78
O2A ADP NA . -11.61 -14.64 -21.88
O3A ADP NA . -11.94 -12.12 -22.24
O5' ADP NA . -10.83 -13.37 -23.98
C5' ADP NA . -11.35 -12.26 -24.73
C4' ADP NA . -10.22 -11.88 -25.65
O4' ADP NA . -10.08 -12.89 -26.64
C3' ADP NA . -10.42 -10.59 -26.42
O3' ADP NA . -9.88 -9.48 -25.71
C2' ADP NA . -9.67 -10.83 -27.71
O2' ADP NA . -8.44 -10.12 -27.72
C1' ADP NA . -9.34 -12.31 -27.71
N9 ADP NA . -9.66 -12.97 -29.00
C8 ADP NA . -8.89 -13.92 -29.55
N7 ADP NA . -9.39 -14.34 -30.72
C5 ADP NA . -10.51 -13.65 -30.96
C6 ADP NA . -11.51 -13.62 -32.04
N6 ADP NA . -11.40 -14.44 -33.11
N1 ADP NA . -12.54 -12.75 -31.90
C2 ADP NA . -12.65 -11.95 -30.83
N3 ADP NA . -11.77 -11.93 -29.82
C4 ADP NA . -10.69 -12.73 -29.83
N1 U5P OA . -10.88 -19.70 -13.25
C2 U5P OA . -10.39 -20.99 -13.12
N3 U5P OA . -11.31 -21.94 -12.82
C4 U5P OA . -12.68 -21.78 -12.64
C5 U5P OA . -13.11 -20.41 -12.81
C6 U5P OA . -12.21 -19.45 -13.11
O2 U5P OA . -9.22 -21.28 -13.25
O4 U5P OA . -13.39 -22.75 -12.36
C1' U5P OA . -9.94 -18.62 -13.62
C2' U5P OA . -9.42 -18.82 -15.07
O2' U5P OA . -8.04 -18.49 -15.11
C3' U5P OA . -10.27 -17.80 -15.83
C4' U5P OA . -10.38 -16.67 -14.83
O3' U5P OA . -9.72 -17.38 -17.06
O4' U5P OA . -10.60 -17.38 -13.58
C5' U5P OA . -11.45 -15.66 -15.10
O5' U5P OA . -11.32 -15.15 -16.43
P U5P OA . -11.76 -13.66 -16.81
O1P U5P OA . -13.12 -13.86 -17.48
O2P U5P OA . -11.69 -12.75 -15.61
O3P U5P OA . -10.67 -13.33 -17.81
S SO4 PA . 1.10 -28.24 -14.95
O1 SO4 PA . 1.53 -27.92 -13.59
O2 SO4 PA . -0.35 -28.36 -14.99
O3 SO4 PA . 1.52 -27.17 -15.84
O4 SO4 PA . 1.72 -29.50 -15.34
S SO4 QA . -21.24 -13.69 -41.57
O1 SO4 QA . -22.32 -13.60 -40.58
O2 SO4 QA . -20.54 -14.96 -41.42
O3 SO4 QA . -21.83 -13.61 -42.89
O4 SO4 QA . -20.29 -12.58 -41.40
PB ADP RA . -19.07 -46.59 -21.72
O1B ADP RA . -20.06 -47.00 -20.64
O2B ADP RA . -18.63 -45.13 -21.75
O3B ADP RA . -17.97 -47.56 -22.08
PA ADP RA . -21.38 -45.96 -22.98
O1A ADP RA . -22.27 -46.77 -22.04
O2A ADP RA . -21.11 -44.49 -22.72
O3A ADP RA . -19.98 -46.69 -23.01
O5' ADP RA . -21.63 -46.22 -24.54
C5' ADP RA . -20.47 -46.44 -25.38
C4' ADP RA . -21.01 -46.93 -26.72
O4' ADP RA . -21.01 -45.90 -27.70
C3' ADP RA . -20.29 -48.10 -27.39
O3' ADP RA . -20.82 -49.35 -26.94
C2' ADP RA . -20.63 -47.90 -28.86
O2' ADP RA . -21.65 -48.82 -29.24
C1' ADP RA . -21.22 -46.51 -28.97
N9 ADP RA . -20.63 -45.66 -30.04
C8 ADP RA . -21.28 -44.61 -30.58
N7 ADP RA . -20.52 -44.01 -31.54
C5 ADP RA . -19.36 -44.68 -31.61
C6 ADP RA . -18.13 -44.56 -32.42
N6 ADP RA . -18.02 -43.56 -33.34
N1 ADP RA . -17.14 -45.46 -32.19
C2 ADP RA . -17.25 -46.44 -31.27
N3 ADP RA . -18.35 -46.62 -30.52
C4 ADP RA . -19.42 -45.79 -30.62
N1 U5P SA . -22.71 -37.89 -14.60
C2 U5P SA . -22.81 -36.52 -14.60
N3 U5P SA . -21.63 -35.83 -14.53
C4 U5P SA . -20.35 -36.35 -14.46
C5 U5P SA . -20.33 -37.81 -14.46
C6 U5P SA . -21.49 -38.51 -14.52
O2 U5P SA . -23.86 -35.93 -14.66
O4 U5P SA . -19.40 -35.59 -14.39
C1' U5P SA . -23.96 -38.70 -14.64
C2' U5P SA . -24.59 -38.75 -16.04
O2' U5P SA . -26.00 -38.77 -15.90
C3' U5P SA . -24.08 -40.09 -16.55
C4' U5P SA . -24.10 -40.93 -15.29
O3' U5P SA . -24.85 -40.64 -17.60
O4' U5P SA . -23.65 -40.02 -14.26
C5' U5P SA . -23.24 -42.19 -15.29
O5' U5P SA . -22.02 -41.97 -15.98
P U5P SA . -21.77 -42.59 -17.42
O1P U5P SA . -23.00 -42.23 -18.26
O2P U5P SA . -21.50 -44.08 -17.32
O3P U5P SA . -20.55 -41.74 -17.78
S SO4 TA . -5.84 -54.23 -31.75
O1 SO4 TA . -5.70 -52.93 -32.38
O2 SO4 TA . -7.03 -54.22 -30.89
O3 SO4 TA . -5.96 -55.25 -32.79
O4 SO4 TA . -4.65 -54.49 -30.94
S SO4 UA . -34.20 -30.69 -19.28
O1 SO4 UA . -35.18 -29.62 -19.41
O2 SO4 UA . -34.68 -31.86 -20.00
O3 SO4 UA . -32.91 -30.24 -19.82
O4 SO4 UA . -34.07 -31.03 -17.86
MG MG VA . -20.22 -45.61 -18.80
PB ADP WA . -20.08 -14.45 33.88
O1B ADP WA . -20.23 -15.93 33.53
O2B ADP WA . -18.96 -13.72 33.17
O3B ADP WA . -21.36 -13.63 34.01
PA ADP WA . -18.13 -15.20 35.65
O1A ADP WA . -18.28 -16.19 36.78
O2A ADP WA . -17.44 -15.61 34.36
O3A ADP WA . -19.56 -14.52 35.38
O5' ADP WA . -17.40 -13.84 36.16
C5' ADP WA . -18.11 -12.71 36.66
C4' ADP WA . -17.46 -12.43 38.01
O4' ADP WA . -16.26 -11.67 37.86
C3' ADP WA . -18.23 -11.68 39.06
O3' ADP WA . -19.23 -12.48 39.72
C2' ADP WA . -17.11 -11.24 40.00
O2' ADP WA . -17.01 -12.12 41.12
C1' ADP WA . -15.83 -11.32 39.17
N9 ADP WA . -15.05 -10.06 39.16
C8 ADP WA . -13.71 -10.00 39.18
N7 ADP WA . -13.25 -8.71 39.19
C5 ADP WA . -14.34 -7.92 39.17
C6 ADP WA . -14.59 -6.46 39.17
N6 ADP WA . -13.54 -5.58 39.18
N1 ADP WA . -15.87 -6.03 39.13
C2 ADP WA . -16.91 -6.89 39.12
N3 ADP WA . -16.76 -8.23 39.13
C4 ADP WA . -15.52 -8.81 39.16
N1 U5P XA . -14.84 -20.54 25.32
C2 U5P XA . -13.85 -20.49 24.38
N3 U5P XA . -13.99 -19.53 23.41
C4 U5P XA . -15.02 -18.62 23.26
C5 U5P XA . -16.04 -18.75 24.28
C6 U5P XA . -15.91 -19.68 25.25
O2 U5P XA . -12.91 -21.23 24.43
O4 U5P XA . -15.02 -17.85 22.33
C1' U5P XA . -14.71 -21.56 26.36
C2' U5P XA . -13.88 -21.11 27.56
O2' U5P XA . -13.35 -22.26 28.19
C3' U5P XA . -14.96 -20.49 28.44
C4' U5P XA . -16.17 -21.39 28.19
O3' U5P XA . -14.60 -20.40 29.81
O4' U5P XA . -16.00 -21.89 26.84
C5' U5P XA . -17.51 -20.69 28.28
O5' U5P XA . -17.78 -20.25 29.59
P U5P XA . -17.77 -18.71 29.96
O1P U5P XA . -17.74 -17.94 28.66
O2P U5P XA . -18.97 -18.55 30.91
O3P U5P XA . -16.42 -18.65 30.66
MG MG YA . -20.54 -17.84 32.31
N1 UDP ZA . -1.53 20.05 41.16
C2 UDP ZA . -2.39 20.49 40.19
N3 UDP ZA . -2.01 21.64 39.54
C4 UDP ZA . -0.87 22.37 39.78
C5 UDP ZA . -0.02 21.85 40.81
C6 UDP ZA . -0.38 20.73 41.46
O2 UDP ZA . -3.42 19.91 39.91
O4 UDP ZA . -0.66 23.40 39.10
C1' UDP ZA . -1.92 18.84 41.90
C2' UDP ZA . -1.65 17.53 41.13
O2' UDP ZA . -2.86 17.03 40.56
C3' UDP ZA . -1.18 16.60 42.25
C4' UDP ZA . -0.42 17.55 43.16
O4' UDP ZA . -1.15 18.79 43.09
O3' UDP ZA . -2.27 15.98 42.92
C5' UDP ZA . 1.01 17.82 42.75
O5' UDP ZA . 1.91 16.93 43.42
PA UDP ZA . 3.14 16.31 42.68
O1A UDP ZA . 3.58 17.31 41.68
O2A UDP ZA . 2.83 14.91 42.17
O3A UDP ZA . 4.24 16.15 43.78
PB UDP ZA . 5.73 15.70 43.47
O1B UDP ZA . 6.23 15.23 44.84
O2B UDP ZA . 5.55 14.47 42.55
O3B UDP ZA . 6.54 16.81 42.85
S SO4 AB . 24.60 12.25 25.95
O1 SO4 AB . 24.92 13.66 26.13
O2 SO4 AB . 23.20 12.11 25.55
O3 SO4 AB . 25.44 11.70 24.88
O4 SO4 AB . 24.85 11.51 27.18
MG MG BB . 8.80 13.59 42.02
#